data_3LZS
# 
_entry.id   3LZS 
# 
_audit_conform.dict_name       mmcif_pdbx.dic 
_audit_conform.dict_version    5.379 
_audit_conform.dict_location   http://mmcif.pdb.org/dictionaries/ascii/mmcif_pdbx.dic 
# 
loop_
_database_2.database_id 
_database_2.database_code 
_database_2.pdbx_database_accession 
_database_2.pdbx_DOI 
PDB   3LZS         pdb_00003lzs 10.2210/pdb3lzs/pdb 
RCSB  RCSB057928   ?            ?                   
WWPDB D_1000057928 ?            ?                   
# 
loop_
_pdbx_database_related.db_name 
_pdbx_database_related.db_id 
_pdbx_database_related.details 
_pdbx_database_related.content_type 
PDB 3LZU 
'Crystal Structure of a Nelfinavir Resistant HIV-1 CRF01_AE Protease variant (N88S) in Complex with the Protease Inhibitor Darunavir' 
unspecified 
PDB 3LZV 'Structure of Nelfinavir-resistant HIV-1 protease (D30N/N88D) in complex with Darunavir' unspecified 
# 
_pdbx_database_status.entry_id                        3LZS 
_pdbx_database_status.status_code                     REL 
_pdbx_database_status.deposit_site                    RCSB 
_pdbx_database_status.process_site                    RCSB 
_pdbx_database_status.recvd_initial_deposition_date   2010-03-01 
_pdbx_database_status.status_code_sf                  REL 
_pdbx_database_status.status_code_mr                  ? 
_pdbx_database_status.SG_entry                        ? 
_pdbx_database_status.pdb_format_compatible           Y 
_pdbx_database_status.status_code_cs                  ? 
_pdbx_database_status.methods_development_category    ? 
_pdbx_database_status.status_code_nmr_data            ? 
# 
loop_
_audit_author.name 
_audit_author.pdbx_ordinal 
'Schiffer, C.A.'      1 
'Bandaranayake, R.M.' 2 
# 
_citation.id                        primary 
_citation.title                     
'The Effect of Clade-Specific Sequence Polymorphisms on HIV-1 Protease Activity and Inhibitor Resistance Pathways.' 
_citation.journal_abbrev            J.Virol. 
_citation.journal_volume            84 
_citation.page_first                9995 
_citation.page_last                 10003 
_citation.year                      2010 
_citation.journal_id_ASTM           JOVIAM 
_citation.country                   US 
_citation.journal_id_ISSN           0022-538X 
_citation.journal_id_CSD            0825 
_citation.book_publisher            ? 
_citation.pdbx_database_id_PubMed   20660190 
_citation.pdbx_database_id_DOI      10.1128/JVI.00505-10 
# 
loop_
_citation_author.citation_id 
_citation_author.name 
_citation_author.ordinal 
_citation_author.identifier_ORCID 
primary 'Bandaranayake, R.M.' 1 ? 
primary 'Kolli, M.'           2 ? 
primary 'King, N.M.'          3 ? 
primary 'Nalivaika, E.A.'     4 ? 
primary 'Heroux, A.'          5 ? 
primary 'Kakizawa, J.'        6 ? 
primary 'Sugiura, W.'         7 ? 
primary 'Schiffer, C.A.'      8 ? 
# 
_cell.length_a           62.164 
_cell.length_b           62.164 
_cell.length_c           82.705 
_cell.angle_alpha        90.000 
_cell.angle_beta         90.000 
_cell.angle_gamma        120.000 
_cell.entry_id           3LZS 
_cell.pdbx_unique_axis   ? 
_cell.Z_PDB              12 
_cell.length_a_esd       ? 
_cell.length_b_esd       ? 
_cell.length_c_esd       ? 
_cell.angle_alpha_esd    ? 
_cell.angle_beta_esd     ? 
_cell.angle_gamma_esd    ? 
# 
_symmetry.space_group_name_H-M             'P 61' 
_symmetry.entry_id                         3LZS 
_symmetry.Int_Tables_number                169 
_symmetry.pdbx_full_space_group_name_H-M   ? 
_symmetry.cell_setting                     ? 
_symmetry.space_group_name_Hall            ? 
# 
loop_
_entity.id 
_entity.type 
_entity.src_method 
_entity.pdbx_description 
_entity.formula_weight 
_entity.pdbx_number_of_molecules 
_entity.pdbx_ec 
_entity.pdbx_mutation 
_entity.pdbx_fragment 
_entity.details 
1 polymer     man 'HIV-1 protease' 10766.799 2  3.4.23.16 Q7K ? ? 
2 non-polymer syn 
'(3R,3AS,6AR)-HEXAHYDROFURO[2,3-B]FURAN-3-YL(1S,2R)-3-[[(4-AMINOPHENYL)SULFONYL](ISOBUTYL)AMINO]-1-BENZYL-2-HYDROXYPROPYLCARBAMATE' 
547.664   1  ?         ?   ? ? 
3 non-polymer syn 'ACETATE ION' 59.044    3  ?         ?   ? ? 
4 water       nat water 18.015    69 ?         ?   ? ? 
# 
_entity_poly.entity_id                      1 
_entity_poly.type                           'polypeptide(L)' 
_entity_poly.nstd_linkage                   no 
_entity_poly.nstd_monomer                   no 
_entity_poly.pdbx_seq_one_letter_code       
;PQITLWKRPLVTVKIGGQLKEALLDTGADDTVLEDINLPGKWKPKMIGGIGGFIKVRQYDQILIEICGKKAIGTVLVGPT
PVNIIGRNMLTQIGCTLNF
;
_entity_poly.pdbx_seq_one_letter_code_can   
;PQITLWKRPLVTVKIGGQLKEALLDTGADDTVLEDINLPGKWKPKMIGGIGGFIKVRQYDQILIEICGKKAIGTVLVGPT
PVNIIGRNMLTQIGCTLNF
;
_entity_poly.pdbx_strand_id                 A,B 
_entity_poly.pdbx_target_identifier         ? 
# 
loop_
_entity_poly_seq.entity_id 
_entity_poly_seq.num 
_entity_poly_seq.mon_id 
_entity_poly_seq.hetero 
1 1  PRO n 
1 2  GLN n 
1 3  ILE n 
1 4  THR n 
1 5  LEU n 
1 6  TRP n 
1 7  LYS n 
1 8  ARG n 
1 9  PRO n 
1 10 LEU n 
1 11 VAL n 
1 12 THR n 
1 13 VAL n 
1 14 LYS n 
1 15 ILE n 
1 16 GLY n 
1 17 GLY n 
1 18 GLN n 
1 19 LEU n 
1 20 LYS n 
1 21 GLU n 
1 22 ALA n 
1 23 LEU n 
1 24 LEU n 
1 25 ASP n 
1 26 THR n 
1 27 GLY n 
1 28 ALA n 
1 29 ASP n 
1 30 ASP n 
1 31 THR n 
1 32 VAL n 
1 33 LEU n 
1 34 GLU n 
1 35 ASP n 
1 36 ILE n 
1 37 ASN n 
1 38 LEU n 
1 39 PRO n 
1 40 GLY n 
1 41 LYS n 
1 42 TRP n 
1 43 LYS n 
1 44 PRO n 
1 45 LYS n 
1 46 MET n 
1 47 ILE n 
1 48 GLY n 
1 49 GLY n 
1 50 ILE n 
1 51 GLY n 
1 52 GLY n 
1 53 PHE n 
1 54 ILE n 
1 55 LYS n 
1 56 VAL n 
1 57 ARG n 
1 58 GLN n 
1 59 TYR n 
1 60 ASP n 
1 61 GLN n 
1 62 ILE n 
1 63 LEU n 
1 64 ILE n 
1 65 GLU n 
1 66 ILE n 
1 67 CYS n 
1 68 GLY n 
1 69 LYS n 
1 70 LYS n 
1 71 ALA n 
1 72 ILE n 
1 73 GLY n 
1 74 THR n 
1 75 VAL n 
1 76 LEU n 
1 77 VAL n 
1 78 GLY n 
1 79 PRO n 
1 80 THR n 
1 81 PRO n 
1 82 VAL n 
1 83 ASN n 
1 84 ILE n 
1 85 ILE n 
1 86 GLY n 
1 87 ARG n 
1 88 ASN n 
1 89 MET n 
1 90 LEU n 
1 91 THR n 
1 92 GLN n 
1 93 ILE n 
1 94 GLY n 
1 95 CYS n 
1 96 THR n 
1 97 LEU n 
1 98 ASN n 
1 99 PHE n 
# 
_entity_src_gen.entity_id                          1 
_entity_src_gen.pdbx_src_id                        1 
_entity_src_gen.pdbx_alt_source_flag               sample 
_entity_src_gen.pdbx_seq_type                      ? 
_entity_src_gen.pdbx_beg_seq_num                   ? 
_entity_src_gen.pdbx_end_seq_num                   ? 
_entity_src_gen.gene_src_common_name               ? 
_entity_src_gen.gene_src_genus                     ? 
_entity_src_gen.pdbx_gene_src_gene                 gag-pol 
_entity_src_gen.gene_src_species                   ? 
_entity_src_gen.gene_src_strain                    NH1 
_entity_src_gen.gene_src_tissue                    ? 
_entity_src_gen.gene_src_tissue_fraction           ? 
_entity_src_gen.gene_src_details                   ? 
_entity_src_gen.pdbx_gene_src_fragment             ? 
_entity_src_gen.pdbx_gene_src_scientific_name      'Human immunodeficiency virus 1' 
_entity_src_gen.pdbx_gene_src_ncbi_taxonomy_id     11676 
_entity_src_gen.pdbx_gene_src_variant              ? 
_entity_src_gen.pdbx_gene_src_cell_line            ? 
_entity_src_gen.pdbx_gene_src_atcc                 ? 
_entity_src_gen.pdbx_gene_src_organ                ? 
_entity_src_gen.pdbx_gene_src_organelle            ? 
_entity_src_gen.pdbx_gene_src_cell                 ? 
_entity_src_gen.pdbx_gene_src_cellular_location    ? 
_entity_src_gen.host_org_common_name               ? 
_entity_src_gen.pdbx_host_org_scientific_name      'Escherichia coli' 
_entity_src_gen.pdbx_host_org_ncbi_taxonomy_id     562 
_entity_src_gen.host_org_genus                     ? 
_entity_src_gen.pdbx_host_org_gene                 ? 
_entity_src_gen.pdbx_host_org_organ                ? 
_entity_src_gen.host_org_species                   ? 
_entity_src_gen.pdbx_host_org_tissue               ? 
_entity_src_gen.pdbx_host_org_tissue_fraction      ? 
_entity_src_gen.pdbx_host_org_strain               TAP106 
_entity_src_gen.pdbx_host_org_variant              ? 
_entity_src_gen.pdbx_host_org_cell_line            ? 
_entity_src_gen.pdbx_host_org_atcc                 ? 
_entity_src_gen.pdbx_host_org_culture_collection   ? 
_entity_src_gen.pdbx_host_org_cell                 ? 
_entity_src_gen.pdbx_host_org_organelle            ? 
_entity_src_gen.pdbx_host_org_cellular_location    ? 
_entity_src_gen.pdbx_host_org_vector_type          plasmid 
_entity_src_gen.pdbx_host_org_vector               ? 
_entity_src_gen.host_org_details                   ? 
_entity_src_gen.expression_system_id               ? 
_entity_src_gen.plasmid_name                       pXC35 
_entity_src_gen.plasmid_details                    ? 
_entity_src_gen.pdbx_description                   ? 
# 
_struct_ref.id                         1 
_struct_ref.db_name                    UNP 
_struct_ref.db_code                    Q9QB59_9HIV1 
_struct_ref.pdbx_db_accession          Q9QB59 
_struct_ref.entity_id                  1 
_struct_ref.pdbx_seq_one_letter_code   
;PQITLWQRPLVTVKIGGQLKEALLDTGADDTVLEDINLPGKWKPKMIGGIGGFIKVRQYDQILIEICGKKAIGTVLVGPT
PVNIIGRNMLTQIGCTLNF
;
_struct_ref.pdbx_align_begin           1 
_struct_ref.pdbx_db_isoform            ? 
# 
loop_
_struct_ref_seq.align_id 
_struct_ref_seq.ref_id 
_struct_ref_seq.pdbx_PDB_id_code 
_struct_ref_seq.pdbx_strand_id 
_struct_ref_seq.seq_align_beg 
_struct_ref_seq.pdbx_seq_align_beg_ins_code 
_struct_ref_seq.seq_align_end 
_struct_ref_seq.pdbx_seq_align_end_ins_code 
_struct_ref_seq.pdbx_db_accession 
_struct_ref_seq.db_align_beg 
_struct_ref_seq.pdbx_db_align_beg_ins_code 
_struct_ref_seq.db_align_end 
_struct_ref_seq.pdbx_db_align_end_ins_code 
_struct_ref_seq.pdbx_auth_seq_align_beg 
_struct_ref_seq.pdbx_auth_seq_align_end 
1 1 3LZS A 1 ? 99 ? Q9QB59 1 ? 99 ? 1 99 
2 1 3LZS B 1 ? 99 ? Q9QB59 1 ? 99 ? 1 99 
# 
loop_
_struct_ref_seq_dif.align_id 
_struct_ref_seq_dif.pdbx_pdb_id_code 
_struct_ref_seq_dif.mon_id 
_struct_ref_seq_dif.pdbx_pdb_strand_id 
_struct_ref_seq_dif.seq_num 
_struct_ref_seq_dif.pdbx_pdb_ins_code 
_struct_ref_seq_dif.pdbx_seq_db_name 
_struct_ref_seq_dif.pdbx_seq_db_accession_code 
_struct_ref_seq_dif.db_mon_id 
_struct_ref_seq_dif.pdbx_seq_db_seq_num 
_struct_ref_seq_dif.details 
_struct_ref_seq_dif.pdbx_auth_seq_num 
_struct_ref_seq_dif.pdbx_ordinal 
1 3LZS LYS A 7 ? UNP Q9QB59 GLN 7 'engineered mutation' 7 1 
2 3LZS LYS B 7 ? UNP Q9QB59 GLN 7 'engineered mutation' 7 2 
# 
loop_
_chem_comp.id 
_chem_comp.type 
_chem_comp.mon_nstd_flag 
_chem_comp.name 
_chem_comp.pdbx_synonyms 
_chem_comp.formula 
_chem_comp.formula_weight 
017 non-polymer         . 
'(3R,3AS,6AR)-HEXAHYDROFURO[2,3-B]FURAN-3-YL(1S,2R)-3-[[(4-AMINOPHENYL)SULFONYL](ISOBUTYL)AMINO]-1-BENZYL-2-HYDROXYPROPYLCARBAMATE' 
'Darunavir; TMC114; UIC-94017' 'C27 H37 N3 O7 S' 547.664 
ACT non-polymer         . 'ACETATE ION' ?                              'C2 H3 O2 -1'     59.044  
ALA 'L-peptide linking' y ALANINE ?                              'C3 H7 N O2'      89.093  
ARG 'L-peptide linking' y ARGININE ?                              'C6 H15 N4 O2 1'  175.209 
ASN 'L-peptide linking' y ASPARAGINE ?                              'C4 H8 N2 O3'     132.118 
ASP 'L-peptide linking' y 'ASPARTIC ACID' ?                              'C4 H7 N O4'      133.103 
CYS 'L-peptide linking' y CYSTEINE ?                              'C3 H7 N O2 S'    121.158 
GLN 'L-peptide linking' y GLUTAMINE ?                              'C5 H10 N2 O3'    146.144 
GLU 'L-peptide linking' y 'GLUTAMIC ACID' ?                              'C5 H9 N O4'      147.129 
GLY 'peptide linking'   y GLYCINE ?                              'C2 H5 N O2'      75.067  
HOH non-polymer         . WATER ?                              'H2 O'            18.015  
ILE 'L-peptide linking' y ISOLEUCINE ?                              'C6 H13 N O2'     131.173 
LEU 'L-peptide linking' y LEUCINE ?                              'C6 H13 N O2'     131.173 
LYS 'L-peptide linking' y LYSINE ?                              'C6 H15 N2 O2 1'  147.195 
MET 'L-peptide linking' y METHIONINE ?                              'C5 H11 N O2 S'   149.211 
PHE 'L-peptide linking' y PHENYLALANINE ?                              'C9 H11 N O2'     165.189 
PRO 'L-peptide linking' y PROLINE ?                              'C5 H9 N O2'      115.130 
THR 'L-peptide linking' y THREONINE ?                              'C4 H9 N O3'      119.119 
TRP 'L-peptide linking' y TRYPTOPHAN ?                              'C11 H12 N2 O2'   204.225 
TYR 'L-peptide linking' y TYROSINE ?                              'C9 H11 N O3'     181.189 
VAL 'L-peptide linking' y VALINE ?                              'C5 H11 N O2'     117.146 
# 
_exptl.crystals_number   1 
_exptl.entry_id          3LZS 
_exptl.method            'X-RAY DIFFRACTION' 
# 
_exptl_crystal.id                    1 
_exptl_crystal.density_Matthews      2.14 
_exptl_crystal.density_meas          ? 
_exptl_crystal.density_percent_sol   42.58 
_exptl_crystal.description           ? 
_exptl_crystal.F_000                 ? 
_exptl_crystal.preparation           ? 
# 
_exptl_crystal_grow.crystal_id      1 
_exptl_crystal_grow.method          'VAPOR DIFFUSION, HANGING DROP' 
_exptl_crystal_grow.pH              6.2 
_exptl_crystal_grow.temp            295 
_exptl_crystal_grow.pdbx_details    
'126mM Phosphate buffer pH 6.2, 63mM Sodium Citrate, 18-33% Ammonium Sulfate, VAPOR DIFFUSION, HANGING DROP, temperature 295K' 
_exptl_crystal_grow.temp_details    ? 
_exptl_crystal_grow.pdbx_pH_range   ? 
# 
_diffrn.id                     1 
_diffrn.ambient_temp           100 
_diffrn.ambient_temp_details   ? 
_diffrn.crystal_id             1 
# 
_diffrn_detector.diffrn_id              1 
_diffrn_detector.detector               CCD 
_diffrn_detector.type                   'ADSC QUANTUM 315' 
_diffrn_detector.pdbx_collection_date   2007-05-02 
_diffrn_detector.details                ? 
# 
_diffrn_radiation.diffrn_id                        1 
_diffrn_radiation.pdbx_diffrn_protocol             'SINGLE WAVELENGTH' 
_diffrn_radiation.monochromator                    ? 
_diffrn_radiation.wavelength_id                    1 
_diffrn_radiation.pdbx_monochromatic_or_laue_m_l   ? 
_diffrn_radiation.pdbx_scattering_type             x-ray 
# 
_diffrn_radiation_wavelength.id           1 
_diffrn_radiation_wavelength.wavelength   1.08 
_diffrn_radiation_wavelength.wt           1.0 
# 
_diffrn_source.diffrn_id                   1 
_diffrn_source.source                      SYNCHROTRON 
_diffrn_source.type                        'NSLS BEAMLINE X29A' 
_diffrn_source.pdbx_wavelength_list        1.08 
_diffrn_source.pdbx_wavelength             ? 
_diffrn_source.pdbx_synchrotron_site       NSLS 
_diffrn_source.pdbx_synchrotron_beamline   X29A 
# 
_reflns.entry_id                     3LZS 
_reflns.d_resolution_high            1.950 
_reflns.d_resolution_low             100.000 
_reflns.number_obs                   12493 
_reflns.pdbx_Rmerge_I_obs            0.066 
_reflns.pdbx_netI_over_sigmaI        11.200 
_reflns.pdbx_chi_squared             0.973 
_reflns.pdbx_redundancy              7.100 
_reflns.percent_possible_obs         93.900 
_reflns.observed_criterion_sigma_F   ? 
_reflns.observed_criterion_sigma_I   ? 
_reflns.number_all                   ? 
_reflns.pdbx_Rsym_value              ? 
_reflns.B_iso_Wilson_estimate        ? 
_reflns.R_free_details               ? 
_reflns.limit_h_max                  ? 
_reflns.limit_h_min                  ? 
_reflns.limit_k_max                  ? 
_reflns.limit_k_min                  ? 
_reflns.limit_l_max                  ? 
_reflns.limit_l_min                  ? 
_reflns.observed_criterion_F_max     ? 
_reflns.observed_criterion_F_min     ? 
_reflns.pdbx_scaling_rejects         ? 
_reflns.pdbx_diffrn_id               1 
_reflns.pdbx_ordinal                 1 
# 
loop_
_reflns_shell.d_res_high 
_reflns_shell.d_res_low 
_reflns_shell.number_measured_obs 
_reflns_shell.number_measured_all 
_reflns_shell.number_unique_obs 
_reflns_shell.Rmerge_I_obs 
_reflns_shell.meanI_over_sigI_obs 
_reflns_shell.pdbx_Rsym_value 
_reflns_shell.pdbx_chi_squared 
_reflns_shell.pdbx_redundancy 
_reflns_shell.percent_possible_obs 
_reflns_shell.number_unique_all 
_reflns_shell.percent_possible_all 
_reflns_shell.pdbx_diffrn_id 
_reflns_shell.pdbx_ordinal 
1.95 2.02   ? ? ? 0.363 ? ? 0.762 7.50 ? 1343 100.00 ? 1  
2.02 2.10   ? ? ? 0.256 ? ? 0.785 7.40 ? 1307 100.00 ? 2  
2.10 2.20   ? ? ? 0.198 ? ? 0.878 7.40 ? 1324 100.00 ? 3  
2.20 2.31   ? ? ? 0.243 ? ? 1.079 6.60 ? 747  56.80  ? 4  
2.31 2.46   ? ? ? 0.135 ? ? 1.057 7.40 ? 1331 100.00 ? 5  
2.46 2.65   ? ? ? 0.101 ? ? 1.062 7.30 ? 1316 100.00 ? 6  
2.65 2.91   ? ? ? 0.080 ? ? 1.080 7.30 ? 1330 99.90  ? 7  
2.91 3.33   ? ? ? 0.066 ? ? 1.074 7.10 ? 1332 99.90  ? 8  
3.33 4.20   ? ? ? 0.057 ? ? 0.991 6.40 ? 1105 83.00  ? 9  
4.20 100.00 ? ? ? 0.040 ? ? 1.033 6.80 ? 1358 98.90  ? 10 
# 
_refine.entry_id                                 3LZS 
_refine.ls_d_res_high                            1.950 
_refine.ls_d_res_low                             50.000 
_refine.pdbx_ls_sigma_F                          0.00 
_refine.pdbx_data_cutoff_high_absF               ? 
_refine.pdbx_data_cutoff_low_absF                ? 
_refine.ls_percent_reflns_obs                    93.500 
_refine.ls_number_reflns_obs                     12399 
_refine.ls_number_reflns_all                     ? 
_refine.pdbx_ls_cross_valid_method               THROUGHOUT 
_refine.pdbx_R_Free_selection_details            RANDOM 
_refine.details                                  'HYDROGENS HAVE BEEN ADDED IN THE RIDING POSITIONS; U VALUES: RESIDUAL ONLY' 
_refine.ls_R_factor_all                          ? 
_refine.ls_R_factor_obs                          0.203 
_refine.ls_R_factor_R_work                       0.200 
_refine.ls_wR_factor_R_work                      0.202 
_refine.ls_R_factor_R_free                       0.259 
_refine.ls_wR_factor_R_free                      0.254 
_refine.ls_percent_reflns_R_free                 4.900 
_refine.ls_number_reflns_R_free                  611 
_refine.ls_R_factor_R_free_error                 ? 
_refine.B_iso_mean                               19.149 
_refine.solvent_model_param_bsol                 ? 
_refine.solvent_model_param_ksol                 ? 
_refine.pdbx_isotropic_thermal_model             ? 
_refine.aniso_B[1][1]                            0.860 
_refine.aniso_B[2][2]                            0.860 
_refine.aniso_B[3][3]                            -1.290 
_refine.aniso_B[1][2]                            0.430 
_refine.aniso_B[1][3]                            0.000 
_refine.aniso_B[2][3]                            0.000 
_refine.correlation_coeff_Fo_to_Fc               0.957 
_refine.correlation_coeff_Fo_to_Fc_free          0.933 
_refine.overall_SU_R_Cruickshank_DPI             0.222 
_refine.overall_SU_R_free                        0.194 
_refine.pdbx_overall_ESU_R                       0.222 
_refine.pdbx_overall_ESU_R_Free                  0.194 
_refine.overall_SU_ML                            0.146 
_refine.overall_SU_B                             8.909 
_refine.solvent_model_details                    MASK 
_refine.pdbx_solvent_vdw_probe_radii             1.200 
_refine.pdbx_solvent_ion_probe_radii             0.800 
_refine.pdbx_solvent_shrinkage_radii             0.800 
_refine.ls_number_parameters                     ? 
_refine.ls_number_restraints                     ? 
_refine.pdbx_starting_model                      1TSU 
_refine.pdbx_method_to_determine_struct          'MOLECULAR REPLACEMENT' 
_refine.pdbx_stereochemistry_target_values       'MAXIMUM LIKELIHOOD' 
_refine.pdbx_stereochem_target_val_spec_case     ? 
_refine.overall_FOM_work_R_set                   0.781 
_refine.B_iso_max                                63.07 
_refine.B_iso_min                                5.13 
_refine.occupancy_max                            1.00 
_refine.occupancy_min                            0.50 
_refine.pdbx_ls_sigma_I                          ? 
_refine.ls_redundancy_reflns_obs                 ? 
_refine.ls_R_factor_R_free_error_details         ? 
_refine.pdbx_data_cutoff_high_rms_absF           ? 
_refine.overall_FOM_free_R_set                   ? 
_refine.pdbx_overall_phase_error                 ? 
_refine.pdbx_refine_id                           'X-RAY DIFFRACTION' 
_refine.pdbx_diffrn_id                           1 
_refine.pdbx_TLS_residual_ADP_flag               ? 
_refine.pdbx_overall_SU_R_free_Cruickshank_DPI   ? 
_refine.pdbx_overall_SU_R_Blow_DPI               ? 
_refine.pdbx_overall_SU_R_free_Blow_DPI          ? 
# 
_refine_hist.pdbx_refine_id                   'X-RAY DIFFRACTION' 
_refine_hist.cycle_id                         LAST 
_refine_hist.pdbx_number_atoms_protein        1446 
_refine_hist.pdbx_number_atoms_nucleic_acid   0 
_refine_hist.pdbx_number_atoms_ligand         50 
_refine_hist.number_atoms_solvent             69 
_refine_hist.number_atoms_total               1565 
_refine_hist.d_res_high                       1.950 
_refine_hist.d_res_low                        50.000 
# 
loop_
_refine_ls_restr.type 
_refine_ls_restr.number 
_refine_ls_restr.dev_ideal 
_refine_ls_restr.dev_ideal_target 
_refine_ls_restr.weight 
_refine_ls_restr.pdbx_refine_id 
_refine_ls_restr.pdbx_restraint_function 
r_bond_refined_d       1561 0.009  0.022  ? 'X-RAY DIFFRACTION' ? 
r_bond_other_d         1024 0.001  0.020  ? 'X-RAY DIFFRACTION' ? 
r_angle_refined_deg    2130 1.548  2.052  ? 'X-RAY DIFFRACTION' ? 
r_angle_other_deg      2526 0.852  3.000  ? 'X-RAY DIFFRACTION' ? 
r_dihedral_angle_1_deg 196  6.667  5.000  ? 'X-RAY DIFFRACTION' ? 
r_dihedral_angle_2_deg 45   39.104 25.111 ? 'X-RAY DIFFRACTION' ? 
r_dihedral_angle_3_deg 240  15.487 15.000 ? 'X-RAY DIFFRACTION' ? 
r_dihedral_angle_4_deg 6    21.001 15.000 ? 'X-RAY DIFFRACTION' ? 
r_chiral_restr         264  0.097  0.200  ? 'X-RAY DIFFRACTION' ? 
r_gen_planes_refined   1680 0.005  0.021  ? 'X-RAY DIFFRACTION' ? 
r_gen_planes_other     288  0.001  0.020  ? 'X-RAY DIFFRACTION' ? 
r_mcbond_it            985  0.877  1.500  ? 'X-RAY DIFFRACTION' ? 
r_mcbond_other         414  0.218  1.500  ? 'X-RAY DIFFRACTION' ? 
r_mcangle_it           1575 1.514  2.000  ? 'X-RAY DIFFRACTION' ? 
r_scbond_it            576  2.004  3.000  ? 'X-RAY DIFFRACTION' ? 
r_scangle_it           555  3.126  4.500  ? 'X-RAY DIFFRACTION' ? 
# 
_refine_ls_shell.d_res_high                       1.950 
_refine_ls_shell.d_res_low                        2.001 
_refine_ls_shell.pdbx_total_number_of_bins_used   20 
_refine_ls_shell.percent_reflns_obs               99.800 
_refine_ls_shell.number_reflns_R_work             930 
_refine_ls_shell.R_factor_all                     ? 
_refine_ls_shell.R_factor_R_work                  0.237 
_refine_ls_shell.R_factor_R_free                  0.314 
_refine_ls_shell.percent_reflns_R_free            ? 
_refine_ls_shell.number_reflns_R_free             53 
_refine_ls_shell.R_factor_R_free_error            ? 
_refine_ls_shell.number_reflns_all                983 
_refine_ls_shell.number_reflns_obs                ? 
_refine_ls_shell.redundancy_reflns_obs            ? 
_refine_ls_shell.pdbx_refine_id                   'X-RAY DIFFRACTION' 
# 
_struct.entry_id                  3LZS 
_struct.title                     'Crystal Structure of HIV-1 CRF01_AE Protease in Complex with Darunavir' 
_struct.pdbx_model_details        ? 
_struct.pdbx_CASP_flag            ? 
_struct.pdbx_model_type_details   ? 
# 
_struct_keywords.entry_id        3LZS 
_struct_keywords.text            'HIV-1 protease, non-B clades, CRF01_AE, inhibitor resistance, AIDS, Aspartyl protease, HYDROLASE' 
_struct_keywords.pdbx_keywords   HYDROLASE 
# 
loop_
_struct_asym.id 
_struct_asym.pdbx_blank_PDB_chainid_flag 
_struct_asym.pdbx_modified 
_struct_asym.entity_id 
_struct_asym.details 
A N N 1 ? 
B N N 1 ? 
C N N 2 ? 
D N N 3 ? 
E N N 3 ? 
F N N 3 ? 
G N N 4 ? 
H N N 4 ? 
# 
_struct_biol.id        1 
_struct_biol.details   ? 
# 
loop_
_struct_conf.conf_type_id 
_struct_conf.id 
_struct_conf.pdbx_PDB_helix_id 
_struct_conf.beg_label_comp_id 
_struct_conf.beg_label_asym_id 
_struct_conf.beg_label_seq_id 
_struct_conf.pdbx_beg_PDB_ins_code 
_struct_conf.end_label_comp_id 
_struct_conf.end_label_asym_id 
_struct_conf.end_label_seq_id 
_struct_conf.pdbx_end_PDB_ins_code 
_struct_conf.beg_auth_comp_id 
_struct_conf.beg_auth_asym_id 
_struct_conf.beg_auth_seq_id 
_struct_conf.end_auth_comp_id 
_struct_conf.end_auth_asym_id 
_struct_conf.end_auth_seq_id 
_struct_conf.pdbx_PDB_helix_class 
_struct_conf.details 
_struct_conf.pdbx_PDB_helix_length 
HELX_P HELX_P1 1 GLY A 86 ? THR A 91 ? GLY A 86 THR A 91 1 ? 6 
HELX_P HELX_P2 2 GLN A 92 ? GLY A 94 ? GLN A 92 GLY A 94 5 ? 3 
HELX_P HELX_P3 3 GLY B 86 ? THR B 91 ? GLY B 86 THR B 91 1 ? 6 
HELX_P HELX_P4 4 GLN B 92 ? GLY B 94 ? GLN B 92 GLY B 94 5 ? 3 
# 
_struct_conf_type.id          HELX_P 
_struct_conf_type.criteria    ? 
_struct_conf_type.reference   ? 
# 
loop_
_struct_sheet.id 
_struct_sheet.type 
_struct_sheet.number_strands 
_struct_sheet.details 
A ? 4 ? 
B ? 8 ? 
C ? 8 ? 
# 
loop_
_struct_sheet_order.sheet_id 
_struct_sheet_order.range_id_1 
_struct_sheet_order.range_id_2 
_struct_sheet_order.offset 
_struct_sheet_order.sense 
A 1 2 ? anti-parallel 
A 2 3 ? anti-parallel 
A 3 4 ? anti-parallel 
B 1 2 ? anti-parallel 
B 2 3 ? anti-parallel 
B 3 4 ? parallel      
B 4 5 ? anti-parallel 
B 5 6 ? parallel      
B 6 7 ? anti-parallel 
B 7 8 ? anti-parallel 
C 1 2 ? anti-parallel 
C 2 3 ? anti-parallel 
C 3 4 ? parallel      
C 4 5 ? anti-parallel 
C 5 6 ? parallel      
C 6 7 ? anti-parallel 
C 7 8 ? anti-parallel 
# 
loop_
_struct_sheet_range.sheet_id 
_struct_sheet_range.id 
_struct_sheet_range.beg_label_comp_id 
_struct_sheet_range.beg_label_asym_id 
_struct_sheet_range.beg_label_seq_id 
_struct_sheet_range.pdbx_beg_PDB_ins_code 
_struct_sheet_range.end_label_comp_id 
_struct_sheet_range.end_label_asym_id 
_struct_sheet_range.end_label_seq_id 
_struct_sheet_range.pdbx_end_PDB_ins_code 
_struct_sheet_range.beg_auth_comp_id 
_struct_sheet_range.beg_auth_asym_id 
_struct_sheet_range.beg_auth_seq_id 
_struct_sheet_range.end_auth_comp_id 
_struct_sheet_range.end_auth_asym_id 
_struct_sheet_range.end_auth_seq_id 
A 1 GLN A 2  ? ILE A 3  ? GLN A 2  ILE A 3  
A 2 THR B 96 ? ASN B 98 ? THR B 96 ASN B 98 
A 3 THR A 96 ? ASN A 98 ? THR A 96 ASN A 98 
A 4 GLN B 2  ? ILE B 3  ? GLN B 2  ILE B 3  
B 1 LYS A 43 ? GLY A 49 ? LYS A 43 GLY A 49 
B 2 GLY A 52 ? ILE A 66 ? GLY A 52 ILE A 66 
B 3 LYS A 69 ? VAL A 77 ? LYS A 69 VAL A 77 
B 4 VAL A 32 ? LEU A 33 ? VAL A 32 LEU A 33 
B 5 ILE A 84 ? ILE A 85 ? ILE A 84 ILE A 85 
B 6 GLN A 18 ? LEU A 24 ? GLN A 18 LEU A 24 
B 7 LEU A 10 ? ILE A 15 ? LEU A 10 ILE A 15 
B 8 GLY A 52 ? ILE A 66 ? GLY A 52 ILE A 66 
C 1 LYS B 43 ? GLY B 49 ? LYS B 43 GLY B 49 
C 2 GLY B 52 ? ILE B 66 ? GLY B 52 ILE B 66 
C 3 LYS B 69 ? VAL B 77 ? LYS B 69 VAL B 77 
C 4 THR B 31 ? LEU B 33 ? THR B 31 LEU B 33 
C 5 ILE B 84 ? ILE B 85 ? ILE B 84 ILE B 85 
C 6 GLN B 18 ? LEU B 24 ? GLN B 18 LEU B 24 
C 7 LEU B 10 ? ILE B 15 ? LEU B 10 ILE B 15 
C 8 GLY B 52 ? ILE B 66 ? GLY B 52 ILE B 66 
# 
loop_
_pdbx_struct_sheet_hbond.sheet_id 
_pdbx_struct_sheet_hbond.range_id_1 
_pdbx_struct_sheet_hbond.range_id_2 
_pdbx_struct_sheet_hbond.range_1_label_atom_id 
_pdbx_struct_sheet_hbond.range_1_label_comp_id 
_pdbx_struct_sheet_hbond.range_1_label_asym_id 
_pdbx_struct_sheet_hbond.range_1_label_seq_id 
_pdbx_struct_sheet_hbond.range_1_PDB_ins_code 
_pdbx_struct_sheet_hbond.range_1_auth_atom_id 
_pdbx_struct_sheet_hbond.range_1_auth_comp_id 
_pdbx_struct_sheet_hbond.range_1_auth_asym_id 
_pdbx_struct_sheet_hbond.range_1_auth_seq_id 
_pdbx_struct_sheet_hbond.range_2_label_atom_id 
_pdbx_struct_sheet_hbond.range_2_label_comp_id 
_pdbx_struct_sheet_hbond.range_2_label_asym_id 
_pdbx_struct_sheet_hbond.range_2_label_seq_id 
_pdbx_struct_sheet_hbond.range_2_PDB_ins_code 
_pdbx_struct_sheet_hbond.range_2_auth_atom_id 
_pdbx_struct_sheet_hbond.range_2_auth_comp_id 
_pdbx_struct_sheet_hbond.range_2_auth_asym_id 
_pdbx_struct_sheet_hbond.range_2_auth_seq_id 
A 1 2 N ILE A 3  ? N ILE A 3  O LEU B 97 ? O LEU B 97 
A 2 3 O THR B 96 ? O THR B 96 N ASN A 98 ? N ASN A 98 
A 3 4 N LEU A 97 ? N LEU A 97 O ILE B 3  ? O ILE B 3  
B 1 2 N LYS A 45 ? N LYS A 45 O VAL A 56 ? O VAL A 56 
B 2 3 N ARG A 57 ? N ARG A 57 O VAL A 77 ? O VAL A 77 
B 3 4 O LEU A 76 ? O LEU A 76 N LEU A 33 ? N LEU A 33 
B 4 5 N VAL A 32 ? N VAL A 32 O ILE A 84 ? O ILE A 84 
B 5 6 O ILE A 85 ? O ILE A 85 N LEU A 23 ? N LEU A 23 
B 6 7 O LYS A 20 ? O LYS A 20 N VAL A 13 ? N VAL A 13 
B 7 8 N LYS A 14 ? N LYS A 14 O GLU A 65 ? O GLU A 65 
C 1 2 N LYS B 45 ? N LYS B 45 O VAL B 56 ? O VAL B 56 
C 2 3 N ILE B 64 ? N ILE B 64 O ALA B 71 ? O ALA B 71 
C 3 4 O LEU B 76 ? O LEU B 76 N THR B 31 ? N THR B 31 
C 4 5 N VAL B 32 ? N VAL B 32 O ILE B 84 ? O ILE B 84 
C 5 6 O ILE B 85 ? O ILE B 85 N LEU B 23 ? N LEU B 23 
C 6 7 O LYS B 20 ? O LYS B 20 N VAL B 13 ? N VAL B 13 
C 7 8 N LYS B 14 ? N LYS B 14 O GLU B 65 ? O GLU B 65 
# 
loop_
_struct_site.id 
_struct_site.pdbx_evidence_code 
_struct_site.pdbx_auth_asym_id 
_struct_site.pdbx_auth_comp_id 
_struct_site.pdbx_auth_seq_id 
_struct_site.pdbx_auth_ins_code 
_struct_site.pdbx_num_residues 
_struct_site.details 
AC1 Software A 017 200 ? 24 'BINDING SITE FOR RESIDUE 017 A 200' 
AC2 Software A ACT 100 ? 2  'BINDING SITE FOR RESIDUE ACT A 100' 
AC3 Software A ACT 101 ? 3  'BINDING SITE FOR RESIDUE ACT A 101' 
AC4 Software B ACT 100 ? 3  'BINDING SITE FOR RESIDUE ACT B 100' 
# 
loop_
_struct_site_gen.id 
_struct_site_gen.site_id 
_struct_site_gen.pdbx_num_res 
_struct_site_gen.label_comp_id 
_struct_site_gen.label_asym_id 
_struct_site_gen.label_seq_id 
_struct_site_gen.pdbx_auth_ins_code 
_struct_site_gen.auth_comp_id 
_struct_site_gen.auth_asym_id 
_struct_site_gen.auth_seq_id 
_struct_site_gen.label_atom_id 
_struct_site_gen.label_alt_id 
_struct_site_gen.symmetry 
_struct_site_gen.details 
1  AC1 24 ASP A 25 ? ASP A 25  . ? 1_555 ? 
2  AC1 24 GLY A 27 ? GLY A 27  . ? 1_555 ? 
3  AC1 24 ALA A 28 ? ALA A 28  . ? 1_555 ? 
4  AC1 24 ASP A 29 ? ASP A 29  . ? 1_555 ? 
5  AC1 24 ASP A 30 ? ASP A 30  . ? 1_555 ? 
6  AC1 24 GLY A 48 ? GLY A 48  . ? 1_555 ? 
7  AC1 24 GLY A 49 ? GLY A 49  . ? 1_555 ? 
8  AC1 24 ILE A 50 ? ILE A 50  . ? 1_555 ? 
9  AC1 24 PRO A 81 ? PRO A 81  . ? 1_555 ? 
10 AC1 24 VAL A 82 ? VAL A 82  . ? 1_555 ? 
11 AC1 24 ILE A 84 ? ILE A 84  . ? 1_555 ? 
12 AC1 24 HOH G .  ? HOH A 105 . ? 1_555 ? 
13 AC1 24 LEU B 23 ? LEU B 23  . ? 1_555 ? 
14 AC1 24 ASP B 25 ? ASP B 25  . ? 1_555 ? 
15 AC1 24 GLY B 27 ? GLY B 27  . ? 1_555 ? 
16 AC1 24 ALA B 28 ? ALA B 28  . ? 1_555 ? 
17 AC1 24 ASP B 29 ? ASP B 29  . ? 1_555 ? 
18 AC1 24 ASP B 30 ? ASP B 30  . ? 1_555 ? 
19 AC1 24 GLY B 48 ? GLY B 48  . ? 1_555 ? 
20 AC1 24 GLY B 49 ? GLY B 49  . ? 1_555 ? 
21 AC1 24 ILE B 50 ? ILE B 50  . ? 1_555 ? 
22 AC1 24 PRO B 81 ? PRO B 81  . ? 1_555 ? 
23 AC1 24 VAL B 82 ? VAL B 82  . ? 1_555 ? 
24 AC1 24 ILE B 84 ? ILE B 84  . ? 1_555 ? 
25 AC2 2  GLY B 40 ? GLY B 40  . ? 4_564 ? 
26 AC2 2  LYS B 41 ? LYS B 41  . ? 4_564 ? 
27 AC3 3  LYS A 7  ? LYS A 7   . ? 1_555 ? 
28 AC3 3  ARG A 8  ? ARG A 8   . ? 1_555 ? 
29 AC3 3  HOH G .  ? HOH A 129 . ? 1_555 ? 
30 AC4 3  ARG A 8  ? ARG A 8   . ? 5_554 ? 
31 AC4 3  LYS B 7  ? LYS B 7   . ? 1_555 ? 
32 AC4 3  ARG B 8  ? ARG B 8   . ? 1_555 ? 
# 
_atom_sites.entry_id                    3LZS 
_atom_sites.fract_transf_matrix[1][1]   0.01398058 
_atom_sites.fract_transf_matrix[1][2]   -0.01222268 
_atom_sites.fract_transf_matrix[1][3]   0.00041919 
_atom_sites.fract_transf_matrix[2][1]   0.01238589 
_atom_sites.fract_transf_matrix[2][2]   -0.00042239 
_atom_sites.fract_transf_matrix[2][3]   -0.01383625 
_atom_sites.fract_transf_matrix[3][1]   0.00685054 
_atom_sites.fract_transf_matrix[3][2]   0.00803771 
_atom_sites.fract_transf_matrix[3][3]   0.00588707 
_atom_sites.fract_transf_vector[1]      -0.000059 
_atom_sites.fract_transf_vector[2]      0.372322 
_atom_sites.fract_transf_vector[3]      -0.000367 
# 
loop_
_atom_type.symbol 
C 
N 
O 
S 
# 
loop_
_atom_site.group_PDB 
_atom_site.id 
_atom_site.type_symbol 
_atom_site.label_atom_id 
_atom_site.label_alt_id 
_atom_site.label_comp_id 
_atom_site.label_asym_id 
_atom_site.label_entity_id 
_atom_site.label_seq_id 
_atom_site.pdbx_PDB_ins_code 
_atom_site.Cartn_x 
_atom_site.Cartn_y 
_atom_site.Cartn_z 
_atom_site.occupancy 
_atom_site.B_iso_or_equiv 
_atom_site.pdbx_formal_charge 
_atom_site.auth_seq_id 
_atom_site.auth_comp_id 
_atom_site.auth_asym_id 
_atom_site.auth_atom_id 
_atom_site.pdbx_PDB_model_num 
ATOM   1    N N   . PRO A 1 1  ? -2.439  9.408   -16.797 1.00 27.39 ? 1   PRO A N   1 
ATOM   2    C CA  . PRO A 1 1  ? -1.904  10.325  -15.797 1.00 27.00 ? 1   PRO A CA  1 
ATOM   3    C C   . PRO A 1 1  ? -0.631  9.786   -15.149 1.00 25.95 ? 1   PRO A C   1 
ATOM   4    O O   . PRO A 1 1  ? -0.547  8.588   -14.861 1.00 25.92 ? 1   PRO A O   1 
ATOM   5    C CB  . PRO A 1 1  ? -3.034  10.421  -14.753 1.00 27.69 ? 1   PRO A CB  1 
ATOM   6    C CG  . PRO A 1 1  ? -4.205  9.622   -15.313 1.00 27.83 ? 1   PRO A CG  1 
ATOM   7    C CD  . PRO A 1 1  ? -3.617  8.676   -16.299 1.00 27.42 ? 1   PRO A CD  1 
ATOM   8    N N   . GLN A 1 2  ? 0.363   10.646  -14.962 1.00 23.79 ? 2   GLN A N   1 
ATOM   9    C CA  . GLN A 1 2  ? 1.454   10.321  -14.054 1.00 22.83 ? 2   GLN A CA  1 
ATOM   10   C C   . GLN A 1 2  ? 1.116   11.020  -12.745 1.00 21.44 ? 2   GLN A C   1 
ATOM   11   O O   . GLN A 1 2  ? 0.599   12.126  -12.779 1.00 21.32 ? 2   GLN A O   1 
ATOM   12   C CB  . GLN A 1 2  ? 2.806   10.785  -14.594 1.00 22.59 ? 2   GLN A CB  1 
ATOM   13   C CG  . GLN A 1 2  ? 3.959   10.493  -13.639 1.00 23.35 ? 2   GLN A CG  1 
ATOM   14   C CD  . GLN A 1 2  ? 5.318   10.725  -14.272 1.00 24.80 ? 2   GLN A CD  1 
ATOM   15   O OE1 . GLN A 1 2  ? 5.716   11.866  -14.503 1.00 25.71 ? 2   GLN A OE1 1 
ATOM   16   N NE2 . GLN A 1 2  ? 6.041   9.643   -14.545 1.00 24.13 ? 2   GLN A NE2 1 
ATOM   17   N N   . ILE A 1 3  ? 1.416   10.386  -11.613 1.00 19.90 ? 3   ILE A N   1 
ATOM   18   C CA  . ILE A 1 3  ? 0.940   10.829  -10.295 1.00 19.09 ? 3   ILE A CA  1 
ATOM   19   C C   . ILE A 1 3  ? 2.168   10.820  -9.359  1.00 17.89 ? 3   ILE A C   1 
ATOM   20   O O   . ILE A 1 3  ? 2.811   9.782   -9.184  1.00 17.98 ? 3   ILE A O   1 
ATOM   21   C CB  . ILE A 1 3  ? -0.193  9.863   -9.772  1.00 18.88 ? 3   ILE A CB  1 
ATOM   22   C CG1 . ILE A 1 3  ? -1.353  9.754   -10.775 1.00 21.81 ? 3   ILE A CG1 1 
ATOM   23   C CG2 . ILE A 1 3  ? -0.790  10.296  -8.449  1.00 18.58 ? 3   ILE A CG2 1 
ATOM   24   C CD1 . ILE A 1 3  ? -2.571  8.960   -10.253 1.00 21.56 ? 3   ILE A CD1 1 
ATOM   25   N N   . THR A 1 4  ? 2.535   11.965  -8.788  1.00 15.82 ? 4   THR A N   1 
ATOM   26   C CA  . THR A 1 4  ? 3.595   11.986  -7.772  1.00 14.19 ? 4   THR A CA  1 
ATOM   27   C C   . THR A 1 4  ? 2.952   11.619  -6.433  1.00 13.50 ? 4   THR A C   1 
ATOM   28   O O   . THR A 1 4  ? 1.719   11.496  -6.329  1.00 13.74 ? 4   THR A O   1 
ATOM   29   C CB  . THR A 1 4  ? 4.291   13.362  -7.681  1.00 15.12 ? 4   THR A CB  1 
ATOM   30   O OG1 . THR A 1 4  ? 3.305   14.374  -7.493  1.00 14.67 ? 4   THR A OG1 1 
ATOM   31   C CG2 . THR A 1 4  ? 5.086   13.678  -8.946  1.00 13.86 ? 4   THR A CG2 1 
ATOM   32   N N   . LEU A 1 5  ? 3.767   11.459  -5.399  1.00 10.76 ? 5   LEU A N   1 
ATOM   33   C CA  . LEU A 1 5  ? 3.300   10.841  -4.172  1.00 10.23 ? 5   LEU A CA  1 
ATOM   34   C C   . LEU A 1 5  ? 3.492   11.742  -2.945  1.00 10.75 ? 5   LEU A C   1 
ATOM   35   O O   . LEU A 1 5  ? 3.601   11.271  -1.808  1.00 9.28  ? 5   LEU A O   1 
ATOM   36   C CB  . LEU A 1 5  ? 4.025   9.502   -3.999  1.00 9.82  ? 5   LEU A CB  1 
ATOM   37   C CG  . LEU A 1 5  ? 3.629   8.420   -5.024  1.00 8.71  ? 5   LEU A CG  1 
ATOM   38   C CD1 . LEU A 1 5  ? 4.671   7.276   -5.012  1.00 9.85  ? 5   LEU A CD1 1 
ATOM   39   C CD2 . LEU A 1 5  ? 2.221   7.879   -4.811  1.00 8.45  ? 5   LEU A CD2 1 
ATOM   40   N N   . TRP A 1 6  ? 3.499   13.055  -3.170  1.00 11.83 ? 6   TRP A N   1 
ATOM   41   C CA  . TRP A 1 6  ? 3.548   13.997  -2.056  1.00 12.32 ? 6   TRP A CA  1 
ATOM   42   C C   . TRP A 1 6  ? 2.245   13.974  -1.248  1.00 12.16 ? 6   TRP A C   1 
ATOM   43   O O   . TRP A 1 6  ? 2.242   14.286  -0.055  1.00 13.42 ? 6   TRP A O   1 
ATOM   44   C CB  . TRP A 1 6  ? 3.839   15.403  -2.586  1.00 13.08 ? 6   TRP A CB  1 
ATOM   45   C CG  . TRP A 1 6  ? 5.137   15.423  -3.333  1.00 14.15 ? 6   TRP A CG  1 
ATOM   46   C CD1 . TRP A 1 6  ? 5.313   15.329  -4.678  1.00 16.53 ? 6   TRP A CD1 1 
ATOM   47   C CD2 . TRP A 1 6  ? 6.438   15.500  -2.762  1.00 12.02 ? 6   TRP A CD2 1 
ATOM   48   N NE1 . TRP A 1 6  ? 6.654   15.363  -4.986  1.00 17.11 ? 6   TRP A NE1 1 
ATOM   49   C CE2 . TRP A 1 6  ? 7.364   15.454  -3.821  1.00 13.80 ? 6   TRP A CE2 1 
ATOM   50   C CE3 . TRP A 1 6  ? 6.910   15.606  -1.452  1.00 12.48 ? 6   TRP A CE3 1 
ATOM   51   C CZ2 . TRP A 1 6  ? 8.734   15.517  -3.618  1.00 15.51 ? 6   TRP A CZ2 1 
ATOM   52   C CZ3 . TRP A 1 6  ? 8.275   15.670  -1.248  1.00 15.19 ? 6   TRP A CZ3 1 
ATOM   53   C CH2 . TRP A 1 6  ? 9.171   15.636  -2.325  1.00 14.15 ? 6   TRP A CH2 1 
ATOM   54   N N   . LYS A 1 7  ? 1.141   13.620  -1.900  1.00 11.79 ? 7   LYS A N   1 
ATOM   55   C CA  . LYS A 1 7  ? -0.168  13.442  -1.255  1.00 11.36 ? 7   LYS A CA  1 
ATOM   56   C C   . LYS A 1 7  ? -0.637  12.010  -1.483  1.00 11.25 ? 7   LYS A C   1 
ATOM   57   O O   . LYS A 1 7  ? -0.116  11.334  -2.371  1.00 12.33 ? 7   LYS A O   1 
ATOM   58   C CB  . LYS A 1 7  ? -1.193  14.408  -1.878  1.00 12.87 ? 7   LYS A CB  1 
ATOM   59   N N   . ARG A 1 8  ? -1.611  11.541  -0.707  1.00 11.41 ? 8   ARG A N   1 
ATOM   60   C CA  . ARG A 1 8  ? -2.194  10.194  -0.907  1.00 12.42 ? 8   ARG A CA  1 
ATOM   61   C C   . ARG A 1 8  ? -2.724  10.079  -2.339  1.00 11.14 ? 8   ARG A C   1 
ATOM   62   O O   . ARG A 1 8  ? -3.430  10.996  -2.791  1.00 9.76  ? 8   ARG A O   1 
ATOM   63   C CB  . ARG A 1 8  ? -3.377  9.959   0.055   1.00 13.73 ? 8   ARG A CB  1 
ATOM   64   C CG  . ARG A 1 8  ? -3.036  9.337   1.411   1.00 18.01 ? 8   ARG A CG  1 
ATOM   65   C CD  . ARG A 1 8  ? -3.783  9.969   2.602   1.00 22.98 ? 8   ARG A CD  1 
ATOM   66   N NE  . ARG A 1 8  ? -5.236  9.767   2.638   1.00 27.92 ? 8   ARG A NE  1 
ATOM   67   C CZ  . ARG A 1 8  ? -6.177  10.714  2.513   1.00 30.40 ? 8   ARG A CZ  1 
ATOM   68   N NH1 . ARG A 1 8  ? -5.882  11.998  2.313   1.00 32.53 ? 8   ARG A NH1 1 
ATOM   69   N NH2 . ARG A 1 8  ? -7.455  10.370  2.585   1.00 30.41 ? 8   ARG A NH2 1 
ATOM   70   N N   . PRO A 1 9  ? -2.418  8.969   -3.043  1.00 10.09 ? 9   PRO A N   1 
ATOM   71   C CA  . PRO A 1 9  ? -2.900  8.783   -4.417  1.00 10.84 ? 9   PRO A CA  1 
ATOM   72   C C   . PRO A 1 9  ? -4.353  8.310   -4.470  1.00 11.11 ? 9   PRO A C   1 
ATOM   73   O O   . PRO A 1 9  ? -4.661  7.146   -4.784  1.00 10.83 ? 9   PRO A O   1 
ATOM   74   C CB  . PRO A 1 9  ? -1.918  7.758   -4.988  1.00 10.69 ? 9   PRO A CB  1 
ATOM   75   C CG  . PRO A 1 9  ? -1.568  6.951   -3.853  1.00 11.74 ? 9   PRO A CG  1 
ATOM   76   C CD  . PRO A 1 9  ? -1.459  7.912   -2.690  1.00 9.91  ? 9   PRO A CD  1 
ATOM   77   N N   . LEU A 1 10 ? -5.242  9.235   -4.131  1.00 12.16 ? 10  LEU A N   1 
ATOM   78   C CA  . LEU A 1 10 ? -6.687  8.980   -4.101  1.00 13.64 ? 10  LEU A CA  1 
ATOM   79   C C   . LEU A 1 10 ? -7.295  9.201   -5.472  1.00 14.72 ? 10  LEU A C   1 
ATOM   80   O O   . LEU A 1 10 ? -7.047  10.222  -6.091  1.00 13.15 ? 10  LEU A O   1 
ATOM   81   C CB  . LEU A 1 10 ? -7.369  9.958   -3.148  1.00 14.33 ? 10  LEU A CB  1 
ATOM   82   C CG  . LEU A 1 10 ? -7.130  9.752   -1.653  1.00 15.65 ? 10  LEU A CG  1 
ATOM   83   C CD1 . LEU A 1 10 ? -7.815  10.879  -0.886  1.00 15.59 ? 10  LEU A CD1 1 
ATOM   84   C CD2 . LEU A 1 10 ? -7.631  8.367   -1.187  1.00 18.31 ? 10  LEU A CD2 1 
ATOM   85   N N   . VAL A 1 11 ? -8.113  8.266   -5.929  1.00 17.43 ? 11  VAL A N   1 
ATOM   86   C CA  . VAL A 1 11 ? -8.837  8.425   -7.181  1.00 19.73 ? 11  VAL A CA  1 
ATOM   87   C C   . VAL A 1 11 ? -10.329 8.186   -6.956  1.00 20.62 ? 11  VAL A C   1 
ATOM   88   O O   . VAL A 1 11 ? -10.736 7.584   -5.957  1.00 21.16 ? 11  VAL A O   1 
ATOM   89   C CB  . VAL A 1 11 ? -8.341  7.440   -8.241  1.00 20.45 ? 11  VAL A CB  1 
ATOM   90   C CG1 . VAL A 1 11 ? -6.908  7.783   -8.620  1.00 23.03 ? 11  VAL A CG1 1 
ATOM   91   C CG2 . VAL A 1 11 ? -8.468  6.006   -7.727  1.00 21.27 ? 11  VAL A CG2 1 
ATOM   92   N N   . THR A 1 12 ? -11.142 8.666   -7.888  1.00 22.10 ? 12  THR A N   1 
ATOM   93   C CA  . THR A 1 12 ? -12.571 8.408   -7.846  1.00 23.25 ? 12  THR A CA  1 
ATOM   94   C C   . THR A 1 12 ? -12.848 7.068   -8.512  1.00 24.74 ? 12  THR A C   1 
ATOM   95   O O   . THR A 1 12 ? -12.302 6.794   -9.579  1.00 25.49 ? 12  THR A O   1 
ATOM   96   C CB  . THR A 1 12 ? -13.325 9.496   -8.616  1.00 24.07 ? 12  THR A CB  1 
ATOM   97   O OG1 . THR A 1 12 ? -13.130 10.754  -7.953  1.00 26.80 ? 12  THR A OG1 1 
ATOM   98   C CG2 . THR A 1 12 ? -14.807 9.163   -8.648  1.00 25.36 ? 12  THR A CG2 1 
ATOM   99   N N   . VAL A 1 13 ? -13.687 6.234   -7.893  1.00 25.58 ? 13  VAL A N   1 
ATOM   100  C CA  . VAL A 1 13 ? -14.035 4.928   -8.469  1.00 25.74 ? 13  VAL A CA  1 
ATOM   101  C C   . VAL A 1 13 ? -15.553 4.858   -8.577  1.00 24.71 ? 13  VAL A C   1 
ATOM   102  O O   . VAL A 1 13 ? -16.263 5.317   -7.673  1.00 25.23 ? 13  VAL A O   1 
ATOM   103  C CB  . VAL A 1 13 ? -13.521 3.731   -7.620  1.00 26.13 ? 13  VAL A CB  1 
ATOM   104  C CG1 . VAL A 1 13 ? -14.044 3.762   -6.205  1.00 27.48 ? 13  VAL A CG1 1 
ATOM   105  C CG2 . VAL A 1 13 ? -13.939 2.413   -8.246  1.00 27.76 ? 13  VAL A CG2 1 
ATOM   106  N N   . LYS A 1 14 ? -16.042 4.328   -9.685  1.00 23.42 ? 14  LYS A N   1 
ATOM   107  C CA  . LYS A 1 14 ? -17.467 4.116   -9.838  1.00 24.58 ? 14  LYS A CA  1 
ATOM   108  C C   . LYS A 1 14 ? -17.689 2.608   -9.788  1.00 24.02 ? 14  LYS A C   1 
ATOM   109  O O   . LYS A 1 14 ? -17.112 1.859   -10.566 1.00 24.11 ? 14  LYS A O   1 
ATOM   110  C CB  . LYS A 1 14 ? -17.994 4.702   -11.155 1.00 25.53 ? 14  LYS A CB  1 
ATOM   111  C CG  . LYS A 1 14 ? -19.526 4.571   -11.290 1.00 27.64 ? 14  LYS A CG  1 
ATOM   112  C CD  . LYS A 1 14 ? -20.101 5.234   -12.559 1.00 33.64 ? 14  LYS A CD  1 
ATOM   113  C CE  . LYS A 1 14 ? -21.648 5.159   -12.538 1.00 36.72 ? 14  LYS A CE  1 
ATOM   114  N NZ  . LYS A 1 14 ? -22.339 5.739   -13.742 1.00 38.82 ? 14  LYS A NZ  1 
ATOM   115  N N   . ILE A 1 15 ? -18.516 2.176   -8.856  1.00 24.19 ? 15  ILE A N   1 
ATOM   116  C CA  . ILE A 1 15 ? -18.775 0.757   -8.655  1.00 25.84 ? 15  ILE A CA  1 
ATOM   117  C C   . ILE A 1 15 ? -20.233 0.569   -8.258  1.00 27.67 ? 15  ILE A C   1 
ATOM   118  O O   . ILE A 1 15 ? -20.718 1.176   -7.300  1.00 29.15 ? 15  ILE A O   1 
ATOM   119  C CB  . ILE A 1 15 ? -17.762 0.172   -7.650  1.00 25.32 ? 15  ILE A CB  1 
ATOM   120  C CG1 . ILE A 1 15 ? -18.046 -1.306  -7.340  1.00 27.13 ? 15  ILE A CG1 1 
ATOM   121  C CG2 . ILE A 1 15 ? -17.739 1.014   -6.406  1.00 25.03 ? 15  ILE A CG2 1 
ATOM   122  C CD1 . ILE A 1 15 ? -16.987 -1.902  -6.394  1.00 25.87 ? 15  ILE A CD1 1 
ATOM   123  N N   . GLY A 1 16 ? -20.950 -0.225  -9.061  1.00 28.96 ? 16  GLY A N   1 
ATOM   124  C CA  . GLY A 1 16 ? -22.360 -0.509  -8.840  1.00 29.00 ? 16  GLY A CA  1 
ATOM   125  C C   . GLY A 1 16 ? -23.217 0.745   -8.847  1.00 28.38 ? 16  GLY A C   1 
ATOM   126  O O   . GLY A 1 16 ? -24.149 0.852   -8.066  1.00 29.97 ? 16  GLY A O   1 
ATOM   127  N N   . GLY A 1 17 ? -22.910 1.693   -9.716  1.00 26.94 ? 17  GLY A N   1 
ATOM   128  C CA  . GLY A 1 17 ? -23.636 2.960   -9.758  1.00 26.55 ? 17  GLY A CA  1 
ATOM   129  C C   . GLY A 1 17 ? -23.311 3.922   -8.620  1.00 26.11 ? 17  GLY A C   1 
ATOM   130  O O   . GLY A 1 17 ? -23.862 5.017   -8.565  1.00 26.31 ? 17  GLY A O   1 
ATOM   131  N N   . GLN A 1 18 ? -22.419 3.535   -7.706  1.00 24.77 ? 18  GLN A N   1 
ATOM   132  C CA  . GLN A 1 18 ? -22.018 4.418   -6.604  1.00 25.12 ? 18  GLN A CA  1 
ATOM   133  C C   . GLN A 1 18 ? -20.641 5.019   -6.882  1.00 24.28 ? 18  GLN A C   1 
ATOM   134  O O   . GLN A 1 18 ? -19.810 4.389   -7.530  1.00 24.10 ? 18  GLN A O   1 
ATOM   135  C CB  . GLN A 1 18 ? -21.959 3.651   -5.284  1.00 25.12 ? 18  GLN A CB  1 
ATOM   136  C CG  . GLN A 1 18 ? -23.261 2.988   -4.857  1.00 28.43 ? 18  GLN A CG  1 
ATOM   137  C CD  . GLN A 1 18 ? -23.050 2.061   -3.686  1.00 30.23 ? 18  GLN A CD  1 
ATOM   138  O OE1 . GLN A 1 18 ? -22.761 2.504   -2.584  1.00 36.18 ? 18  GLN A OE1 1 
ATOM   139  N NE2 . GLN A 1 18 ? -23.159 0.760   -3.928  1.00 37.60 ? 18  GLN A NE2 1 
ATOM   140  N N   . LEU A 1 19 ? -20.401 6.211   -6.346  1.00 23.24 ? 19  LEU A N   1 
ATOM   141  C CA  . LEU A 1 19 ? -19.130 6.894   -6.511  1.00 23.92 ? 19  LEU A CA  1 
ATOM   142  C C   . LEU A 1 19 ? -18.389 6.850   -5.180  1.00 24.42 ? 19  LEU A C   1 
ATOM   143  O O   . LEU A 1 19 ? -18.944 7.215   -4.156  1.00 23.47 ? 19  LEU A O   1 
ATOM   144  C CB  . LEU A 1 19 ? -19.360 8.341   -6.941  1.00 24.70 ? 19  LEU A CB  1 
ATOM   145  C CG  . LEU A 1 19 ? -20.190 8.481   -8.221  1.00 25.29 ? 19  LEU A CG  1 
ATOM   146  C CD1 . LEU A 1 19 ? -20.412 9.980   -8.555  1.00 28.29 ? 19  LEU A CD1 1 
ATOM   147  C CD2 . LEU A 1 19 ? -19.477 7.745   -9.356  1.00 24.88 ? 19  LEU A CD2 1 
ATOM   148  N N   . LYS A 1 20 ? -17.147 6.379   -5.196  1.00 24.36 ? 20  LYS A N   1 
ATOM   149  C CA  . LYS A 1 20 ? -16.330 6.317   -3.985  1.00 24.84 ? 20  LYS A CA  1 
ATOM   150  C C   . LYS A 1 20 ? -14.938 6.867   -4.270  1.00 23.91 ? 20  LYS A C   1 
ATOM   151  O O   . LYS A 1 20 ? -14.538 7.033   -5.415  1.00 24.66 ? 20  LYS A O   1 
ATOM   152  C CB  . LYS A 1 20 ? -16.234 4.878   -3.465  1.00 25.51 ? 20  LYS A CB  1 
ATOM   153  C CG  . LYS A 1 20 ? -17.566 4.188   -3.194  1.00 26.10 ? 20  LYS A CG  1 
ATOM   154  C CD  . LYS A 1 20 ? -18.219 4.694   -1.902  1.00 31.24 ? 20  LYS A CD  1 
ATOM   155  C CE  . LYS A 1 20 ? -19.721 4.372   -1.829  1.00 33.54 ? 20  LYS A CE  1 
ATOM   156  N NZ  . LYS A 1 20 ? -20.355 4.955   -0.599  1.00 33.60 ? 20  LYS A NZ  1 
ATOM   157  N N   . GLU A 1 21 ? -14.204 7.172   -3.207  1.00 23.57 ? 21  GLU A N   1 
ATOM   158  C CA  . GLU A 1 21 ? -12.800 7.516   -3.325  1.00 23.24 ? 21  GLU A CA  1 
ATOM   159  C C   . GLU A 1 21 ? -11.997 6.318   -2.787  1.00 19.53 ? 21  GLU A C   1 
ATOM   160  O O   . GLU A 1 21 ? -12.398 5.708   -1.803  1.00 19.40 ? 21  GLU A O   1 
ATOM   161  C CB  . GLU A 1 21 ? -12.502 8.760   -2.494  1.00 25.42 ? 21  GLU A CB  1 
ATOM   162  C CG  . GLU A 1 21 ? -11.375 9.620   -3.023  1.00 31.89 ? 21  GLU A CG  1 
ATOM   163  C CD  . GLU A 1 21 ? -11.892 10.883  -3.713  1.00 39.36 ? 21  GLU A CD  1 
ATOM   164  O OE1 . GLU A 1 21 ? -12.586 11.678  -3.034  1.00 42.59 ? 21  GLU A OE1 1 
ATOM   165  O OE2 . GLU A 1 21 ? -11.593 11.071  -4.921  1.00 45.24 ? 21  GLU A OE2 1 
ATOM   166  N N   . ALA A 1 22 ? -10.882 6.000   -3.436  1.00 15.17 ? 22  ALA A N   1 
ATOM   167  C CA  . ALA A 1 22 ? -10.041 4.873   -3.034  1.00 12.86 ? 22  ALA A CA  1 
ATOM   168  C C   . ALA A 1 22 ? -8.585  5.214   -3.294  1.00 12.20 ? 22  ALA A C   1 
ATOM   169  O O   . ALA A 1 22 ? -8.271  6.023   -4.172  1.00 10.31 ? 22  ALA A O   1 
ATOM   170  C CB  . ALA A 1 22 ? -10.441 3.624   -3.809  1.00 12.79 ? 22  ALA A CB  1 
ATOM   171  N N   . LEU A 1 23 ? -7.695  4.581   -2.530  1.00 11.29 ? 23  LEU A N   1 
ATOM   172  C CA  . LEU A 1 23 ? -6.274  4.805   -2.631  1.00 11.36 ? 23  LEU A CA  1 
ATOM   173  C C   . LEU A 1 23 ? -5.653  3.828   -3.647  1.00 12.29 ? 23  LEU A C   1 
ATOM   174  O O   . LEU A 1 23 ? -5.907  2.615   -3.610  1.00 14.06 ? 23  LEU A O   1 
ATOM   175  C CB  . LEU A 1 23 ? -5.720  4.619   -1.216  1.00 11.67 ? 23  LEU A CB  1 
ATOM   176  C CG  . LEU A 1 23 ? -4.354  5.050   -0.746  1.00 14.88 ? 23  LEU A CG  1 
ATOM   177  C CD1 . LEU A 1 23 ? -4.213  6.562   -0.788  1.00 14.06 ? 23  LEU A CD1 1 
ATOM   178  C CD2 . LEU A 1 23 ? -4.204  4.472   0.693   1.00 14.20 ? 23  LEU A CD2 1 
ATOM   179  N N   . LEU A 1 24 ? -4.878  4.346   -4.598  1.00 11.50 ? 24  LEU A N   1 
ATOM   180  C CA  . LEU A 1 24 ? -4.131  3.476   -5.508  1.00 10.69 ? 24  LEU A CA  1 
ATOM   181  C C   . LEU A 1 24 ? -2.997  2.912   -4.657  1.00 10.69 ? 24  LEU A C   1 
ATOM   182  O O   . LEU A 1 24 ? -2.155  3.670   -4.151  1.00 11.69 ? 24  LEU A O   1 
ATOM   183  C CB  . LEU A 1 24 ? -3.587  4.245   -6.711  1.00 10.95 ? 24  LEU A CB  1 
ATOM   184  C CG  . LEU A 1 24 ? -4.566  4.899   -7.698  1.00 10.35 ? 24  LEU A CG  1 
ATOM   185  C CD1 . LEU A 1 24 ? -3.732  5.646   -8.734  1.00 12.07 ? 24  LEU A CD1 1 
ATOM   186  C CD2 . LEU A 1 24 ? -5.478  3.895   -8.374  1.00 13.55 ? 24  LEU A CD2 1 
ATOM   187  N N   . ASP A 1 25 ? -2.999  1.600   -4.449  1.00 9.06  ? 25  ASP A N   1 
ATOM   188  C CA  . ASP A 1 25 ? -2.177  1.004   -3.394  1.00 9.18  ? 25  ASP A CA  1 
ATOM   189  C C   . ASP A 1 25 ? -1.353  -0.183  -3.894  1.00 8.61  ? 25  ASP A C   1 
ATOM   190  O O   . ASP A 1 25 ? -1.865  -1.317  -3.947  1.00 8.57  ? 25  ASP A O   1 
ATOM   191  C CB  . ASP A 1 25 ? -3.074  0.557   -2.237  1.00 7.93  ? 25  ASP A CB  1 
ATOM   192  C CG  . ASP A 1 25 ? -2.289  0.100   -1.025  1.00 11.07 ? 25  ASP A CG  1 
ATOM   193  O OD1 . ASP A 1 25 ? -1.041  -0.023  -1.120  1.00 11.53 ? 25  ASP A OD1 1 
ATOM   194  O OD2 . ASP A 1 25 ? -2.931  -0.120  0.030   1.00 10.70 ? 25  ASP A OD2 1 
ATOM   195  N N   . THR A 1 26 ? -0.084  0.089   -4.215  1.00 8.61  ? 26  THR A N   1 
ATOM   196  C CA  . THR A 1 26 ? 0.841   -0.911  -4.786  1.00 8.07  ? 26  THR A CA  1 
ATOM   197  C C   . THR A 1 26 ? 1.240   -1.997  -3.766  1.00 7.87  ? 26  THR A C   1 
ATOM   198  O O   . THR A 1 26 ? 1.603   -3.122  -4.136  1.00 8.47  ? 26  THR A O   1 
ATOM   199  C CB  . THR A 1 26 ? 2.110   -0.254  -5.410  1.00 7.18  ? 26  THR A CB  1 
ATOM   200  O OG1 . THR A 1 26 ? 2.812   0.498   -4.406  1.00 5.13  ? 26  THR A OG1 1 
ATOM   201  C CG2 . THR A 1 26 ? 1.755   0.680   -6.566  1.00 8.50  ? 26  THR A CG2 1 
ATOM   202  N N   . GLY A 1 27 ? 1.130   -1.681  -2.486  1.00 7.57  ? 27  GLY A N   1 
ATOM   203  C CA  . GLY A 1 27 ? 1.328   -2.658  -1.416  1.00 8.25  ? 27  GLY A CA  1 
ATOM   204  C C   . GLY A 1 27 ? 0.175   -3.594  -1.079  1.00 7.93  ? 27  GLY A C   1 
ATOM   205  O O   . GLY A 1 27 ? 0.329   -4.461  -0.202  1.00 7.37  ? 27  GLY A O   1 
ATOM   206  N N   . ALA A 1 28 ? -0.960  -3.449  -1.764  1.00 6.83  ? 28  ALA A N   1 
ATOM   207  C CA  . ALA A 1 28 ? -2.124  -4.313  -1.568  1.00 7.94  ? 28  ALA A CA  1 
ATOM   208  C C   . ALA A 1 28 ? -2.235  -5.272  -2.748  1.00 8.58  ? 28  ALA A C   1 
ATOM   209  O O   . ALA A 1 28 ? -2.314  -4.842  -3.905  1.00 9.97  ? 28  ALA A O   1 
ATOM   210  C CB  . ALA A 1 28 ? -3.434  -3.485  -1.494  1.00 5.52  ? 28  ALA A CB  1 
ATOM   211  N N   . ASP A 1 29 ? -2.294  -6.565  -2.446  1.00 9.63  ? 29  ASP A N   1 
ATOM   212  C CA  . ASP A 1 29 ? -2.544  -7.577  -3.469  1.00 9.40  ? 29  ASP A CA  1 
ATOM   213  C C   . ASP A 1 29 ? -3.957  -7.429  -4.017  1.00 9.64  ? 29  ASP A C   1 
ATOM   214  O O   . ASP A 1 29 ? -4.198  -7.650  -5.208  1.00 9.02  ? 29  ASP A O   1 
ATOM   215  C CB  . ASP A 1 29 ? -2.425  -8.983  -2.880  1.00 10.22 ? 29  ASP A CB  1 
ATOM   216  C CG  . ASP A 1 29 ? -1.039  -9.307  -2.327  1.00 11.02 ? 29  ASP A CG  1 
ATOM   217  O OD1 . ASP A 1 29 ? -0.061  -8.552  -2.530  1.00 10.57 ? 29  ASP A OD1 1 
ATOM   218  O OD2 . ASP A 1 29 ? -0.933  -10.386 -1.700  1.00 10.04 ? 29  ASP A OD2 1 
ATOM   219  N N   . ASP A 1 30 ? -4.895  -7.092  -3.134  1.00 10.34 ? 30  ASP A N   1 
ATOM   220  C CA  . ASP A 1 30 ? -6.316  -7.170  -3.440  1.00 12.06 ? 30  ASP A CA  1 
ATOM   221  C C   . ASP A 1 30 ? -6.973  -5.818  -3.184  1.00 11.65 ? 30  ASP A C   1 
ATOM   222  O O   . ASP A 1 30 ? -6.389  -4.934  -2.534  1.00 13.23 ? 30  ASP A O   1 
ATOM   223  C CB  . ASP A 1 30 ? -7.062  -8.200  -2.578  1.00 11.38 ? 30  ASP A CB  1 
ATOM   224  C CG  . ASP A 1 30 ? -6.368  -9.536  -2.485  1.00 14.82 ? 30  ASP A CG  1 
ATOM   225  O OD1 . ASP A 1 30 ? -6.062  -10.127 -3.542  1.00 13.53 ? 30  ASP A OD1 1 
ATOM   226  O OD2 . ASP A 1 30 ? -6.158  -9.985  -1.329  1.00 16.73 ? 30  ASP A OD2 1 
ATOM   227  N N   . THR A 1 31 ? -8.184  -5.691  -3.719  1.00 11.27 ? 31  THR A N   1 
ATOM   228  C CA  . THR A 1 31 ? -8.976  -4.460  -3.675  1.00 10.68 ? 31  THR A CA  1 
ATOM   229  C C   . THR A 1 31 ? -10.005 -4.606  -2.563  1.00 11.30 ? 31  THR A C   1 
ATOM   230  O O   . THR A 1 31 ? -10.741 -5.599  -2.522  1.00 12.59 ? 31  THR A O   1 
ATOM   231  C CB  . THR A 1 31 ? -9.634  -4.201  -5.056  1.00 10.80 ? 31  THR A CB  1 
ATOM   232  O OG1 . THR A 1 31 ? -8.610  -3.807  -5.971  1.00 10.02 ? 31  THR A OG1 1 
ATOM   233  C CG2 . THR A 1 31 ? -10.683 -3.092  -4.999  1.00 8.62  ? 31  THR A CG2 1 
ATOM   234  N N   . VAL A 1 32 ? -10.022 -3.654  -1.631  1.00 11.48 ? 32  VAL A N   1 
ATOM   235  C CA  . VAL A 1 32 ? -10.875 -3.754  -0.448  1.00 12.29 ? 32  VAL A CA  1 
ATOM   236  C C   . VAL A 1 32 ? -11.593 -2.422  -0.206  1.00 12.86 ? 32  VAL A C   1 
ATOM   237  O O   . VAL A 1 32 ? -10.962 -1.369  -0.079  1.00 11.57 ? 32  VAL A O   1 
ATOM   238  C CB  . VAL A 1 32 ? -10.075 -4.087  0.830   1.00 12.65 ? 32  VAL A CB  1 
ATOM   239  C CG1 . VAL A 1 32 ? -11.030 -4.517  1.951   1.00 10.50 ? 32  VAL A CG1 1 
ATOM   240  C CG2 . VAL A 1 32 ? -9.008  -5.120  0.554   1.00 13.75 ? 32  VAL A CG2 1 
ATOM   241  N N   . LEU A 1 33 ? -12.919 -2.488  -0.146  1.00 13.20 ? 33  LEU A N   1 
ATOM   242  C CA  . LEU A 1 33 ? -13.763 -1.331  0.096   1.00 14.68 ? 33  LEU A CA  1 
ATOM   243  C C   . LEU A 1 33 ? -14.602 -1.528  1.365   1.00 15.02 ? 33  LEU A C   1 
ATOM   244  O O   . LEU A 1 33 ? -14.944 -2.655  1.733   1.00 14.57 ? 33  LEU A O   1 
ATOM   245  C CB  . LEU A 1 33 ? -14.705 -1.123  -1.093  1.00 14.89 ? 33  LEU A CB  1 
ATOM   246  C CG  . LEU A 1 33 ? -14.256 -0.752  -2.518  1.00 17.20 ? 33  LEU A CG  1 
ATOM   247  C CD1 . LEU A 1 33 ? -14.361 0.745   -2.737  1.00 18.88 ? 33  LEU A CD1 1 
ATOM   248  C CD2 . LEU A 1 33 ? -12.879 -1.209  -2.913  1.00 18.32 ? 33  LEU A CD2 1 
ATOM   249  N N   . GLU A 1 34 ? -14.948 -0.429  2.020   1.00 16.05 ? 34  GLU A N   1 
ATOM   250  C CA  . GLU A 1 34 ? -15.733 -0.496  3.245   1.00 17.58 ? 34  GLU A CA  1 
ATOM   251  C C   . GLU A 1 34 ? -17.164 -0.003  3.118   1.00 18.01 ? 34  GLU A C   1 
ATOM   252  O O   . GLU A 1 34 ? -18.079 -0.646  3.638   1.00 18.62 ? 34  GLU A O   1 
ATOM   253  C CB  . GLU A 1 34 ? -15.054 0.307   4.347   1.00 17.91 ? 34  GLU A CB  1 
ATOM   254  C CG  . GLU A 1 34 ? -15.566 -0.048  5.740   1.00 21.06 ? 34  GLU A CG  1 
ATOM   255  C CD  . GLU A 1 34 ? -16.669 0.869   6.230   1.00 24.45 ? 34  GLU A CD  1 
ATOM   256  O OE1 . GLU A 1 34 ? -16.506 2.106   6.106   1.00 25.41 ? 34  GLU A OE1 1 
ATOM   257  O OE2 . GLU A 1 34 ? -17.679 0.346   6.758   1.00 25.70 ? 34  GLU A OE2 1 
ATOM   258  N N   . ASP A 1 35 ? -17.356 1.135   2.456   1.00 18.09 ? 35  ASP A N   1 
ATOM   259  C CA  . ASP A 1 35 ? -18.639 1.862   2.527   1.00 18.74 ? 35  ASP A CA  1 
ATOM   260  C C   . ASP A 1 35 ? -19.549 1.511   1.358   1.00 19.11 ? 35  ASP A C   1 
ATOM   261  O O   . ASP A 1 35 ? -20.107 2.391   0.696   1.00 17.90 ? 35  ASP A O   1 
ATOM   262  C CB  . ASP A 1 35 ? -18.424 3.389   2.626   1.00 18.40 ? 35  ASP A CB  1 
ATOM   263  C CG  . ASP A 1 35 ? -17.381 3.938   1.631   1.00 18.79 ? 35  ASP A CG  1 
ATOM   264  O OD1 . ASP A 1 35 ? -17.273 5.179   1.513   1.00 18.35 ? 35  ASP A OD1 1 
ATOM   265  O OD2 . ASP A 1 35 ? -16.662 3.160   0.963   1.00 17.04 ? 35  ASP A OD2 1 
ATOM   266  N N   . ILE A 1 36 ? -19.705 0.214   1.110   1.00 19.98 ? 36  ILE A N   1 
ATOM   267  C CA  . ILE A 1 36 ? -20.394 -0.220  -0.095  1.00 20.91 ? 36  ILE A CA  1 
ATOM   268  C C   . ILE A 1 36 ? -21.158 -1.525  0.103   1.00 21.91 ? 36  ILE A C   1 
ATOM   269  O O   . ILE A 1 36 ? -20.756 -2.398  0.883   1.00 22.52 ? 36  ILE A O   1 
ATOM   270  C CB  . ILE A 1 36 ? -19.436 -0.297  -1.312  1.00 21.01 ? 36  ILE A CB  1 
ATOM   271  C CG1 . ILE A 1 36 ? -20.222 -0.072  -2.601  1.00 22.50 ? 36  ILE A CG1 1 
ATOM   272  C CG2 . ILE A 1 36 ? -18.658 -1.631  -1.372  1.00 19.98 ? 36  ILE A CG2 1 
ATOM   273  C CD1 . ILE A 1 36 ? -19.343 0.163   -3.792  1.00 23.93 ? 36  ILE A CD1 1 
ATOM   274  N N   . ASN A 1 37 ? -22.282 -1.614  -0.606  1.00 23.24 ? 37  ASN A N   1 
ATOM   275  C CA  . ASN A 1 37 ? -23.183 -2.761  -0.556  1.00 23.99 ? 37  ASN A CA  1 
ATOM   276  C C   . ASN A 1 37 ? -23.356 -3.288  -1.984  1.00 24.31 ? 37  ASN A C   1 
ATOM   277  O O   . ASN A 1 37 ? -24.023 -2.652  -2.802  1.00 25.90 ? 37  ASN A O   1 
ATOM   278  C CB  . ASN A 1 37 ? -24.529 -2.348  0.065   1.00 23.62 ? 37  ASN A CB  1 
ATOM   279  N N   . LEU A 1 38 ? -22.689 -4.402  -2.294  1.00 24.68 ? 38  LEU A N   1 
ATOM   280  C CA  . LEU A 1 38 ? -22.748 -5.023  -3.620  1.00 24.06 ? 38  LEU A CA  1 
ATOM   281  C C   . LEU A 1 38 ? -23.744 -6.179  -3.564  1.00 24.76 ? 38  LEU A C   1 
ATOM   282  O O   . LEU A 1 38 ? -23.867 -6.849  -2.536  1.00 24.67 ? 38  LEU A O   1 
ATOM   283  C CB  . LEU A 1 38 ? -21.381 -5.571  -4.047  1.00 23.71 ? 38  LEU A CB  1 
ATOM   284  C CG  . LEU A 1 38 ? -20.235 -4.580  -4.274  1.00 20.94 ? 38  LEU A CG  1 
ATOM   285  C CD1 . LEU A 1 38 ? -18.886 -5.300  -4.347  1.00 18.63 ? 38  LEU A CD1 1 
ATOM   286  C CD2 . LEU A 1 38 ? -20.498 -3.773  -5.534  1.00 19.87 ? 38  LEU A CD2 1 
ATOM   287  N N   . PRO A 1 39 ? -24.449 -6.426  -4.672  1.00 25.19 ? 39  PRO A N   1 
ATOM   288  C CA  . PRO A 1 39 ? -25.490 -7.449  -4.677  1.00 25.83 ? 39  PRO A CA  1 
ATOM   289  C C   . PRO A 1 39 ? -24.942 -8.840  -4.999  1.00 26.38 ? 39  PRO A C   1 
ATOM   290  O O   . PRO A 1 39 ? -23.802 -8.964  -5.443  1.00 26.21 ? 39  PRO A O   1 
ATOM   291  C CB  . PRO A 1 39 ? -26.413 -6.977  -5.799  1.00 25.65 ? 39  PRO A CB  1 
ATOM   292  C CG  . PRO A 1 39 ? -25.463 -6.340  -6.781  1.00 25.39 ? 39  PRO A CG  1 
ATOM   293  C CD  . PRO A 1 39 ? -24.332 -5.755  -5.979  1.00 25.26 ? 39  PRO A CD  1 
ATOM   294  N N   . GLY A 1 40 ? -25.759 -9.865  -4.775  1.00 27.12 ? 40  GLY A N   1 
ATOM   295  C CA  . GLY A 1 40 ? -25.461 -11.226 -5.217  1.00 27.78 ? 40  GLY A CA  1 
ATOM   296  C C   . GLY A 1 40 ? -24.633 -12.037 -4.237  1.00 28.37 ? 40  GLY A C   1 
ATOM   297  O O   . GLY A 1 40 ? -24.416 -11.621 -3.095  1.00 28.31 ? 40  GLY A O   1 
ATOM   298  N N   . LYS A 1 41 ? -24.170 -13.195 -4.706  1.00 28.78 ? 41  LYS A N   1 
ATOM   299  C CA  . LYS A 1 41 ? -23.435 -14.148 -3.885  1.00 28.65 ? 41  LYS A CA  1 
ATOM   300  C C   . LYS A 1 41 ? -22.023 -13.658 -3.607  1.00 28.80 ? 41  LYS A C   1 
ATOM   301  O O   . LYS A 1 41 ? -21.471 -12.832 -4.333  1.00 28.25 ? 41  LYS A O   1 
ATOM   302  C CB  . LYS A 1 41 ? -23.365 -15.512 -4.583  1.00 28.97 ? 41  LYS A CB  1 
ATOM   303  N N   . TRP A 1 42 ? -21.442 -14.205 -2.549  1.00 29.12 ? 42  TRP A N   1 
ATOM   304  C CA  . TRP A 1 42 ? -20.079 -13.897 -2.149  1.00 29.54 ? 42  TRP A CA  1 
ATOM   305  C C   . TRP A 1 42 ? -19.582 -15.035 -1.258  1.00 29.86 ? 42  TRP A C   1 
ATOM   306  O O   . TRP A 1 42 ? -20.391 -15.806 -0.734  1.00 29.70 ? 42  TRP A O   1 
ATOM   307  C CB  . TRP A 1 42 ? -20.035 -12.562 -1.402  1.00 29.62 ? 42  TRP A CB  1 
ATOM   308  C CG  . TRP A 1 42 ? -21.018 -12.462 -0.275  1.00 30.36 ? 42  TRP A CG  1 
ATOM   309  C CD1 . TRP A 1 42 ? -22.280 -11.937 -0.327  1.00 32.15 ? 42  TRP A CD1 1 
ATOM   310  C CD2 . TRP A 1 42 ? -20.824 -12.902 1.074   1.00 31.54 ? 42  TRP A CD2 1 
ATOM   311  N NE1 . TRP A 1 42 ? -22.882 -12.020 0.909   1.00 32.23 ? 42  TRP A NE1 1 
ATOM   312  C CE2 . TRP A 1 42 ? -22.011 -12.615 1.785   1.00 32.06 ? 42  TRP A CE2 1 
ATOM   313  C CE3 . TRP A 1 42 ? -19.764 -13.513 1.751   1.00 31.56 ? 42  TRP A CE3 1 
ATOM   314  C CZ2 . TRP A 1 42 ? -22.163 -12.914 3.137   1.00 31.67 ? 42  TRP A CZ2 1 
ATOM   315  C CZ3 . TRP A 1 42 ? -19.920 -13.818 3.088   1.00 32.84 ? 42  TRP A CZ3 1 
ATOM   316  C CH2 . TRP A 1 42 ? -21.110 -13.516 3.769   1.00 32.73 ? 42  TRP A CH2 1 
ATOM   317  N N   . LYS A 1 43 ? -18.261 -15.136 -1.104  1.00 29.73 ? 43  LYS A N   1 
ATOM   318  C CA  . LYS A 1 43 ? -17.630 -16.167 -0.278  1.00 29.16 ? 43  LYS A CA  1 
ATOM   319  C C   . LYS A 1 43 ? -16.905 -15.501 0.888   1.00 29.59 ? 43  LYS A C   1 
ATOM   320  O O   . LYS A 1 43 ? -16.355 -14.405 0.732   1.00 28.99 ? 43  LYS A O   1 
ATOM   321  C CB  . LYS A 1 43 ? -16.639 -16.968 -1.122  1.00 29.46 ? 43  LYS A CB  1 
ATOM   322  N N   . PRO A 1 44 ? -16.908 -16.140 2.071   1.00 29.48 ? 44  PRO A N   1 
ATOM   323  C CA  . PRO A 1 44 ? -16.171 -15.567 3.196   1.00 29.49 ? 44  PRO A CA  1 
ATOM   324  C C   . PRO A 1 44 ? -14.663 -15.681 3.012   1.00 29.45 ? 44  PRO A C   1 
ATOM   325  O O   . PRO A 1 44 ? -14.172 -16.618 2.384   1.00 29.14 ? 44  PRO A O   1 
ATOM   326  C CB  . PRO A 1 44 ? -16.630 -16.398 4.402   1.00 29.34 ? 44  PRO A CB  1 
ATOM   327  C CG  . PRO A 1 44 ? -17.731 -17.268 3.918   1.00 29.36 ? 44  PRO A CG  1 
ATOM   328  C CD  . PRO A 1 44 ? -17.581 -17.397 2.443   1.00 29.47 ? 44  PRO A CD  1 
ATOM   329  N N   . LYS A 1 45 ? -13.940 -14.715 3.560   1.00 29.76 ? 45  LYS A N   1 
ATOM   330  C CA  . LYS A 1 45 ? -12.495 -14.681 3.423   1.00 29.91 ? 45  LYS A CA  1 
ATOM   331  C C   . LYS A 1 45 ? -11.934 -13.762 4.493   1.00 29.88 ? 45  LYS A C   1 
ATOM   332  O O   . LYS A 1 45 ? -12.630 -12.866 4.974   1.00 28.88 ? 45  LYS A O   1 
ATOM   333  C CB  . LYS A 1 45 ? -12.111 -14.171 2.029   1.00 30.33 ? 45  LYS A CB  1 
ATOM   334  C CG  . LYS A 1 45 ? -10.639 -14.311 1.691   1.00 30.78 ? 45  LYS A CG  1 
ATOM   335  C CD  . LYS A 1 45 ? -10.323 -13.760 0.311   1.00 32.76 ? 45  LYS A CD  1 
ATOM   336  C CE  . LYS A 1 45 ? -8.914  -13.175 0.251   1.00 33.17 ? 45  LYS A CE  1 
ATOM   337  N NZ  . LYS A 1 45 ? -8.444  -12.913 -1.138  1.00 33.99 ? 45  LYS A NZ  1 
ATOM   338  N N   . MET A 1 46 ? -10.684 -14.010 4.875   1.00 29.89 ? 46  MET A N   1 
ATOM   339  C CA  . MET A 1 46 ? -9.958  -13.112 5.767   1.00 30.30 ? 46  MET A CA  1 
ATOM   340  C C   . MET A 1 46 ? -8.690  -12.630 5.081   1.00 29.28 ? 46  MET A C   1 
ATOM   341  O O   . MET A 1 46 ? -8.038  -13.394 4.357   1.00 30.02 ? 46  MET A O   1 
ATOM   342  C CB  . MET A 1 46 ? -9.596  -13.810 7.074   1.00 30.63 ? 46  MET A CB  1 
ATOM   343  C CG  . MET A 1 46 ? -10.685 -14.746 7.572   1.00 33.85 ? 46  MET A CG  1 
ATOM   344  S SD  . MET A 1 46 ? -10.922 -14.581 9.338   1.00 40.34 ? 46  MET A SD  1 
ATOM   345  C CE  . MET A 1 46 ? -9.241  -14.795 9.917   1.00 38.54 ? 46  MET A CE  1 
ATOM   346  N N   . ILE A 1 47 ? -8.362  -11.361 5.310   1.00 27.85 ? 47  ILE A N   1 
ATOM   347  C CA  . ILE A 1 47 ? -7.099  -10.785 4.857   1.00 27.14 ? 47  ILE A CA  1 
ATOM   348  C C   . ILE A 1 47 ? -6.368  -10.115 6.014   1.00 27.08 ? 47  ILE A C   1 
ATOM   349  O O   . ILE A 1 47 ? -6.990  -9.517  6.898   1.00 26.89 ? 47  ILE A O   1 
ATOM   350  C CB  . ILE A 1 47 ? -7.301  -9.770  3.715   1.00 26.06 ? 47  ILE A CB  1 
ATOM   351  C CG1 . ILE A 1 47 ? -8.064  -8.529  4.182   1.00 26.09 ? 47  ILE A CG1 1 
ATOM   352  C CG2 . ILE A 1 47 ? -8.038  -10.426 2.562   1.00 26.74 ? 47  ILE A CG2 1 
ATOM   353  C CD1 . ILE A 1 47 ? -8.386  -7.594  3.048   1.00 23.24 ? 47  ILE A CD1 1 
ATOM   354  N N   . GLY A 1 48 ? -5.045  -10.193 6.003   1.00 27.39 ? 48  GLY A N   1 
ATOM   355  C CA  . GLY A 1 48 ? -4.252  -9.577  7.065   1.00 27.27 ? 48  GLY A CA  1 
ATOM   356  C C   . GLY A 1 48 ? -3.489  -8.349  6.607   1.00 27.52 ? 48  GLY A C   1 
ATOM   357  O O   . GLY A 1 48 ? -3.065  -8.254  5.463   1.00 28.04 ? 48  GLY A O   1 
ATOM   358  N N   . GLY A 1 49 ? -3.291  -7.409  7.517   1.00 27.73 ? 49  GLY A N   1 
ATOM   359  C CA  . GLY A 1 49 ? -2.445  -6.265  7.245   1.00 28.27 ? 49  GLY A CA  1 
ATOM   360  C C   . GLY A 1 49 ? -1.641  -5.912  8.473   1.00 28.98 ? 49  GLY A C   1 
ATOM   361  O O   . GLY A 1 49 ? -1.366  -6.761  9.308   1.00 28.32 ? 49  GLY A O   1 
ATOM   362  N N   . ILE A 1 50 ? -1.277  -4.639  8.577   1.00 30.27 ? 50  ILE A N   1 
ATOM   363  C CA  . ILE A 1 50 ? -0.692  -4.100  9.791   1.00 31.25 ? 50  ILE A CA  1 
ATOM   364  C C   . ILE A 1 50 ? -1.804  -4.056  10.840  1.00 32.14 ? 50  ILE A C   1 
ATOM   365  O O   . ILE A 1 50 ? -2.839  -3.440  10.630  1.00 35.02 ? 50  ILE A O   1 
ATOM   366  C CB  . ILE A 1 50 ? -0.096  -2.697  9.514   1.00 31.48 ? 50  ILE A CB  1 
ATOM   367  C CG1 . ILE A 1 50 ? 1.387   -2.824  9.192   1.00 30.76 ? 50  ILE A CG1 1 
ATOM   368  C CG2 . ILE A 1 50 ? -0.251  -1.735  10.690  1.00 32.58 ? 50  ILE A CG2 1 
ATOM   369  C CD1 . ILE A 1 50 ? 2.068   -1.506  8.947   1.00 31.06 ? 50  ILE A CD1 1 
ATOM   370  N N   . GLY A 1 51 ? -1.602  -4.716  11.968  1.00 32.41 ? 51  GLY A N   1 
ATOM   371  C CA  . GLY A 1 51 ? -2.611  -4.724  13.012  1.00 31.50 ? 51  GLY A CA  1 
ATOM   372  C C   . GLY A 1 51 ? -3.308  -6.076  13.047  1.00 30.91 ? 51  GLY A C   1 
ATOM   373  O O   . GLY A 1 51 ? -4.065  -6.351  13.975  1.00 33.17 ? 51  GLY A O   1 
ATOM   374  N N   . GLY A 1 52 ? -3.068  -6.918  12.046  1.00 27.98 ? 52  GLY A N   1 
ATOM   375  C CA  . GLY A 1 52 ? -3.690  -8.236  12.000  1.00 26.08 ? 52  GLY A CA  1 
ATOM   376  C C   . GLY A 1 52 ? -4.731  -8.318  10.905  1.00 24.16 ? 52  GLY A C   1 
ATOM   377  O O   . GLY A 1 52 ? -4.585  -7.701  9.858   1.00 22.74 ? 52  GLY A O   1 
ATOM   378  N N   . PHE A 1 53 ? -5.811  -9.037  11.181  1.00 22.55 ? 53  PHE A N   1 
ATOM   379  C CA  . PHE A 1 53 ? -6.721  -9.483  10.146  1.00 22.16 ? 53  PHE A CA  1 
ATOM   380  C C   . PHE A 1 53 ? -8.135  -8.953  10.303  1.00 20.98 ? 53  PHE A C   1 
ATOM   381  O O   . PHE A 1 53 ? -8.571  -8.606  11.394  1.00 20.76 ? 53  PHE A O   1 
ATOM   382  C CB  . PHE A 1 53 ? -6.781  -11.011 10.125  1.00 22.38 ? 53  PHE A CB  1 
ATOM   383  C CG  . PHE A 1 53 ? -7.660  -11.614 11.199  1.00 24.55 ? 53  PHE A CG  1 
ATOM   384  C CD1 . PHE A 1 53 ? -7.144  -11.934 12.451  1.00 25.29 ? 53  PHE A CD1 1 
ATOM   385  C CD2 . PHE A 1 53 ? -9.000  -11.892 10.946  1.00 27.42 ? 53  PHE A CD2 1 
ATOM   386  C CE1 . PHE A 1 53 ? -7.945  -12.512 13.441  1.00 26.23 ? 53  PHE A CE1 1 
ATOM   387  C CE2 . PHE A 1 53 ? -9.812  -12.462 11.935  1.00 27.47 ? 53  PHE A CE2 1 
ATOM   388  C CZ  . PHE A 1 53 ? -9.274  -12.778 13.183  1.00 27.61 ? 53  PHE A CZ  1 
ATOM   389  N N   . ILE A 1 54 ? -8.839  -8.918  9.179   1.00 20.00 ? 54  ILE A N   1 
ATOM   390  C CA  . ILE A 1 54 ? -10.260 -8.612  9.155   1.00 19.17 ? 54  ILE A CA  1 
ATOM   391  C C   . ILE A 1 54 ? -10.963 -9.644  8.263   1.00 18.90 ? 54  ILE A C   1 
ATOM   392  O O   . ILE A 1 54 ? -10.382 -10.151 7.298   1.00 18.82 ? 54  ILE A O   1 
ATOM   393  C CB  . ILE A 1 54 ? -10.541 -7.175  8.639   1.00 19.24 ? 54  ILE A CB  1 
ATOM   394  C CG1 . ILE A 1 54 ? -9.985  -6.971  7.223   1.00 18.27 ? 54  ILE A CG1 1 
ATOM   395  C CG2 . ILE A 1 54 ? -9.985  -6.117  9.609   1.00 16.04 ? 54  ILE A CG2 1 
ATOM   396  C CD1 . ILE A 1 54 ? -10.727 -5.898  6.428   1.00 18.01 ? 54  ILE A CD1 1 
ATOM   397  N N   . LYS A 1 55 ? -12.210 -9.951  8.604   1.00 18.39 ? 55  LYS A N   1 
ATOM   398  C CA  . LYS A 1 55 ? -13.064 -10.797 7.777   1.00 17.36 ? 55  LYS A CA  1 
ATOM   399  C C   . LYS A 1 55 ? -13.685 -9.916  6.689   1.00 16.69 ? 55  LYS A C   1 
ATOM   400  O O   . LYS A 1 55 ? -14.145 -8.811  6.963   1.00 13.90 ? 55  LYS A O   1 
ATOM   401  C CB  . LYS A 1 55 ? -14.162 -11.442 8.635   1.00 18.13 ? 55  LYS A CB  1 
ATOM   402  N N   . VAL A 1 56 ? -13.687 -10.409 5.455   1.00 16.39 ? 56  VAL A N   1 
ATOM   403  C CA  . VAL A 1 56 ? -14.279 -9.673  4.335   1.00 16.56 ? 56  VAL A CA  1 
ATOM   404  C C   . VAL A 1 56 ? -15.240 -10.548 3.522   1.00 16.19 ? 56  VAL A C   1 
ATOM   405  O O   . VAL A 1 56 ? -15.150 -11.780 3.539   1.00 16.69 ? 56  VAL A O   1 
ATOM   406  C CB  . VAL A 1 56 ? -13.190 -9.132  3.383   1.00 16.63 ? 56  VAL A CB  1 
ATOM   407  C CG1 . VAL A 1 56 ? -12.204 -8.202  4.129   1.00 16.04 ? 56  VAL A CG1 1 
ATOM   408  C CG2 . VAL A 1 56 ? -12.458 -10.282 2.697   1.00 15.61 ? 56  VAL A CG2 1 
ATOM   409  N N   . ARG A 1 57 ? -16.158 -9.910  2.805   1.00 15.81 ? 57  ARG A N   1 
ATOM   410  C CA  . ARG A 1 57 ? -16.919 -10.618 1.794   1.00 16.29 ? 57  ARG A CA  1 
ATOM   411  C C   . ARG A 1 57 ? -16.161 -10.524 0.484   1.00 16.26 ? 57  ARG A C   1 
ATOM   412  O O   . ARG A 1 57 ? -15.740 -9.443  0.080   1.00 15.51 ? 57  ARG A O   1 
ATOM   413  C CB  . ARG A 1 57 ? -18.309 -10.012 1.626   1.00 16.66 ? 57  ARG A CB  1 
ATOM   414  C CG  . ARG A 1 57 ? -19.161 -10.078 2.876   1.00 17.98 ? 57  ARG A CG  1 
ATOM   415  C CD  . ARG A 1 57 ? -20.550 -9.524  2.588   1.00 18.66 ? 57  ARG A CD  1 
ATOM   416  N NE  . ARG A 1 57 ? -21.484 -9.780  3.677   1.00 18.51 ? 57  ARG A NE  1 
ATOM   417  C CZ  . ARG A 1 57 ? -22.762 -9.418  3.670   1.00 18.48 ? 57  ARG A CZ  1 
ATOM   418  N NH1 . ARG A 1 57 ? -23.281 -8.773  2.632   1.00 17.76 ? 57  ARG A NH1 1 
ATOM   419  N NH2 . ARG A 1 57 ? -23.525 -9.703  4.714   1.00 19.74 ? 57  ARG A NH2 1 
ATOM   420  N N   . GLN A 1 58 ? -15.975 -11.667 -0.165  1.00 16.20 ? 58  GLN A N   1 
ATOM   421  C CA  . GLN A 1 58 ? -15.324 -11.711 -1.460  1.00 16.36 ? 58  GLN A CA  1 
ATOM   422  C C   . GLN A 1 58 ? -16.366 -11.779 -2.562  1.00 16.05 ? 58  GLN A C   1 
ATOM   423  O O   . GLN A 1 58 ? -17.133 -12.744 -2.647  1.00 15.30 ? 58  GLN A O   1 
ATOM   424  C CB  . GLN A 1 58 ? -14.410 -12.930 -1.558  1.00 16.57 ? 58  GLN A CB  1 
ATOM   425  C CG  . GLN A 1 58 ? -13.706 -13.036 -2.898  1.00 17.32 ? 58  GLN A CG  1 
ATOM   426  C CD  . GLN A 1 58 ? -12.853 -14.275 -3.011  1.00 16.75 ? 58  GLN A CD  1 
ATOM   427  O OE1 . GLN A 1 58 ? -12.248 -14.714 -2.043  1.00 19.72 ? 58  GLN A OE1 1 
ATOM   428  N NE2 . GLN A 1 58 ? -12.809 -14.849 -4.204  1.00 20.73 ? 58  GLN A NE2 1 
ATOM   429  N N   . TYR A 1 59 ? -16.376 -10.747 -3.398  1.00 16.35 ? 59  TYR A N   1 
ATOM   430  C CA  . TYR A 1 59 ? -17.259 -10.667 -4.553  1.00 15.59 ? 59  TYR A CA  1 
ATOM   431  C C   . TYR A 1 59 ? -16.395 -10.800 -5.800  1.00 15.43 ? 59  TYR A C   1 
ATOM   432  O O   . TYR A 1 59 ? -15.423 -10.059 -5.984  1.00 13.97 ? 59  TYR A O   1 
ATOM   433  C CB  . TYR A 1 59 ? -18.019 -9.325  -4.590  1.00 16.57 ? 59  TYR A CB  1 
ATOM   434  C CG  . TYR A 1 59 ? -19.079 -9.164  -3.511  1.00 15.13 ? 59  TYR A CG  1 
ATOM   435  C CD1 . TYR A 1 59 ? -18.736 -8.688  -2.245  1.00 15.02 ? 59  TYR A CD1 1 
ATOM   436  C CD2 . TYR A 1 59 ? -20.408 -9.509  -3.749  1.00 15.39 ? 59  TYR A CD2 1 
ATOM   437  C CE1 . TYR A 1 59 ? -19.680 -8.544  -1.258  1.00 14.22 ? 59  TYR A CE1 1 
ATOM   438  C CE2 . TYR A 1 59 ? -21.368 -9.373  -2.763  1.00 14.65 ? 59  TYR A CE2 1 
ATOM   439  C CZ  . TYR A 1 59 ? -20.996 -8.892  -1.518  1.00 15.17 ? 59  TYR A CZ  1 
ATOM   440  O OH  . TYR A 1 59 ? -21.939 -8.752  -0.525  1.00 15.12 ? 59  TYR A OH  1 
ATOM   441  N N   . ASP A 1 60 ? -16.771 -11.735 -6.665  1.00 14.66 ? 60  ASP A N   1 
ATOM   442  C CA  . ASP A 1 60 ? -16.024 -11.988 -7.888  1.00 14.40 ? 60  ASP A CA  1 
ATOM   443  C C   . ASP A 1 60 ? -16.628 -11.308 -9.108  1.00 12.86 ? 60  ASP A C   1 
ATOM   444  O O   . ASP A 1 60 ? -17.825 -11.013 -9.155  1.00 12.95 ? 60  ASP A O   1 
ATOM   445  C CB  . ASP A 1 60 ? -15.899 -13.494 -8.119  1.00 15.47 ? 60  ASP A CB  1 
ATOM   446  C CG  . ASP A 1 60 ? -15.043 -14.162 -7.057  1.00 16.32 ? 60  ASP A CG  1 
ATOM   447  O OD1 . ASP A 1 60 ? -14.089 -13.512 -6.580  1.00 19.42 ? 60  ASP A OD1 1 
ATOM   448  O OD2 . ASP A 1 60 ? -15.342 -15.320 -6.700  1.00 19.05 ? 60  ASP A OD2 1 
ATOM   449  N N   . GLN A 1 61 ? -15.771 -11.041 -10.086 1.00 11.25 ? 61  GLN A N   1 
ATOM   450  C CA  . GLN A 1 61 ? -16.185 -10.501 -11.363 1.00 10.45 ? 61  GLN A CA  1 
ATOM   451  C C   . GLN A 1 61 ? -17.005 -9.225  -11.169 1.00 10.06 ? 61  GLN A C   1 
ATOM   452  O O   . GLN A 1 61 ? -18.091 -9.094  -11.711 1.00 10.22 ? 61  GLN A O   1 
ATOM   453  C CB  . GLN A 1 61 ? -16.971 -11.564 -12.148 1.00 10.17 ? 61  GLN A CB  1 
ATOM   454  N N   . ILE A 1 62 ? -16.467 -8.291  -10.393 1.00 9.53  ? 62  ILE A N   1 
ATOM   455  C CA  . ILE A 1 62 ? -17.098 -6.985  -10.172 1.00 9.11  ? 62  ILE A CA  1 
ATOM   456  C C   . ILE A 1 62 ? -16.516 -5.930  -11.105 1.00 8.67  ? 62  ILE A C   1 
ATOM   457  O O   . ILE A 1 62 ? -15.298 -5.804  -11.206 1.00 6.37  ? 62  ILE A O   1 
ATOM   458  C CB  . ILE A 1 62 ? -16.852 -6.507  -8.715  1.00 8.66  ? 62  ILE A CB  1 
ATOM   459  C CG1 . ILE A 1 62 ? -17.495 -7.498  -7.737  1.00 8.54  ? 62  ILE A CG1 1 
ATOM   460  C CG2 . ILE A 1 62 ? -17.419 -5.083  -8.498  1.00 9.10  ? 62  ILE A CG2 1 
ATOM   461  C CD1 . ILE A 1 62 ? -19.001 -7.617  -7.879  1.00 9.44  ? 62  ILE A CD1 1 
ATOM   462  N N   . LEU A 1 63 ? -17.376 -5.140  -11.739 1.00 9.50  ? 63  LEU A N   1 
ATOM   463  C CA  . LEU A 1 63 ? -16.916 -4.059  -12.606 1.00 9.66  ? 63  LEU A CA  1 
ATOM   464  C C   . LEU A 1 63 ? -16.583 -2.815  -11.798 1.00 11.29 ? 63  LEU A C   1 
ATOM   465  O O   . LEU A 1 63 ? -17.381 -2.369  -10.982 1.00 11.93 ? 63  LEU A O   1 
ATOM   466  C CB  . LEU A 1 63 ? -17.990 -3.706  -13.641 1.00 10.27 ? 63  LEU A CB  1 
ATOM   467  C CG  . LEU A 1 63 ? -17.720 -2.537  -14.582 1.00 9.12  ? 63  LEU A CG  1 
ATOM   468  C CD1 . LEU A 1 63 ? -16.552 -2.792  -15.571 1.00 6.98  ? 63  LEU A CD1 1 
ATOM   469  C CD2 . LEU A 1 63 ? -19.008 -2.218  -15.347 1.00 9.85  ? 63  LEU A CD2 1 
ATOM   470  N N   . ILE A 1 64 ? -15.418 -2.233  -12.054 1.00 12.39 ? 64  ILE A N   1 
ATOM   471  C CA  . ILE A 1 64 ? -15.078 -0.944  -11.475 1.00 13.65 ? 64  ILE A CA  1 
ATOM   472  C C   . ILE A 1 64 ? -14.531 -0.026  -12.559 1.00 13.31 ? 64  ILE A C   1 
ATOM   473  O O   . ILE A 1 64 ? -13.998 -0.484  -13.572 1.00 13.79 ? 64  ILE A O   1 
ATOM   474  C CB  . ILE A 1 64 ? -14.097 -1.045  -10.273 1.00 13.76 ? 64  ILE A CB  1 
ATOM   475  C CG1 . ILE A 1 64 ? -12.652 -1.282  -10.725 1.00 15.42 ? 64  ILE A CG1 1 
ATOM   476  C CG2 . ILE A 1 64 ? -14.533 -2.139  -9.320  1.00 14.37 ? 64  ILE A CG2 1 
ATOM   477  C CD1 . ILE A 1 64 ? -11.610 -1.012  -9.604  1.00 15.87 ? 64  ILE A CD1 1 
ATOM   478  N N   . GLU A 1 65 ? -14.711 1.270   -12.349 1.00 14.06 ? 65  GLU A N   1 
ATOM   479  C CA  . GLU A 1 65 ? -14.200 2.284   -13.256 1.00 15.66 ? 65  GLU A CA  1 
ATOM   480  C C   . GLU A 1 65 ? -13.365 3.253   -12.423 1.00 16.38 ? 65  GLU A C   1 
ATOM   481  O O   . GLU A 1 65 ? -13.879 3.880   -11.502 1.00 15.49 ? 65  GLU A O   1 
ATOM   482  C CB  . GLU A 1 65 ? -15.391 2.978   -13.929 1.00 16.02 ? 65  GLU A CB  1 
ATOM   483  C CG  . GLU A 1 65 ? -15.073 3.615   -15.237 1.00 17.78 ? 65  GLU A CG  1 
ATOM   484  C CD  . GLU A 1 65 ? -16.307 4.209   -15.893 1.00 20.89 ? 65  GLU A CD  1 
ATOM   485  O OE1 . GLU A 1 65 ? -17.391 3.583   -15.826 1.00 20.40 ? 65  GLU A OE1 1 
ATOM   486  O OE2 . GLU A 1 65 ? -16.181 5.303   -16.478 1.00 24.28 ? 65  GLU A OE2 1 
ATOM   487  N N   . ILE A 1 66 ? -12.063 3.322   -12.699 1.00 17.70 ? 66  ILE A N   1 
ATOM   488  C CA  . ILE A 1 66 ? -11.122 4.076   -11.850 1.00 18.02 ? 66  ILE A CA  1 
ATOM   489  C C   . ILE A 1 66 ? -10.468 5.113   -12.740 1.00 18.95 ? 66  ILE A C   1 
ATOM   490  O O   . ILE A 1 66 ? -9.805  4.760   -13.720 1.00 19.10 ? 66  ILE A O   1 
ATOM   491  C CB  . ILE A 1 66 ? -10.061 3.165   -11.181 1.00 18.49 ? 66  ILE A CB  1 
ATOM   492  N N   . CYS A 1 67 ? -10.696 6.391   -12.430 1.00 20.05 ? 67  CYS A N   1 
ATOM   493  C CA  . CYS A 1 67 ? -10.372 7.480   -13.355 1.00 20.87 ? 67  CYS A CA  1 
ATOM   494  C C   . CYS A 1 67 ? -10.907 7.174   -14.778 1.00 21.29 ? 67  CYS A C   1 
ATOM   495  O O   . CYS A 1 67 ? -10.242 7.463   -15.784 1.00 21.41 ? 67  CYS A O   1 
ATOM   496  C CB  . CYS A 1 67 ? -8.851  7.750   -13.353 1.00 21.04 ? 67  CYS A CB  1 
ATOM   497  S SG  . CYS A 1 67 ? -8.324  9.489   -13.405 1.00 21.22 ? 67  CYS A SG  1 
ATOM   498  N N   . GLY A 1 68 ? -12.109 6.600   -14.859 1.00 21.17 ? 68  GLY A N   1 
ATOM   499  C CA  . GLY A 1 68 ? -12.754 6.338   -16.144 1.00 21.67 ? 68  GLY A CA  1 
ATOM   500  C C   . GLY A 1 68 ? -12.068 5.279   -16.996 1.00 21.97 ? 68  GLY A C   1 
ATOM   501  O O   . GLY A 1 68 ? -12.084 5.353   -18.226 1.00 22.80 ? 68  GLY A O   1 
ATOM   502  N N   . LYS A 1 69 ? -11.428 4.312   -16.347 1.00 21.86 ? 69  LYS A N   1 
ATOM   503  C CA  . LYS A 1 69 ? -10.846 3.156   -17.038 1.00 20.66 ? 69  LYS A CA  1 
ATOM   504  C C   . LYS A 1 69 ? -11.498 1.962   -16.375 1.00 19.72 ? 69  LYS A C   1 
ATOM   505  O O   . LYS A 1 69 ? -11.549 1.884   -15.149 1.00 20.55 ? 69  LYS A O   1 
ATOM   506  C CB  . LYS A 1 69 ? -9.327  3.093   -16.836 1.00 20.46 ? 69  LYS A CB  1 
ATOM   507  N N   . LYS A 1 70 ? -11.973 1.021   -17.170 1.00 19.17 ? 70  LYS A N   1 
ATOM   508  C CA  . LYS A 1 70 ? -12.735 -0.100  -16.647 1.00 18.25 ? 70  LYS A CA  1 
ATOM   509  C C   . LYS A 1 70 ? -11.838 -1.283  -16.273 1.00 17.63 ? 70  LYS A C   1 
ATOM   510  O O   . LYS A 1 70 ? -10.790 -1.521  -16.874 1.00 17.62 ? 70  LYS A O   1 
ATOM   511  C CB  . LYS A 1 70 ? -13.827 -0.512  -17.639 1.00 18.40 ? 70  LYS A CB  1 
ATOM   512  C CG  . LYS A 1 70 ? -14.865 0.565   -17.887 1.00 18.93 ? 70  LYS A CG  1 
ATOM   513  C CD  . LYS A 1 70 ? -15.958 0.058   -18.825 1.00 22.91 ? 70  LYS A CD  1 
ATOM   514  C CE  . LYS A 1 70 ? -16.684 1.193   -19.548 1.00 24.64 ? 70  LYS A CE  1 
ATOM   515  N NZ  . LYS A 1 70 ? -17.157 2.240   -18.595 1.00 25.21 ? 70  LYS A NZ  1 
ATOM   516  N N   . ALA A 1 71 ? -12.245 -1.991  -15.231 1.00 16.05 ? 71  ALA A N   1 
ATOM   517  C CA  . ALA A 1 71 ? -11.600 -3.217  -14.834 1.00 16.17 ? 71  ALA A CA  1 
ATOM   518  C C   . ALA A 1 71 ? -12.691 -4.098  -14.257 1.00 15.84 ? 71  ALA A C   1 
ATOM   519  O O   . ALA A 1 71 ? -13.691 -3.616  -13.730 1.00 15.54 ? 71  ALA A O   1 
ATOM   520  C CB  . ALA A 1 71 ? -10.492 -2.949  -13.793 1.00 15.40 ? 71  ALA A CB  1 
ATOM   521  N N   . ILE A 1 72 ? -12.497 -5.399  -14.378 1.00 16.37 ? 72  ILE A N   1 
ATOM   522  C CA  . ILE A 1 72 ? -13.417 -6.352  -13.804 1.00 17.25 ? 72  ILE A CA  1 
ATOM   523  C C   . ILE A 1 72 ? -12.590 -7.322  -12.980 1.00 17.29 ? 72  ILE A C   1 
ATOM   524  O O   . ILE A 1 72 ? -11.566 -7.843  -13.438 1.00 15.64 ? 72  ILE A O   1 
ATOM   525  C CB  . ILE A 1 72 ? -14.207 -7.071  -14.901 1.00 18.14 ? 72  ILE A CB  1 
ATOM   526  C CG1 . ILE A 1 72 ? -15.134 -8.140  -14.316 1.00 19.85 ? 72  ILE A CG1 1 
ATOM   527  C CG2 . ILE A 1 72 ? -13.263 -7.659  -15.930 1.00 19.23 ? 72  ILE A CG2 1 
ATOM   528  C CD1 . ILE A 1 72 ? -16.330 -8.423  -15.235 1.00 23.11 ? 72  ILE A CD1 1 
ATOM   529  N N   . GLY A 1 73 ? -13.002 -7.534  -11.738 1.00 17.04 ? 73  GLY A N   1 
ATOM   530  C CA  . GLY A 1 73 ? -12.269 -8.458  -10.902 1.00 16.22 ? 73  GLY A CA  1 
ATOM   531  C C   . GLY A 1 73 ? -12.852 -8.583  -9.516  1.00 16.08 ? 73  GLY A C   1 
ATOM   532  O O   . GLY A 1 73 ? -13.968 -8.131  -9.237  1.00 15.40 ? 73  GLY A O   1 
ATOM   533  N N   . THR A 1 74 ? -12.065 -9.208  -8.648  1.00 14.63 ? 74  THR A N   1 
ATOM   534  C CA  . THR A 1 74 ? -12.498 -9.450  -7.293  1.00 14.61 ? 74  THR A CA  1 
ATOM   535  C C   . THR A 1 74 ? -12.429 -8.165  -6.502  1.00 13.96 ? 74  THR A C   1 
ATOM   536  O O   . THR A 1 74 ? -11.457 -7.415  -6.583  1.00 14.57 ? 74  THR A O   1 
ATOM   537  C CB  . THR A 1 74 ? -11.658 -10.539 -6.609  1.00 14.46 ? 74  THR A CB  1 
ATOM   538  O OG1 . THR A 1 74 ? -11.836 -11.768 -7.321  1.00 13.78 ? 74  THR A OG1 1 
ATOM   539  C CG2 . THR A 1 74 ? -12.093 -10.719 -5.174  1.00 15.30 ? 74  THR A CG2 1 
ATOM   540  N N   . VAL A 1 75 ? -13.487 -7.936  -5.741  1.00 13.73 ? 75  VAL A N   1 
ATOM   541  C CA  . VAL A 1 75 ? -13.559 -6.837  -4.812  1.00 13.78 ? 75  VAL A CA  1 
ATOM   542  C C   . VAL A 1 75 ? -13.917 -7.442  -3.456  1.00 13.81 ? 75  VAL A C   1 
ATOM   543  O O   . VAL A 1 75 ? -14.891 -8.204  -3.330  1.00 13.25 ? 75  VAL A O   1 
ATOM   544  C CB  . VAL A 1 75 ? -14.616 -5.804  -5.258  1.00 14.47 ? 75  VAL A CB  1 
ATOM   545  C CG1 . VAL A 1 75 ? -14.926 -4.822  -4.137  1.00 13.76 ? 75  VAL A CG1 1 
ATOM   546  C CG2 . VAL A 1 75 ? -14.135 -5.050  -6.519  1.00 14.13 ? 75  VAL A CG2 1 
ATOM   547  N N   . LEU A 1 76 ? -13.104 -7.106  -2.462  1.00 13.35 ? 76  LEU A N   1 
ATOM   548  C CA  . LEU A 1 76 ? -13.340 -7.491  -1.082  1.00 13.08 ? 76  LEU A CA  1 
ATOM   549  C C   . LEU A 1 76 ? -14.079 -6.357  -0.365  1.00 12.95 ? 76  LEU A C   1 
ATOM   550  O O   . LEU A 1 76 ? -13.708 -5.173  -0.496  1.00 12.84 ? 76  LEU A O   1 
ATOM   551  C CB  . LEU A 1 76 ? -12.005 -7.802  -0.390  1.00 13.74 ? 76  LEU A CB  1 
ATOM   552  C CG  . LEU A 1 76 ? -11.093 -8.810  -1.084  1.00 11.74 ? 76  LEU A CG  1 
ATOM   553  C CD1 . LEU A 1 76 ? -9.808  -9.097  -0.271  1.00 9.76  ? 76  LEU A CD1 1 
ATOM   554  C CD2 . LEU A 1 76 ? -11.889 -10.092 -1.364  1.00 12.61 ? 76  LEU A CD2 1 
ATOM   555  N N   . VAL A 1 77 ? -15.146 -6.718  0.355   1.00 12.79 ? 77  VAL A N   1 
ATOM   556  C CA  . VAL A 1 77 ? -15.954 -5.766  1.121   1.00 13.02 ? 77  VAL A CA  1 
ATOM   557  C C   . VAL A 1 77 ? -15.888 -6.081  2.613   1.00 14.02 ? 77  VAL A C   1 
ATOM   558  O O   . VAL A 1 77 ? -16.190 -7.200  3.040   1.00 13.21 ? 77  VAL A O   1 
ATOM   559  C CB  . VAL A 1 77 ? -17.433 -5.770  0.671   1.00 13.22 ? 77  VAL A CB  1 
ATOM   560  C CG1 . VAL A 1 77 ? -18.176 -4.622  1.323   1.00 12.21 ? 77  VAL A CG1 1 
ATOM   561  C CG2 . VAL A 1 77 ? -17.534 -5.679  -0.853  1.00 12.65 ? 77  VAL A CG2 1 
ATOM   562  N N   . GLY A 1 78 ? -15.477 -5.097  3.405   1.00 13.75 ? 78  GLY A N   1 
ATOM   563  C CA  . GLY A 1 78 ? -15.241 -5.331  4.823   1.00 14.86 ? 78  GLY A CA  1 
ATOM   564  C C   . GLY A 1 78 ? -14.687 -4.104  5.521   1.00 14.95 ? 78  GLY A C   1 
ATOM   565  O O   . GLY A 1 78 ? -14.472 -3.068  4.889   1.00 15.26 ? 78  GLY A O   1 
ATOM   566  N N   . PRO A 1 79 ? -14.417 -4.223  6.827   1.00 15.72 ? 79  PRO A N   1 
ATOM   567  C CA  . PRO A 1 79 ? -14.102 -3.061  7.651   1.00 15.37 ? 79  PRO A CA  1 
ATOM   568  C C   . PRO A 1 79 ? -12.669 -2.555  7.510   1.00 15.30 ? 79  PRO A C   1 
ATOM   569  O O   . PRO A 1 79 ? -11.978 -2.368  8.514   1.00 17.05 ? 79  PRO A O   1 
ATOM   570  C CB  . PRO A 1 79 ? -14.363 -3.578  9.064   1.00 15.74 ? 79  PRO A CB  1 
ATOM   571  C CG  . PRO A 1 79 ? -13.974 -5.039  8.973   1.00 15.75 ? 79  PRO A CG  1 
ATOM   572  C CD  . PRO A 1 79 ? -14.423 -5.474  7.612   1.00 15.65 ? 79  PRO A CD  1 
ATOM   573  N N   . THR A 1 80 ? -12.221 -2.322  6.283   1.00 14.75 ? 80  THR A N   1 
ATOM   574  C CA  . THR A 1 80 ? -10.997 -1.561  6.060   1.00 14.14 ? 80  THR A CA  1 
ATOM   575  C C   . THR A 1 80 ? -11.177 -0.085  6.463   1.00 13.96 ? 80  THR A C   1 
ATOM   576  O O   . THR A 1 80 ? -12.231 0.495   6.247   1.00 14.20 ? 80  THR A O   1 
ATOM   577  C CB  . THR A 1 80 ? -10.540 -1.635  4.588   1.00 14.32 ? 80  THR A CB  1 
ATOM   578  O OG1 . THR A 1 80 ? -9.319  -0.895  4.449   1.00 11.93 ? 80  THR A OG1 1 
ATOM   579  C CG2 . THR A 1 80 ? -11.613 -1.084  3.633   1.00 12.40 ? 80  THR A CG2 1 
ATOM   580  N N   . PRO A 1 81 ? -10.145 0.537   7.049   1.00 13.76 ? 81  PRO A N   1 
ATOM   581  C CA  . PRO A 1 81 ? -10.307 1.956   7.406   1.00 12.95 ? 81  PRO A CA  1 
ATOM   582  C C   . PRO A 1 81 ? -10.195 2.918   6.219   1.00 12.58 ? 81  PRO A C   1 
ATOM   583  O O   . PRO A 1 81 ? -10.531 4.098   6.342   1.00 10.90 ? 81  PRO A O   1 
ATOM   584  C CB  . PRO A 1 81 ? -9.169  2.189   8.404   1.00 12.81 ? 81  PRO A CB  1 
ATOM   585  C CG  . PRO A 1 81 ? -8.150  1.172   8.059   1.00 13.34 ? 81  PRO A CG  1 
ATOM   586  C CD  . PRO A 1 81 ? -8.911  -0.036  7.620   1.00 13.30 ? 81  PRO A CD  1 
ATOM   587  N N   . VAL A 1 82 ? -9.708  2.423   5.082   1.00 12.08 ? 82  VAL A N   1 
ATOM   588  C CA  . VAL A 1 82 ? -9.564  3.243   3.880   1.00 12.23 ? 82  VAL A CA  1 
ATOM   589  C C   . VAL A 1 82 ? -9.834  2.329   2.705   1.00 12.29 ? 82  VAL A C   1 
ATOM   590  O O   . VAL A 1 82 ? -9.367  1.197   2.709   1.00 12.24 ? 82  VAL A O   1 
ATOM   591  C CB  . VAL A 1 82 ? -8.128  3.816   3.735   1.00 12.78 ? 82  VAL A CB  1 
ATOM   592  C CG1 . VAL A 1 82 ? -7.958  4.526   2.396   1.00 11.85 ? 82  VAL A CG1 1 
ATOM   593  C CG2 . VAL A 1 82 ? -7.751  4.752   4.934   1.00 12.73 ? 82  VAL A CG2 1 
ATOM   594  N N   . ASN A 1 83 ? -10.592 2.806   1.722   1.00 12.16 ? 83  ASN A N   1 
ATOM   595  C CA  . ASN A 1 83 ? -10.831 2.050   0.491   1.00 12.40 ? 83  ASN A CA  1 
ATOM   596  C C   . ASN A 1 83 ? -9.508  1.946   -0.282  1.00 12.25 ? 83  ASN A C   1 
ATOM   597  O O   . ASN A 1 83 ? -8.819  2.952   -0.470  1.00 11.11 ? 83  ASN A O   1 
ATOM   598  C CB  . ASN A 1 83 ? -11.865 2.742   -0.401  1.00 12.13 ? 83  ASN A CB  1 
ATOM   599  C CG  . ASN A 1 83 ? -13.237 2.855   0.237   1.00 13.35 ? 83  ASN A CG  1 
ATOM   600  O OD1 . ASN A 1 83 ? -13.625 2.015   1.054   1.00 14.46 ? 83  ASN A OD1 1 
ATOM   601  N ND2 . ASN A 1 83 ? -14.013 3.874   -0.181  1.00 12.48 ? 83  ASN A ND2 1 
ATOM   602  N N   . ILE A 1 84 ? -9.179  0.732   -0.729  1.00 11.19 ? 84  ILE A N   1 
ATOM   603  C CA  . ILE A 1 84 ? -7.908  0.441   -1.364  1.00 11.00 ? 84  ILE A CA  1 
ATOM   604  C C   . ILE A 1 84 ? -8.137  -0.239  -2.710  1.00 10.67 ? 84  ILE A C   1 
ATOM   605  O O   . ILE A 1 84 ? -8.912  -1.203  -2.805  1.00 11.28 ? 84  ILE A O   1 
ATOM   606  C CB  . ILE A 1 84 ? -7.059  -0.464  -0.423  1.00 11.58 ? 84  ILE A CB  1 
ATOM   607  C CG1 . ILE A 1 84 ? -6.634  0.329   0.818   1.00 13.07 ? 84  ILE A CG1 1 
ATOM   608  C CG2 . ILE A 1 84 ? -5.818  -1.030  -1.154  1.00 13.22 ? 84  ILE A CG2 1 
ATOM   609  C CD1 . ILE A 1 84 ? -6.728  -0.485  2.120   1.00 17.29 ? 84  ILE A CD1 1 
ATOM   610  N N   . ILE A 1 85 ? -7.507  0.309   -3.750  1.00 10.04 ? 85  ILE A N   1 
ATOM   611  C CA  . ILE A 1 85 ? -7.413  -0.330  -5.071  1.00 9.41  ? 85  ILE A CA  1 
ATOM   612  C C   . ILE A 1 85 ? -6.091  -1.081  -5.145  1.00 8.58  ? 85  ILE A C   1 
ATOM   613  O O   . ILE A 1 85 ? -5.019  -0.477  -5.199  1.00 6.96  ? 85  ILE A O   1 
ATOM   614  C CB  . ILE A 1 85 ? -7.493  0.676   -6.247  1.00 9.24  ? 85  ILE A CB  1 
ATOM   615  C CG1 . ILE A 1 85 ? -8.776  1.510   -6.177  1.00 9.18  ? 85  ILE A CG1 1 
ATOM   616  C CG2 . ILE A 1 85 ? -7.398  -0.061  -7.625  1.00 7.01  ? 85  ILE A CG2 1 
ATOM   617  C CD1 . ILE A 1 85 ? -10.088 0.725   -6.022  1.00 9.74  ? 85  ILE A CD1 1 
ATOM   618  N N   . GLY A 1 86 ? -6.177  -2.411  -5.144  1.00 9.69  ? 86  GLY A N   1 
ATOM   619  C CA  . GLY A 1 86 ? -4.998  -3.270  -5.122  1.00 10.13 ? 86  GLY A CA  1 
ATOM   620  C C   . GLY A 1 86 ? -4.511  -3.742  -6.474  1.00 9.84  ? 86  GLY A C   1 
ATOM   621  O O   . GLY A 1 86 ? -5.101  -3.448  -7.507  1.00 12.77 ? 86  GLY A O   1 
ATOM   622  N N   . ARG A 1 87 ? -3.427  -4.503  -6.463  1.00 10.39 ? 87  ARG A N   1 
ATOM   623  C CA  . ARG A 1 87 ? -2.716  -4.879  -7.691  1.00 10.77 ? 87  ARG A CA  1 
ATOM   624  C C   . ARG A 1 87 ? -3.578  -5.678  -8.677  1.00 11.34 ? 87  ARG A C   1 
ATOM   625  O O   . ARG A 1 87 ? -3.384  -5.586  -9.891  1.00 12.39 ? 87  ARG A O   1 
ATOM   626  C CB  . ARG A 1 87 ? -1.434  -5.641  -7.353  1.00 9.98  ? 87  ARG A CB  1 
ATOM   627  C CG  . ARG A 1 87 ? -0.321  -4.746  -6.753  1.00 9.54  ? 87  ARG A CG  1 
ATOM   628  C CD  . ARG A 1 87 ? 1.050   -5.449  -6.609  1.00 9.96  ? 87  ARG A CD  1 
ATOM   629  N NE  . ARG A 1 87 ? 0.957   -6.691  -5.841  1.00 10.42 ? 87  ARG A NE  1 
ATOM   630  C CZ  . ARG A 1 87 ? 0.787   -7.916  -6.346  1.00 11.95 ? 87  ARG A CZ  1 
ATOM   631  N NH1 . ARG A 1 87 ? 0.741   -8.139  -7.655  1.00 12.59 ? 87  ARG A NH1 1 
ATOM   632  N NH2 . ARG A 1 87 ? 0.692   -8.943  -5.511  1.00 12.35 ? 87  ARG A NH2 1 
ATOM   633  N N   . ASN A 1 88 ? -4.527  -6.452  -8.166  1.00 11.81 ? 88  ASN A N   1 
ATOM   634  C CA  . ASN A 1 88 ? -5.466  -7.182  -9.019  1.00 11.14 ? 88  ASN A CA  1 
ATOM   635  C C   . ASN A 1 88 ? -6.248  -6.287  -9.974  1.00 11.22 ? 88  ASN A C   1 
ATOM   636  O O   . ASN A 1 88 ? -6.576  -6.693  -11.095 1.00 10.12 ? 88  ASN A O   1 
ATOM   637  C CB  . ASN A 1 88 ? -6.432  -8.039  -8.186  1.00 11.92 ? 88  ASN A CB  1 
ATOM   638  C CG  . ASN A 1 88 ? -7.515  -7.234  -7.508  1.00 12.61 ? 88  ASN A CG  1 
ATOM   639  O OD1 . ASN A 1 88 ? -7.241  -6.312  -6.741  1.00 13.13 ? 88  ASN A OD1 1 
ATOM   640  N ND2 . ASN A 1 88 ? -8.762  -7.600  -7.775  1.00 11.98 ? 88  ASN A ND2 1 
ATOM   641  N N   . MET A 1 89 ? -6.549  -5.069  -9.535  1.00 10.57 ? 89  MET A N   1 
ATOM   642  C CA  . MET A 1 89 ? -7.153  -4.068  -10.410 1.00 9.73  ? 89  MET A CA  1 
ATOM   643  C C   . MET A 1 89 ? -6.098  -3.158  -11.049 1.00 9.79  ? 89  MET A C   1 
ATOM   644  O O   . MET A 1 89 ? -6.239  -2.738  -12.194 1.00 9.99  ? 89  MET A O   1 
ATOM   645  C CB  . MET A 1 89 ? -8.141  -3.205  -9.627  1.00 9.44  ? 89  MET A CB  1 
ATOM   646  C CG  . MET A 1 89 ? -9.366  -3.945  -9.095  1.00 11.27 ? 89  MET A CG  1 
ATOM   647  S SD  . MET A 1 89 ? -10.412 -4.552  -10.419 1.00 12.64 ? 89  MET A SD  1 
ATOM   648  C CE  . MET A 1 89 ? -11.923 -5.006  -9.541  1.00 8.46  ? 89  MET A CE  1 
ATOM   649  N N   . LEU A 1 90 ? -5.054  -2.803  -10.320 1.00 10.26 ? 90  LEU A N   1 
ATOM   650  C CA  . LEU A 1 90 ? -4.047  -1.892  -10.888 1.00 11.25 ? 90  LEU A CA  1 
ATOM   651  C C   . LEU A 1 90 ? -3.444  -2.419  -12.196 1.00 11.91 ? 90  LEU A C   1 
ATOM   652  O O   . LEU A 1 90 ? -3.216  -1.653  -13.125 1.00 11.40 ? 90  LEU A O   1 
ATOM   653  C CB  . LEU A 1 90 ? -2.927  -1.586  -9.889  1.00 10.95 ? 90  LEU A CB  1 
ATOM   654  C CG  . LEU A 1 90 ? -3.327  -0.811  -8.631  1.00 9.93  ? 90  LEU A CG  1 
ATOM   655  C CD1 . LEU A 1 90 ? -2.138  -0.665  -7.696  1.00 7.77  ? 90  LEU A CD1 1 
ATOM   656  C CD2 . LEU A 1 90 ? -3.999  0.540   -8.961  1.00 8.28  ? 90  LEU A CD2 1 
ATOM   657  N N   . THR A 1 91 ? -3.200  -3.724  -12.282 1.00 14.13 ? 91  THR A N   1 
ATOM   658  C CA  . THR A 1 91 ? -2.637  -4.313  -13.496 1.00 13.97 ? 91  THR A CA  1 
ATOM   659  C C   . THR A 1 91 ? -3.565  -4.137  -14.696 1.00 15.68 ? 91  THR A C   1 
ATOM   660  O O   . THR A 1 91 ? -3.101  -3.985  -15.826 1.00 15.11 ? 91  THR A O   1 
ATOM   661  C CB  . THR A 1 91 ? -2.381  -5.810  -13.317 1.00 14.81 ? 91  THR A CB  1 
ATOM   662  O OG1 . THR A 1 91 ? -3.497  -6.396  -12.641 1.00 13.64 ? 91  THR A OG1 1 
ATOM   663  C CG2 . THR A 1 91 ? -1.121  -6.043  -12.505 1.00 13.14 ? 91  THR A CG2 1 
ATOM   664  N N   . GLN A 1 92 ? -4.871  -4.179  -14.436 1.00 16.23 ? 92  GLN A N   1 
ATOM   665  C CA  . GLN A 1 92 ? -5.884  -4.065  -15.484 1.00 17.22 ? 92  GLN A CA  1 
ATOM   666  C C   . GLN A 1 92 ? -6.026  -2.672  -16.078 1.00 17.09 ? 92  GLN A C   1 
ATOM   667  O O   . GLN A 1 92 ? -6.474  -2.523  -17.211 1.00 17.93 ? 92  GLN A O   1 
ATOM   668  C CB  . GLN A 1 92 ? -7.241  -4.476  -14.934 1.00 17.47 ? 92  GLN A CB  1 
ATOM   669  C CG  . GLN A 1 92 ? -7.387  -5.951  -14.762 1.00 19.73 ? 92  GLN A CG  1 
ATOM   670  C CD  . GLN A 1 92 ? -8.816  -6.299  -14.489 1.00 24.35 ? 92  GLN A CD  1 
ATOM   671  O OE1 . GLN A 1 92 ? -9.695  -6.215  -15.379 1.00 25.02 ? 92  GLN A OE1 1 
ATOM   672  N NE2 . GLN A 1 92 ? -9.078  -6.666  -13.238 1.00 24.51 ? 92  GLN A NE2 1 
ATOM   673  N N   . ILE A 1 93 ? -5.682  -1.645  -15.315 1.00 16.93 ? 93  ILE A N   1 
ATOM   674  C CA  . ILE A 1 93 ? -5.706  -0.292  -15.845 1.00 17.36 ? 93  ILE A CA  1 
ATOM   675  C C   . ILE A 1 93 ? -4.315  0.177   -16.312 1.00 17.15 ? 93  ILE A C   1 
ATOM   676  O O   . ILE A 1 93 ? -4.139  1.342   -16.662 1.00 17.68 ? 93  ILE A O   1 
ATOM   677  C CB  . ILE A 1 93 ? -6.332  0.702   -14.840 1.00 17.52 ? 93  ILE A CB  1 
ATOM   678  C CG1 . ILE A 1 93 ? -5.416  0.946   -13.639 1.00 18.39 ? 93  ILE A CG1 1 
ATOM   679  C CG2 . ILE A 1 93 ? -7.692  0.216   -14.401 1.00 18.30 ? 93  ILE A CG2 1 
ATOM   680  C CD1 . ILE A 1 93 ? -6.033  1.840   -12.589 1.00 18.51 ? 93  ILE A CD1 1 
ATOM   681  N N   . GLY A 1 94 ? -3.337  -0.726  -16.348 1.00 16.67 ? 94  GLY A N   1 
ATOM   682  C CA  . GLY A 1 94 ? -2.022  -0.411  -16.902 1.00 15.75 ? 94  GLY A CA  1 
ATOM   683  C C   . GLY A 1 94 ? -1.180  0.439   -15.974 1.00 15.50 ? 94  GLY A C   1 
ATOM   684  O O   . GLY A 1 94 ? -0.272  1.138   -16.401 1.00 16.42 ? 94  GLY A O   1 
ATOM   685  N N   . CYS A 1 95 ? -1.465  0.369   -14.682 1.00 14.68 ? 95  CYS A N   1 
ATOM   686  C CA  . CYS A 1 95 ? -0.723  1.149   -13.707 1.00 13.86 ? 95  CYS A CA  1 
ATOM   687  C C   . CYS A 1 95 ? 0.674   0.575   -13.442 1.00 13.86 ? 95  CYS A C   1 
ATOM   688  O O   . CYS A 1 95 ? 0.815   -0.626  -13.241 1.00 13.63 ? 95  CYS A O   1 
ATOM   689  C CB  . CYS A 1 95 ? -1.535  1.204   -12.422 1.00 13.60 ? 95  CYS A CB  1 
ATOM   690  S SG  . CYS A 1 95 ? -0.826  2.236   -11.183 1.00 16.92 ? 95  CYS A SG  1 
ATOM   691  N N   . THR A 1 96 ? 1.690   1.440   -13.462 1.00 14.22 ? 96  THR A N   1 
ATOM   692  C CA  . THR A 1 96 ? 3.077   1.089   -13.141 1.00 13.84 ? 96  THR A CA  1 
ATOM   693  C C   . THR A 1 96 ? 3.732   2.092   -12.166 1.00 14.03 ? 96  THR A C   1 
ATOM   694  O O   . THR A 1 96 ? 3.315   3.252   -12.032 1.00 14.15 ? 96  THR A O   1 
ATOM   695  C CB  . THR A 1 96 ? 3.934   1.038   -14.437 1.00 14.30 ? 96  THR A CB  1 
ATOM   696  O OG1 . THR A 1 96 ? 3.982   2.335   -15.045 1.00 13.94 ? 96  THR A OG1 1 
ATOM   697  C CG2 . THR A 1 96 ? 3.348   0.048   -15.443 1.00 14.37 ? 96  THR A CG2 1 
ATOM   698  N N   . LEU A 1 97 ? 4.773   1.634   -11.484 1.00 13.96 ? 97  LEU A N   1 
ATOM   699  C CA  . LEU A 1 97 ? 5.621   2.491   -10.669 1.00 13.66 ? 97  LEU A CA  1 
ATOM   700  C C   . LEU A 1 97 ? 6.847   2.866   -11.495 1.00 15.04 ? 97  LEU A C   1 
ATOM   701  O O   . LEU A 1 97 ? 7.359   2.053   -12.273 1.00 15.07 ? 97  LEU A O   1 
ATOM   702  C CB  . LEU A 1 97 ? 6.043   1.756   -9.404  1.00 13.38 ? 97  LEU A CB  1 
ATOM   703  C CG  . LEU A 1 97 ? 5.034   1.567   -8.265  1.00 12.96 ? 97  LEU A CG  1 
ATOM   704  C CD1 . LEU A 1 97 ? 5.631   0.549   -7.305  1.00 11.16 ? 97  LEU A CD1 1 
ATOM   705  C CD2 . LEU A 1 97 ? 4.713   2.887   -7.550  1.00 11.40 ? 97  LEU A CD2 1 
ATOM   706  N N   . ASN A 1 98 ? 7.309   4.099   -11.335 1.00 16.03 ? 98  ASN A N   1 
ATOM   707  C CA  . ASN A 1 98 ? 8.436   4.607   -12.101 1.00 17.46 ? 98  ASN A CA  1 
ATOM   708  C C   . ASN A 1 98 ? 9.348   5.413   -11.184 1.00 18.05 ? 98  ASN A C   1 
ATOM   709  O O   . ASN A 1 98 ? 8.864   6.231   -10.410 1.00 16.89 ? 98  ASN A O   1 
ATOM   710  C CB  . ASN A 1 98 ? 7.949   5.509   -13.240 1.00 17.81 ? 98  ASN A CB  1 
ATOM   711  C CG  . ASN A 1 98 ? 7.206   4.749   -14.337 1.00 20.49 ? 98  ASN A CG  1 
ATOM   712  O OD1 . ASN A 1 98 ? 6.519   3.749   -14.094 1.00 25.49 ? 98  ASN A OD1 1 
ATOM   713  N ND2 . ASN A 1 98 ? 7.326   5.246   -15.561 1.00 24.84 ? 98  ASN A ND2 1 
ATOM   714  N N   . PHE A 1 99 ? 10.654  5.164   -11.261 1.00 19.10 ? 99  PHE A N   1 
ATOM   715  C CA  . PHE A 1 99 ? 11.644  6.020   -10.601 1.00 20.04 ? 99  PHE A CA  1 
ATOM   716  C C   . PHE A 1 99 ? 13.032  5.986   -11.264 1.00 20.82 ? 99  PHE A C   1 
ATOM   717  O O   . PHE A 1 99 ? 13.250  5.278   -12.250 1.00 20.69 ? 99  PHE A O   1 
ATOM   718  C CB  . PHE A 1 99 ? 11.725  5.688   -9.105  1.00 20.39 ? 99  PHE A CB  1 
ATOM   719  C CG  . PHE A 1 99 ? 12.156  4.289   -8.807  1.00 20.54 ? 99  PHE A CG  1 
ATOM   720  C CD1 . PHE A 1 99 ? 11.230  3.276   -8.702  1.00 21.72 ? 99  PHE A CD1 1 
ATOM   721  C CD2 . PHE A 1 99 ? 13.500  3.994   -8.604  1.00 23.84 ? 99  PHE A CD2 1 
ATOM   722  C CE1 . PHE A 1 99 ? 11.625  1.980   -8.416  1.00 23.71 ? 99  PHE A CE1 1 
ATOM   723  C CE2 . PHE A 1 99 ? 13.908  2.696   -8.314  1.00 24.26 ? 99  PHE A CE2 1 
ATOM   724  C CZ  . PHE A 1 99 ? 12.964  1.689   -8.217  1.00 23.12 ? 99  PHE A CZ  1 
ATOM   725  O OXT . PHE A 1 99 ? 13.983  6.677   -10.859 1.00 21.47 ? 99  PHE A OXT 1 
ATOM   726  N N   . PRO B 1 1  ? 13.954  2.726   -13.392 1.00 26.48 ? 1   PRO B N   1 
ATOM   727  C CA  . PRO B 1 1  ? 13.130  1.576   -13.737 1.00 26.04 ? 1   PRO B CA  1 
ATOM   728  C C   . PRO B 1 1  ? 11.636  1.895   -13.744 1.00 24.85 ? 1   PRO B C   1 
ATOM   729  O O   . PRO B 1 1  ? 11.147  2.564   -12.832 1.00 24.37 ? 1   PRO B O   1 
ATOM   730  C CB  . PRO B 1 1  ? 13.442  0.575   -12.607 1.00 27.00 ? 1   PRO B CB  1 
ATOM   731  C CG  . PRO B 1 1  ? 14.018  1.412   -11.487 1.00 27.01 ? 1   PRO B CG  1 
ATOM   732  C CD  . PRO B 1 1  ? 14.787  2.468   -12.203 1.00 26.91 ? 1   PRO B CD  1 
ATOM   733  N N   . GLN B 1 2  ? 10.927  1.448   -14.778 1.00 23.06 ? 2   GLN B N   1 
ATOM   734  C CA  . GLN B 1 2  ? 9.472   1.364   -14.711 1.00 22.39 ? 2   GLN B CA  1 
ATOM   735  C C   . GLN B 1 2  ? 9.193   -0.055  -14.244 1.00 21.20 ? 2   GLN B C   1 
ATOM   736  O O   . GLN B 1 2  ? 9.841   -0.971  -14.730 1.00 20.72 ? 2   GLN B O   1 
ATOM   737  C CB  . GLN B 1 2  ? 8.817   1.617   -16.073 1.00 21.98 ? 2   GLN B CB  1 
ATOM   738  N N   . ILE B 1 3  ? 8.270   -0.249  -13.300 1.00 19.96 ? 3   ILE B N   1 
ATOM   739  C CA  . ILE B 1 3  ? 7.943   -1.609  -12.857 1.00 19.59 ? 3   ILE B CA  1 
ATOM   740  C C   . ILE B 1 3  ? 6.426   -1.885  -12.908 1.00 18.03 ? 3   ILE B C   1 
ATOM   741  O O   . ILE B 1 3  ? 5.610   -1.046  -12.515 1.00 18.06 ? 3   ILE B O   1 
ATOM   742  C CB  . ILE B 1 3  ? 8.668   -2.001  -11.509 1.00 19.28 ? 3   ILE B CB  1 
ATOM   743  C CG1 . ILE B 1 3  ? 7.744   -2.106  -10.308 1.00 20.05 ? 3   ILE B CG1 1 
ATOM   744  C CG2 . ILE B 1 3  ? 9.834   -1.050  -11.175 1.00 22.16 ? 3   ILE B CG2 1 
ATOM   745  C CD1 . ILE B 1 3  ? 8.449   -2.635  -9.070  1.00 17.40 ? 3   ILE B CD1 1 
ATOM   746  N N   . THR B 1 4  ? 6.045   -3.040  -13.445 1.00 16.74 ? 4   THR B N   1 
ATOM   747  C CA  . THR B 1 4  ? 4.629   -3.406  -13.559 1.00 15.52 ? 4   THR B CA  1 
ATOM   748  C C   . THR B 1 4  ? 4.226   -4.074  -12.245 1.00 14.43 ? 4   THR B C   1 
ATOM   749  O O   . THR B 1 4  ? 5.078   -4.288  -11.379 1.00 14.74 ? 4   THR B O   1 
ATOM   750  C CB  . THR B 1 4  ? 4.370   -4.355  -14.747 1.00 16.17 ? 4   THR B CB  1 
ATOM   751  O OG1 . THR B 1 4  ? 5.312   -5.427  -14.706 1.00 17.68 ? 4   THR B OG1 1 
ATOM   752  C CG2 . THR B 1 4  ? 4.498   -3.630  -16.084 1.00 14.44 ? 4   THR B CG2 1 
ATOM   753  N N   . LEU B 1 5  ? 2.953   -4.409  -12.083 1.00 11.46 ? 5   LEU B N   1 
ATOM   754  C CA  . LEU B 1 5  ? 2.434   -4.782  -10.772 1.00 11.18 ? 5   LEU B CA  1 
ATOM   755  C C   . LEU B 1 5  ? 1.804   -6.182  -10.766 1.00 11.65 ? 5   LEU B C   1 
ATOM   756  O O   . LEU B 1 5  ? 0.948   -6.501  -9.930  1.00 10.73 ? 5   LEU B O   1 
ATOM   757  C CB  . LEU B 1 5  ? 1.451   -3.698  -10.307 1.00 10.46 ? 5   LEU B CB  1 
ATOM   758  C CG  . LEU B 1 5  ? 2.143   -2.376  -9.933  1.00 9.75  ? 5   LEU B CG  1 
ATOM   759  C CD1 . LEU B 1 5  ? 1.128   -1.235  -9.887  1.00 12.47 ? 5   LEU B CD1 1 
ATOM   760  C CD2 . LEU B 1 5  ? 2.942   -2.461  -8.637  1.00 7.80  ? 5   LEU B CD2 1 
ATOM   761  N N   . TRP B 1 6  ? 2.248   -7.039  -11.690 1.00 13.30 ? 6   TRP B N   1 
ATOM   762  C CA  . TRP B 1 6  ? 1.775   -8.425  -11.730 1.00 12.79 ? 6   TRP B CA  1 
ATOM   763  C C   . TRP B 1 6  ? 2.320   -9.240  -10.552 1.00 13.04 ? 6   TRP B C   1 
ATOM   764  O O   . TRP B 1 6  ? 1.746   -10.273 -10.166 1.00 14.22 ? 6   TRP B O   1 
ATOM   765  C CB  . TRP B 1 6  ? 2.210   -9.068  -13.047 1.00 13.63 ? 6   TRP B CB  1 
ATOM   766  C CG  . TRP B 1 6  ? 1.691   -8.294  -14.208 1.00 15.35 ? 6   TRP B CG  1 
ATOM   767  C CD1 . TRP B 1 6  ? 2.344   -7.339  -14.921 1.00 16.61 ? 6   TRP B CD1 1 
ATOM   768  C CD2 . TRP B 1 6  ? 0.385   -8.383  -14.750 1.00 11.62 ? 6   TRP B CD2 1 
ATOM   769  N NE1 . TRP B 1 6  ? 1.521   -6.832  -15.892 1.00 15.79 ? 6   TRP B NE1 1 
ATOM   770  C CE2 . TRP B 1 6  ? 0.308   -7.453  -15.802 1.00 15.17 ? 6   TRP B CE2 1 
ATOM   771  C CE3 . TRP B 1 6  ? -0.733  -9.162  -14.445 1.00 14.01 ? 6   TRP B CE3 1 
ATOM   772  C CZ2 . TRP B 1 6  ? -0.841  -7.283  -16.562 1.00 15.44 ? 6   TRP B CZ2 1 
ATOM   773  C CZ3 . TRP B 1 6  ? -1.877  -8.994  -15.197 1.00 15.73 ? 6   TRP B CZ3 1 
ATOM   774  C CH2 . TRP B 1 6  ? -1.915  -8.070  -16.254 1.00 16.50 ? 6   TRP B CH2 1 
ATOM   775  N N   . LYS B 1 7  ? 3.455   -8.798  -10.027 1.00 12.18 ? 7   LYS B N   1 
ATOM   776  C CA  . LYS B 1 7  ? 4.077   -9.350  -8.822  1.00 12.09 ? 7   LYS B CA  1 
ATOM   777  C C   . LYS B 1 7  ? 4.212   -8.216  -7.805  1.00 12.42 ? 7   LYS B C   1 
ATOM   778  O O   . LYS B 1 7  ? 4.148   -7.043  -8.181  1.00 13.98 ? 7   LYS B O   1 
ATOM   779  C CB  . LYS B 1 7  ? 5.475   -9.908  -9.166  1.00 13.19 ? 7   LYS B CB  1 
ATOM   780  N N   . ARG B 1 8  ? 4.375   -8.554  -6.529  1.00 12.52 ? 8   ARG B N   1 
ATOM   781  C CA  . ARG B 1 8  ? 4.647   -7.551  -5.478  1.00 13.14 ? 8   ARG B CA  1 
ATOM   782  C C   . ARG B 1 8  ? 5.879   -6.710  -5.848  1.00 12.25 ? 8   ARG B C   1 
ATOM   783  O O   . ARG B 1 8  ? 6.904   -7.264  -6.272  1.00 11.03 ? 8   ARG B O   1 
ATOM   784  C CB  . ARG B 1 8  ? 4.877   -8.224  -4.108  1.00 14.04 ? 8   ARG B CB  1 
ATOM   785  C CG  . ARG B 1 8  ? 3.635   -8.879  -3.489  1.00 16.45 ? 8   ARG B CG  1 
ATOM   786  C CD  . ARG B 1 8  ? 3.860   -9.350  -2.044  1.00 19.44 ? 8   ARG B CD  1 
ATOM   787  N NE  . ARG B 1 8  ? 2.657   -9.958  -1.458  1.00 21.89 ? 8   ARG B NE  1 
ATOM   788  C CZ  . ARG B 1 8  ? 2.194   -9.757  -0.217  1.00 23.76 ? 8   ARG B CZ  1 
ATOM   789  N NH1 . ARG B 1 8  ? 2.801   -8.924  0.637   1.00 21.47 ? 8   ARG B NH1 1 
ATOM   790  N NH2 . ARG B 1 8  ? 1.084   -10.386 0.178   1.00 24.91 ? 8   ARG B NH2 1 
ATOM   791  N N   . PRO B 1 9  ? 5.790   -5.374  -5.708  1.00 11.12 ? 9   PRO B N   1 
ATOM   792  C CA  . PRO B 1 9  ? 6.944   -4.522  -6.033  1.00 11.52 ? 9   PRO B CA  1 
ATOM   793  C C   . PRO B 1 9  ? 7.979   -4.502  -4.906  1.00 11.50 ? 9   PRO B C   1 
ATOM   794  O O   . PRO B 1 9  ? 8.140   -3.507  -4.192  1.00 12.20 ? 9   PRO B O   1 
ATOM   795  C CB  . PRO B 1 9  ? 6.312   -3.154  -6.277  1.00 10.63 ? 9   PRO B CB  1 
ATOM   796  C CG  . PRO B 1 9  ? 5.105   -3.165  -5.458  1.00 11.81 ? 9   PRO B CG  1 
ATOM   797  C CD  . PRO B 1 9  ? 4.578   -4.575  -5.479  1.00 11.40 ? 9   PRO B CD  1 
ATOM   798  N N   . LEU B 1 10 ? 8.683   -5.619  -4.762  1.00 13.70 ? 10  LEU B N   1 
ATOM   799  C CA  . LEU B 1 10 ? 9.727   -5.786  -3.739  1.00 14.75 ? 10  LEU B CA  1 
ATOM   800  C C   . LEU B 1 10 ? 11.069  -5.268  -4.241  1.00 16.07 ? 10  LEU B C   1 
ATOM   801  O O   . LEU B 1 10 ? 11.465  -5.557  -5.363  1.00 13.82 ? 10  LEU B O   1 
ATOM   802  C CB  . LEU B 1 10 ? 9.876   -7.267  -3.378  1.00 15.39 ? 10  LEU B CB  1 
ATOM   803  C CG  . LEU B 1 10 ? 8.722   -7.843  -2.554  1.00 16.82 ? 10  LEU B CG  1 
ATOM   804  C CD1 . LEU B 1 10 ? 8.832   -9.345  -2.518  1.00 20.69 ? 10  LEU B CD1 1 
ATOM   805  C CD2 . LEU B 1 10 ? 8.708   -7.270  -1.129  1.00 18.44 ? 10  LEU B CD2 1 
ATOM   806  N N   . VAL B 1 11 ? 11.775  -4.515  -3.402  1.00 18.31 ? 11  VAL B N   1 
ATOM   807  C CA  . VAL B 1 11 ? 13.079  -3.969  -3.768  1.00 20.01 ? 11  VAL B CA  1 
ATOM   808  C C   . VAL B 1 11 ? 14.040  -4.289  -2.648  1.00 20.56 ? 11  VAL B C   1 
ATOM   809  O O   . VAL B 1 11 ? 13.643  -4.533  -1.512  1.00 20.87 ? 11  VAL B O   1 
ATOM   810  C CB  . VAL B 1 11 ? 13.055  -2.435  -3.946  1.00 20.73 ? 11  VAL B CB  1 
ATOM   811  C CG1 . VAL B 1 11 ? 12.259  -2.073  -5.194  1.00 23.48 ? 11  VAL B CG1 1 
ATOM   812  C CG2 . VAL B 1 11 ? 12.505  -1.744  -2.695  1.00 22.24 ? 11  VAL B CG2 1 
ATOM   813  N N   . THR B 1 12 ? 15.319  -4.298  -2.968  1.00 22.10 ? 12  THR B N   1 
ATOM   814  C CA  . THR B 1 12 ? 16.334  -4.481  -1.940  1.00 23.76 ? 12  THR B CA  1 
ATOM   815  C C   . THR B 1 12 ? 16.613  -3.122  -1.305  1.00 25.17 ? 12  THR B C   1 
ATOM   816  O O   . THR B 1 12 ? 16.653  -2.113  -2.016  1.00 25.28 ? 12  THR B O   1 
ATOM   817  C CB  . THR B 1 12 ? 17.592  -5.079  -2.568  1.00 24.23 ? 12  THR B CB  1 
ATOM   818  O OG1 . THR B 1 12 ? 17.257  -6.373  -3.089  1.00 26.10 ? 12  THR B OG1 1 
ATOM   819  C CG2 . THR B 1 12 ? 18.682  -5.227  -1.523  1.00 27.79 ? 12  THR B CG2 1 
ATOM   820  N N   . VAL B 1 13 ? 16.767  -3.080  0.021   1.00 25.64 ? 13  VAL B N   1 
ATOM   821  C CA  . VAL B 1 13 ? 17.102  -1.818  0.684   1.00 26.23 ? 13  VAL B CA  1 
ATOM   822  C C   . VAL B 1 13 ? 18.283  -2.024  1.608   1.00 25.24 ? 13  VAL B C   1 
ATOM   823  O O   . VAL B 1 13 ? 18.388  -3.062  2.266   1.00 25.86 ? 13  VAL B O   1 
ATOM   824  C CB  . VAL B 1 13 ? 15.941  -1.227  1.492   1.00 26.19 ? 13  VAL B CB  1 
ATOM   825  C CG1 . VAL B 1 13 ? 15.519  -2.137  2.641   1.00 27.87 ? 13  VAL B CG1 1 
ATOM   826  C CG2 . VAL B 1 13 ? 16.341  0.127   2.050   1.00 30.40 ? 13  VAL B CG2 1 
ATOM   827  N N   . LYS B 1 14 ? 19.179  -1.049  1.625   1.00 24.94 ? 14  LYS B N   1 
ATOM   828  C CA  . LYS B 1 14 ? 20.325  -1.088  2.510   1.00 25.95 ? 14  LYS B CA  1 
ATOM   829  C C   . LYS B 1 14 ? 20.059  -0.053  3.593   1.00 25.61 ? 14  LYS B C   1 
ATOM   830  O O   . LYS B 1 14 ? 19.816  1.119   3.323   1.00 25.87 ? 14  LYS B O   1 
ATOM   831  C CB  . LYS B 1 14 ? 21.638  -0.800  1.773   1.00 26.98 ? 14  LYS B CB  1 
ATOM   832  C CG  . LYS B 1 14 ? 22.881  -0.998  2.645   1.00 30.04 ? 14  LYS B CG  1 
ATOM   833  C CD  . LYS B 1 14 ? 24.171  -0.718  1.859   1.00 36.69 ? 14  LYS B CD  1 
ATOM   834  C CE  . LYS B 1 14 ? 25.409  -1.234  2.613   1.00 39.80 ? 14  LYS B CE  1 
ATOM   835  N NZ  . LYS B 1 14 ? 26.722  -0.784  2.023   1.00 42.82 ? 14  LYS B NZ  1 
ATOM   836  N N   . ILE B 1 15 ? 20.055  -0.512  4.829   1.00 25.42 ? 15  ILE B N   1 
ATOM   837  C CA  . ILE B 1 15 ? 19.779  0.361   5.950   1.00 25.67 ? 15  ILE B CA  1 
ATOM   838  C C   . ILE B 1 15 ? 20.670  -0.070  7.108   1.00 26.70 ? 15  ILE B C   1 
ATOM   839  O O   . ILE B 1 15 ? 20.643  -1.222  7.550   1.00 27.50 ? 15  ILE B O   1 
ATOM   840  C CB  . ILE B 1 15 ? 18.260  0.365   6.266   1.00 25.27 ? 15  ILE B CB  1 
ATOM   841  C CG1 . ILE B 1 15 ? 17.953  1.244   7.487   1.00 28.17 ? 15  ILE B CG1 1 
ATOM   842  C CG2 . ILE B 1 15 ? 17.753  -1.047  6.447   1.00 24.41 ? 15  ILE B CG2 1 
ATOM   843  C CD1 . ILE B 1 15 ? 16.456  1.344   7.782   1.00 28.57 ? 15  ILE B CD1 1 
ATOM   844  N N   . GLY B 1 16 ? 21.529  0.841   7.553   1.00 27.31 ? 16  GLY B N   1 
ATOM   845  C CA  . GLY B 1 16 ? 22.374  0.582   8.710   1.00 27.79 ? 16  GLY B CA  1 
ATOM   846  C C   . GLY B 1 16 ? 23.306  -0.592  8.493   1.00 27.89 ? 16  GLY B C   1 
ATOM   847  O O   . GLY B 1 16 ? 23.549  -1.358  9.428   1.00 29.65 ? 16  GLY B O   1 
ATOM   848  N N   . GLY B 1 17 ? 23.814  -0.741  7.272   1.00 26.92 ? 17  GLY B N   1 
ATOM   849  C CA  . GLY B 1 17 ? 24.724  -1.847  6.928   1.00 26.26 ? 17  GLY B CA  1 
ATOM   850  C C   . GLY B 1 17 ? 24.052  -3.197  6.727   1.00 26.13 ? 17  GLY B C   1 
ATOM   851  O O   . GLY B 1 17 ? 24.720  -4.197  6.463   1.00 26.36 ? 17  GLY B O   1 
ATOM   852  N N   . GLN B 1 18 ? 22.728  -3.234  6.858   1.00 24.64 ? 18  GLN B N   1 
ATOM   853  C CA  . GLN B 1 18 ? 21.960  -4.465  6.667   1.00 24.63 ? 18  GLN B CA  1 
ATOM   854  C C   . GLN B 1 18 ? 21.218  -4.415  5.335   1.00 23.40 ? 18  GLN B C   1 
ATOM   855  O O   . GLN B 1 18 ? 20.823  -3.346  4.890   1.00 24.05 ? 18  GLN B O   1 
ATOM   856  C CB  . GLN B 1 18 ? 20.949  -4.624  7.803   1.00 24.72 ? 18  GLN B CB  1 
ATOM   857  C CG  . GLN B 1 18 ? 21.588  -4.807  9.163   1.00 28.02 ? 18  GLN B CG  1 
ATOM   858  C CD  . GLN B 1 18 ? 20.582  -4.739  10.282  1.00 30.22 ? 18  GLN B CD  1 
ATOM   859  O OE1 . GLN B 1 18 ? 20.425  -3.706  10.937  1.00 37.50 ? 18  GLN B OE1 1 
ATOM   860  N NE2 . GLN B 1 18 ? 19.877  -5.826  10.489  1.00 32.85 ? 18  GLN B NE2 1 
ATOM   861  N N   . LEU B 1 19 ? 21.018  -5.583  4.732   1.00 22.51 ? 19  LEU B N   1 
ATOM   862  C CA  . LEU B 1 19 ? 20.268  -5.734  3.494   1.00 22.97 ? 19  LEU B CA  1 
ATOM   863  C C   . LEU B 1 19 ? 18.913  -6.325  3.835   1.00 23.44 ? 19  LEU B C   1 
ATOM   864  O O   . LEU B 1 19 ? 18.853  -7.360  4.480   1.00 22.03 ? 19  LEU B O   1 
ATOM   865  C CB  . LEU B 1 19 ? 20.997  -6.698  2.552   1.00 23.93 ? 19  LEU B CB  1 
ATOM   866  C CG  . LEU B 1 19 ? 22.014  -6.139  1.563   1.00 28.01 ? 19  LEU B CG  1 
ATOM   867  C CD1 . LEU B 1 19 ? 22.670  -4.847  2.065   1.00 27.27 ? 19  LEU B CD1 1 
ATOM   868  C CD2 . LEU B 1 19 ? 23.050  -7.216  1.137   1.00 26.47 ? 19  LEU B CD2 1 
ATOM   869  N N   . LYS B 1 20 ? 17.840  -5.662  3.411   1.00 23.50 ? 20  LYS B N   1 
ATOM   870  C CA  . LYS B 1 20 ? 16.489  -6.157  3.621   1.00 24.50 ? 20  LYS B CA  1 
ATOM   871  C C   . LYS B 1 20 ? 15.720  -6.073  2.315   1.00 23.44 ? 20  LYS B C   1 
ATOM   872  O O   . LYS B 1 20 ? 16.145  -5.440  1.360   1.00 23.79 ? 20  LYS B O   1 
ATOM   873  C CB  . LYS B 1 20 ? 15.759  -5.374  4.729   1.00 25.59 ? 20  LYS B CB  1 
ATOM   874  C CG  . LYS B 1 20 ? 16.462  -5.322  6.096   1.00 26.78 ? 20  LYS B CG  1 
ATOM   875  C CD  . LYS B 1 20 ? 16.281  -6.602  6.940   1.00 29.29 ? 20  LYS B CD  1 
ATOM   876  C CE  . LYS B 1 20 ? 17.418  -6.850  7.959   1.00 30.85 ? 20  LYS B CE  1 
ATOM   877  N NZ  . LYS B 1 20 ? 17.269  -8.177  8.666   1.00 31.01 ? 20  LYS B NZ  1 
ATOM   878  N N   . GLU B 1 21 ? 14.590  -6.766  2.269   1.00 23.53 ? 21  GLU B N   1 
ATOM   879  C CA  . GLU B 1 21 ? 13.654  -6.611  1.168   1.00 22.90 ? 21  GLU B CA  1 
ATOM   880  C C   . GLU B 1 21 ? 12.418  -5.875  1.686   1.00 18.96 ? 21  GLU B C   1 
ATOM   881  O O   . GLU B 1 21 ? 11.985  -6.108  2.802   1.00 19.58 ? 21  GLU B O   1 
ATOM   882  C CB  . GLU B 1 21 ? 13.267  -7.975  0.624   1.00 24.25 ? 21  GLU B CB  1 
ATOM   883  C CG  . GLU B 1 21 ? 13.290  -8.067  -0.872  1.00 30.44 ? 21  GLU B CG  1 
ATOM   884  C CD  . GLU B 1 21 ? 13.029  -9.486  -1.328  1.00 37.54 ? 21  GLU B CD  1 
ATOM   885  O OE1 . GLU B 1 21 ? 11.859  -9.940  -1.178  1.00 38.76 ? 21  GLU B OE1 1 
ATOM   886  O OE2 . GLU B 1 21 ? 13.995  -10.137 -1.800  1.00 39.03 ? 21  GLU B OE2 1 
ATOM   887  N N   . ALA B 1 22 ? 11.861  -4.991  0.869   1.00 15.32 ? 22  ALA B N   1 
ATOM   888  C CA  . ALA B 1 22 ? 10.719  -4.194  1.287   1.00 12.66 ? 22  ALA B CA  1 
ATOM   889  C C   . ALA B 1 22 ? 9.841   -3.908  0.075   1.00 12.18 ? 22  ALA B C   1 
ATOM   890  O O   . ALA B 1 22 ? 10.315  -3.893  -1.076  1.00 10.57 ? 22  ALA B O   1 
ATOM   891  C CB  . ALA B 1 22 ? 11.198  -2.896  1.940   1.00 12.61 ? 22  ALA B CB  1 
ATOM   892  N N   . LEU B 1 23 ? 8.556   -3.698  0.348   1.00 11.32 ? 23  LEU B N   1 
ATOM   893  C CA  . LEU B 1 23 ? 7.539   -3.486  -0.663  1.00 11.58 ? 23  LEU B CA  1 
ATOM   894  C C   . LEU B 1 23 ? 7.452   -1.994  -0.963  1.00 11.65 ? 23  LEU B C   1 
ATOM   895  O O   . LEU B 1 23 ? 7.392   -1.171  -0.044  1.00 13.28 ? 23  LEU B O   1 
ATOM   896  C CB  . LEU B 1 23 ? 6.233   -4.020  -0.081  1.00 11.81 ? 23  LEU B CB  1 
ATOM   897  C CG  . LEU B 1 23 ? 5.022   -4.409  -0.888  1.00 15.01 ? 23  LEU B CG  1 
ATOM   898  C CD1 . LEU B 1 23 ? 5.374   -5.455  -1.916  1.00 13.68 ? 23  LEU B CD1 1 
ATOM   899  C CD2 . LEU B 1 23 ? 3.972   -4.889  0.152   1.00 14.27 ? 23  LEU B CD2 1 
ATOM   900  N N   . LEU B 1 24 ? 7.514   -1.617  -2.240  1.00 11.42 ? 24  LEU B N   1 
ATOM   901  C CA  . LEU B 1 24 ? 7.260   -0.227  -2.623  1.00 10.37 ? 24  LEU B CA  1 
ATOM   902  C C   . LEU B 1 24 ? 5.758   0.000   -2.499  1.00 10.62 ? 24  LEU B C   1 
ATOM   903  O O   . LEU B 1 24 ? 4.958   -0.611  -3.222  1.00 11.50 ? 24  LEU B O   1 
ATOM   904  C CB  . LEU B 1 24 ? 7.736   0.077   -4.040  1.00 10.42 ? 24  LEU B CB  1 
ATOM   905  C CG  . LEU B 1 24 ? 9.231   -0.054  -4.360  1.00 9.59  ? 24  LEU B CG  1 
ATOM   906  C CD1 . LEU B 1 24 ? 9.406   0.139   -5.870  1.00 10.16 ? 24  LEU B CD1 1 
ATOM   907  C CD2 . LEU B 1 24 ? 10.083  0.934   -3.584  1.00 11.03 ? 24  LEU B CD2 1 
ATOM   908  N N   . ASP B 1 25 ? 5.349   0.856   -1.568  1.00 9.59  ? 25  ASP B N   1 
ATOM   909  C CA  . ASP B 1 25 ? 3.952   0.849   -1.157  1.00 9.01  ? 25  ASP B CA  1 
ATOM   910  C C   . ASP B 1 25 ? 3.326   2.242   -1.176  1.00 8.72  ? 25  ASP B C   1 
ATOM   911  O O   . ASP B 1 25 ? 3.472   3.013   -0.210  1.00 7.65  ? 25  ASP B O   1 
ATOM   912  C CB  . ASP B 1 25 ? 3.859   0.212   0.232   1.00 8.17  ? 25  ASP B CB  1 
ATOM   913  C CG  . ASP B 1 25 ? 2.434   0.007   0.701   1.00 10.48 ? 25  ASP B CG  1 
ATOM   914  O OD1 . ASP B 1 25 ? 1.498   0.440   0.007   1.00 11.31 ? 25  ASP B OD1 1 
ATOM   915  O OD2 . ASP B 1 25 ? 2.242   -0.623  1.755   1.00 11.07 ? 25  ASP B OD2 1 
ATOM   916  N N   . THR B 1 26 ? 2.569   2.522   -2.242  1.00 9.07  ? 26  THR B N   1 
ATOM   917  C CA  . THR B 1 26 ? 1.951   3.851   -2.442  1.00 7.57  ? 26  THR B CA  1 
ATOM   918  C C   . THR B 1 26 ? 0.792   4.109   -1.466  1.00 7.75  ? 26  THR B C   1 
ATOM   919  O O   . THR B 1 26 ? 0.451   5.267   -1.182  1.00 6.54  ? 26  THR B O   1 
ATOM   920  C CB  . THR B 1 26 ? 1.485   4.056   -3.896  1.00 7.18  ? 26  THR B CB  1 
ATOM   921  O OG1 . THR B 1 26 ? 0.565   3.005   -4.235  1.00 5.31  ? 26  THR B OG1 1 
ATOM   922  C CG2 . THR B 1 26 ? 2.673   4.039   -4.862  1.00 7.36  ? 26  THR B CG2 1 
ATOM   923  N N   . GLY B 1 27 ? 0.236   3.036   -0.911  1.00 7.97  ? 27  GLY B N   1 
ATOM   924  C CA  . GLY B 1 27 ? -0.802  3.124   0.125   1.00 9.17  ? 27  GLY B CA  1 
ATOM   925  C C   . GLY B 1 27 ? -0.341  3.397   1.556   1.00 9.38  ? 27  GLY B C   1 
ATOM   926  O O   . GLY B 1 27 ? -1.174  3.514   2.467   1.00 9.35  ? 27  GLY B O   1 
ATOM   927  N N   . ALA B 1 28 ? 0.969   3.499   1.764   1.00 9.24  ? 28  ALA B N   1 
ATOM   928  C CA  . ALA B 1 28 ? 1.567   3.695   3.085   1.00 9.33  ? 28  ALA B CA  1 
ATOM   929  C C   . ALA B 1 28 ? 2.130   5.117   3.163   1.00 10.03 ? 28  ALA B C   1 
ATOM   930  O O   . ALA B 1 28 ? 2.963   5.504   2.341   1.00 10.43 ? 28  ALA B O   1 
ATOM   931  C CB  . ALA B 1 28 ? 2.720   2.672   3.307   1.00 8.17  ? 28  ALA B CB  1 
ATOM   932  N N   . ASP B 1 29 ? 1.687   5.891   4.148   1.00 10.52 ? 29  ASP B N   1 
ATOM   933  C CA  . ASP B 1 29 ? 2.219   7.237   4.350   1.00 10.59 ? 29  ASP B CA  1 
ATOM   934  C C   . ASP B 1 29 ? 3.674   7.159   4.803   1.00 11.40 ? 29  ASP B C   1 
ATOM   935  O O   . ASP B 1 29 ? 4.494   8.009   4.449   1.00 10.86 ? 29  ASP B O   1 
ATOM   936  C CB  . ASP B 1 29 ? 1.436   7.972   5.439   1.00 11.41 ? 29  ASP B CB  1 
ATOM   937  C CG  . ASP B 1 29 ? -0.014  8.248   5.070   1.00 11.60 ? 29  ASP B CG  1 
ATOM   938  O OD1 . ASP B 1 29 ? -0.469  7.991   3.936   1.00 9.77  ? 29  ASP B OD1 1 
ATOM   939  O OD2 . ASP B 1 29 ? -0.728  8.751   5.957   1.00 10.76 ? 29  ASP B OD2 1 
ATOM   940  N N   . ASP B 1 30 ? 3.972   6.145   5.612   1.00 11.89 ? 30  ASP B N   1 
ATOM   941  C CA  . ASP B 1 30 ? 5.245   6.028   6.311   1.00 13.77 ? 30  ASP B CA  1 
ATOM   942  C C   . ASP B 1 30 ? 5.917   4.676   6.023   1.00 12.84 ? 30  ASP B C   1 
ATOM   943  O O   . ASP B 1 30 ? 5.285   3.706   5.557   1.00 15.47 ? 30  ASP B O   1 
ATOM   944  C CB  . ASP B 1 30 ? 5.122   6.110   7.842   1.00 13.34 ? 30  ASP B CB  1 
ATOM   945  C CG  . ASP B 1 30 ? 4.141   7.138   8.337   1.00 16.45 ? 30  ASP B CG  1 
ATOM   946  O OD1 . ASP B 1 30 ? 4.267   8.320   7.949   1.00 14.35 ? 30  ASP B OD1 1 
ATOM   947  O OD2 . ASP B 1 30 ? 3.274   6.742   9.167   1.00 18.71 ? 30  ASP B OD2 1 
ATOM   948  N N   . THR B 1 31 ? 7.213   4.644   6.309   1.00 12.49 ? 31  THR B N   1 
ATOM   949  C CA  . THR B 1 31 ? 8.070   3.485   6.051   1.00 11.37 ? 31  THR B CA  1 
ATOM   950  C C   . THR B 1 31 ? 8.173   2.674   7.340   1.00 11.98 ? 31  THR B C   1 
ATOM   951  O O   . THR B 1 31 ? 8.501   3.229   8.394   1.00 12.14 ? 31  THR B O   1 
ATOM   952  C CB  . THR B 1 31 ? 9.453   3.966   5.547   1.00 10.92 ? 31  THR B CB  1 
ATOM   953  O OG1 . THR B 1 31 ? 9.274   4.528   4.243   1.00 9.49  ? 31  THR B OG1 1 
ATOM   954  C CG2 . THR B 1 31 ? 10.486  2.828   5.475   1.00 9.36  ? 31  THR B CG2 1 
ATOM   955  N N   . VAL B 1 32 ? 7.849   1.387   7.274   1.00 11.93 ? 32  VAL B N   1 
ATOM   956  C CA  . VAL B 1 32 ? 7.814   0.521   8.461   1.00 12.88 ? 32  VAL B CA  1 
ATOM   957  C C   . VAL B 1 32 ? 8.555   -0.798  8.203   1.00 14.01 ? 32  VAL B C   1 
ATOM   958  O O   . VAL B 1 32 ? 8.245   -1.534  7.257   1.00 14.07 ? 32  VAL B O   1 
ATOM   959  C CB  . VAL B 1 32 ? 6.366   0.140   8.883   1.00 12.90 ? 32  VAL B CB  1 
ATOM   960  C CG1 . VAL B 1 32 ? 6.345   -0.304  10.346  1.00 11.51 ? 32  VAL B CG1 1 
ATOM   961  C CG2 . VAL B 1 32 ? 5.381   1.265   8.606   1.00 13.81 ? 32  VAL B CG2 1 
ATOM   962  N N   . LEU B 1 33 ? 9.521   -1.103  9.057   1.00 14.90 ? 33  LEU B N   1 
ATOM   963  C CA  . LEU B 1 33 ? 10.258  -2.351  8.985   1.00 16.87 ? 33  LEU B CA  1 
ATOM   964  C C   . LEU B 1 33 ? 10.219  -3.146  10.293  1.00 17.87 ? 33  LEU B C   1 
ATOM   965  O O   . LEU B 1 33 ? 10.155  -2.579  11.387  1.00 17.42 ? 33  LEU B O   1 
ATOM   966  C CB  . LEU B 1 33 ? 11.708  -2.062  8.584   1.00 17.16 ? 33  LEU B CB  1 
ATOM   967  C CG  . LEU B 1 33 ? 11.879  -1.647  7.108   1.00 19.68 ? 33  LEU B CG  1 
ATOM   968  C CD1 . LEU B 1 33 ? 11.915  -0.131  6.923   1.00 20.43 ? 33  LEU B CD1 1 
ATOM   969  C CD2 . LEU B 1 33 ? 13.146  -2.277  6.520   1.00 22.52 ? 33  LEU B CD2 1 
ATOM   970  N N   . GLU B 1 34 ? 10.287  -4.466  10.159  1.00 19.28 ? 34  GLU B N   1 
ATOM   971  C CA  . GLU B 1 34 ? 10.142  -5.373  11.297  1.00 20.88 ? 34  GLU B CA  1 
ATOM   972  C C   . GLU B 1 34 ? 11.437  -6.033  11.737  1.00 20.96 ? 34  GLU B C   1 
ATOM   973  O O   . GLU B 1 34 ? 11.686  -6.121  12.937  1.00 20.79 ? 34  GLU B O   1 
ATOM   974  C CB  . GLU B 1 34 ? 9.115   -6.468  11.013  1.00 21.25 ? 34  GLU B CB  1 
ATOM   975  C CG  . GLU B 1 34 ? 9.242   -7.103  9.633   1.00 25.22 ? 34  GLU B CG  1 
ATOM   976  C CD  . GLU B 1 34 ? 9.038   -8.603  9.641   1.00 29.36 ? 34  GLU B CD  1 
ATOM   977  O OE1 . GLU B 1 34 ? 8.293   -9.112  10.514  1.00 32.54 ? 34  GLU B OE1 1 
ATOM   978  O OE2 . GLU B 1 34 ? 9.632   -9.269  8.760   1.00 32.22 ? 34  GLU B OE2 1 
ATOM   979  N N   . ASP B 1 35 ? 12.251  -6.486  10.785  1.00 21.12 ? 35  ASP B N   1 
ATOM   980  C CA  . ASP B 1 35 ? 13.364  -7.394  11.088  1.00 21.83 ? 35  ASP B CA  1 
ATOM   981  C C   . ASP B 1 35 ? 14.667  -6.627  11.224  1.00 22.29 ? 35  ASP B C   1 
ATOM   982  O O   . ASP B 1 35 ? 15.665  -6.980  10.599  1.00 21.90 ? 35  ASP B O   1 
ATOM   983  C CB  . ASP B 1 35 ? 13.487  -8.513  10.028  1.00 21.67 ? 35  ASP B CB  1 
ATOM   984  C CG  . ASP B 1 35 ? 13.428  -8.001  8.572   1.00 22.12 ? 35  ASP B CG  1 
ATOM   985  O OD1 . ASP B 1 35 ? 13.049  -6.836  8.319   1.00 20.00 ? 35  ASP B OD1 1 
ATOM   986  O OD2 . ASP B 1 35 ? 13.770  -8.780  7.655   1.00 21.80 ? 35  ASP B OD2 1 
ATOM   987  N N   . ILE B 1 36 ? 14.664  -5.582  12.047  1.00 23.07 ? 36  ILE B N   1 
ATOM   988  C CA  . ILE B 1 36 ? 15.787  -4.655  12.061  1.00 23.75 ? 36  ILE B CA  1 
ATOM   989  C C   . ILE B 1 36 ? 15.985  -3.934  13.396  1.00 24.90 ? 36  ILE B C   1 
ATOM   990  O O   . ILE B 1 36 ? 15.026  -3.492  14.041  1.00 25.43 ? 36  ILE B O   1 
ATOM   991  C CB  . ILE B 1 36 ? 15.661  -3.620  10.916  1.00 23.79 ? 36  ILE B CB  1 
ATOM   992  C CG1 . ILE B 1 36 ? 17.041  -3.145  10.468  1.00 24.62 ? 36  ILE B CG1 1 
ATOM   993  C CG2 . ILE B 1 36 ? 14.782  -2.418  11.326  1.00 22.95 ? 36  ILE B CG2 1 
ATOM   994  C CD1 . ILE B 1 36 ? 16.984  -1.861  9.654   1.00 25.85 ? 36  ILE B CD1 1 
ATOM   995  N N   . ASN B 1 37 ? 17.256  -3.830  13.784  1.00 25.63 ? 37  ASN B N   1 
ATOM   996  C CA  . ASN B 1 37 ? 17.694  -3.143  14.996  1.00 26.63 ? 37  ASN B CA  1 
ATOM   997  C C   . ASN B 1 37 ? 18.453  -1.876  14.595  1.00 26.80 ? 37  ASN B C   1 
ATOM   998  O O   . ASN B 1 37 ? 19.543  -1.957  14.027  1.00 27.66 ? 37  ASN B O   1 
ATOM   999  C CB  . ASN B 1 37 ? 18.589  -4.073  15.828  1.00 26.06 ? 37  ASN B CB  1 
ATOM   1000 N N   . LEU B 1 38 ? 17.836  -0.718  14.831  1.00 27.30 ? 38  LEU B N   1 
ATOM   1001 C CA  . LEU B 1 38 ? 18.438  0.579   14.529  1.00 26.71 ? 38  LEU B CA  1 
ATOM   1002 C C   . LEU B 1 38 ? 18.926  1.178   15.841  1.00 27.14 ? 38  LEU B C   1 
ATOM   1003 O O   . LEU B 1 38 ? 18.233  1.102   16.860  1.00 27.63 ? 38  LEU B O   1 
ATOM   1004 C CB  . LEU B 1 38 ? 17.429  1.535   13.881  1.00 26.54 ? 38  LEU B CB  1 
ATOM   1005 C CG  . LEU B 1 38 ? 16.888  1.181   12.491  1.00 25.40 ? 38  LEU B CG  1 
ATOM   1006 C CD1 . LEU B 1 38 ? 15.807  2.174   12.055  1.00 23.62 ? 38  LEU B CD1 1 
ATOM   1007 C CD2 . LEU B 1 38 ? 18.012  1.121   11.456  1.00 24.68 ? 38  LEU B CD2 1 
ATOM   1008 N N   . PRO B 1 39 ? 20.111  1.794   15.822  1.00 26.58 ? 39  PRO B N   1 
ATOM   1009 C CA  . PRO B 1 39 ? 20.689  2.320   17.053  1.00 26.78 ? 39  PRO B CA  1 
ATOM   1010 C C   . PRO B 1 39 ? 20.096  3.672   17.458  1.00 26.73 ? 39  PRO B C   1 
ATOM   1011 O O   . PRO B 1 39 ? 19.431  4.326   16.654  1.00 26.67 ? 39  PRO B O   1 
ATOM   1012 C CB  . PRO B 1 39 ? 22.169  2.467   16.697  1.00 26.74 ? 39  PRO B CB  1 
ATOM   1013 C CG  . PRO B 1 39 ? 22.175  2.715   15.213  1.00 26.36 ? 39  PRO B CG  1 
ATOM   1014 C CD  . PRO B 1 39 ? 20.962  2.041   14.644  1.00 26.73 ? 39  PRO B CD  1 
ATOM   1015 N N   . GLY B 1 40 ? 20.328  4.061   18.707  1.00 26.72 ? 40  GLY B N   1 
ATOM   1016 C CA  . GLY B 1 40 ? 20.040  5.417   19.172  1.00 26.89 ? 40  GLY B CA  1 
ATOM   1017 C C   . GLY B 1 40 ? 18.631  5.673   19.682  1.00 26.75 ? 40  GLY B C   1 
ATOM   1018 O O   . GLY B 1 40 ? 17.831  4.748   19.830  1.00 26.66 ? 40  GLY B O   1 
ATOM   1019 N N   . LYS B 1 41 ? 18.340  6.946   19.947  1.00 26.40 ? 41  LYS B N   1 
ATOM   1020 C CA  . LYS B 1 41 ? 17.067  7.372   20.512  1.00 26.15 ? 41  LYS B CA  1 
ATOM   1021 C C   . LYS B 1 41 ? 15.937  7.269   19.500  1.00 26.26 ? 41  LYS B C   1 
ATOM   1022 O O   . LYS B 1 41 ? 16.167  7.208   18.295  1.00 25.57 ? 41  LYS B O   1 
ATOM   1023 C CB  . LYS B 1 41 ? 17.170  8.820   20.993  1.00 26.55 ? 41  LYS B CB  1 
ATOM   1024 N N   . TRP B 1 42 ? 14.712  7.283   20.016  1.00 26.59 ? 42  TRP B N   1 
ATOM   1025 C CA  . TRP B 1 42 ? 13.498  7.133   19.217  1.00 27.26 ? 42  TRP B CA  1 
ATOM   1026 C C   . TRP B 1 42 ? 12.291  7.498   20.089  1.00 27.50 ? 42  TRP B C   1 
ATOM   1027 O O   . TRP B 1 42 ? 12.391  7.462   21.318  1.00 28.07 ? 42  TRP B O   1 
ATOM   1028 C CB  . TRP B 1 42 ? 13.365  5.688   18.737  1.00 27.03 ? 42  TRP B CB  1 
ATOM   1029 C CG  . TRP B 1 42 ? 13.433  4.681   19.841  1.00 27.57 ? 42  TRP B CG  1 
ATOM   1030 C CD1 . TRP B 1 42 ? 14.545  4.037   20.297  1.00 29.39 ? 42  TRP B CD1 1 
ATOM   1031 C CD2 . TRP B 1 42 ? 12.346  4.214   20.641  1.00 28.07 ? 42  TRP B CD2 1 
ATOM   1032 N NE1 . TRP B 1 42 ? 14.218  3.193   21.327  1.00 28.98 ? 42  TRP B NE1 1 
ATOM   1033 C CE2 . TRP B 1 42 ? 12.873  3.288   21.563  1.00 28.81 ? 42  TRP B CE2 1 
ATOM   1034 C CE3 . TRP B 1 42 ? 10.979  4.490   20.668  1.00 29.05 ? 42  TRP B CE3 1 
ATOM   1035 C CZ2 . TRP B 1 42 ? 12.081  2.634   22.497  1.00 28.82 ? 42  TRP B CZ2 1 
ATOM   1036 C CZ3 . TRP B 1 42 ? 10.193  3.844   21.602  1.00 29.66 ? 42  TRP B CZ3 1 
ATOM   1037 C CH2 . TRP B 1 42 ? 10.745  2.923   22.499  1.00 29.77 ? 42  TRP B CH2 1 
ATOM   1038 N N   . LYS B 1 43 ? 11.165  7.835   19.462  1.00 27.48 ? 43  LYS B N   1 
ATOM   1039 C CA  . LYS B 1 43 ? 9.945   8.183   20.188  1.00 26.70 ? 43  LYS B CA  1 
ATOM   1040 C C   . LYS B 1 43 ? 8.865   7.138   19.926  1.00 27.05 ? 43  LYS B C   1 
ATOM   1041 O O   . LYS B 1 43 ? 8.695   6.685   18.788  1.00 26.53 ? 43  LYS B O   1 
ATOM   1042 C CB  . LYS B 1 43 ? 9.441   9.556   19.752  1.00 27.25 ? 43  LYS B CB  1 
ATOM   1043 N N   . PRO B 1 44 ? 8.143   6.725   20.981  1.00 26.55 ? 44  PRO B N   1 
ATOM   1044 C CA  . PRO B 1 44 ? 7.016   5.807   20.801  1.00 26.24 ? 44  PRO B CA  1 
ATOM   1045 C C   . PRO B 1 44 ? 5.939   6.367   19.873  1.00 25.85 ? 44  PRO B C   1 
ATOM   1046 O O   . PRO B 1 44 ? 5.733   7.580   19.817  1.00 25.51 ? 44  PRO B O   1 
ATOM   1047 C CB  . PRO B 1 44 ? 6.465   5.637   22.220  1.00 26.15 ? 44  PRO B CB  1 
ATOM   1048 C CG  . PRO B 1 44 ? 7.604   5.940   23.121  1.00 26.52 ? 44  PRO B CG  1 
ATOM   1049 C CD  . PRO B 1 44 ? 8.474   6.932   22.403  1.00 26.66 ? 44  PRO B CD  1 
ATOM   1050 N N   . LYS B 1 45 ? 5.273   5.479   19.142  1.00 25.67 ? 45  LYS B N   1 
ATOM   1051 C CA  . LYS B 1 45 ? 4.221   5.874   18.209  1.00 25.61 ? 45  LYS B CA  1 
ATOM   1052 C C   . LYS B 1 45 ? 3.371   4.658   17.835  1.00 25.35 ? 45  LYS B C   1 
ATOM   1053 O O   . LYS B 1 45 ? 3.844   3.521   17.893  1.00 24.55 ? 45  LYS B O   1 
ATOM   1054 C CB  . LYS B 1 45 ? 4.857   6.478   16.957  1.00 25.95 ? 45  LYS B CB  1 
ATOM   1055 C CG  . LYS B 1 45 ? 3.900   7.093   15.961  1.00 26.61 ? 45  LYS B CG  1 
ATOM   1056 C CD  . LYS B 1 45 ? 4.672   7.550   14.719  1.00 28.35 ? 45  LYS B CD  1 
ATOM   1057 C CE  . LYS B 1 45 ? 3.821   7.591   13.443  1.00 28.34 ? 45  LYS B CE  1 
ATOM   1058 N NZ  . LYS B 1 45 ? 2.889   8.764   13.394  1.00 29.52 ? 45  LYS B NZ  1 
ATOM   1059 N N   . MET B 1 46 ? 2.112   4.907   17.478  1.00 25.10 ? 46  MET B N   1 
ATOM   1060 C CA  . MET B 1 46 ? 1.209   3.852   17.008  1.00 25.21 ? 46  MET B CA  1 
ATOM   1061 C C   . MET B 1 46 ? 0.766   4.175   15.598  1.00 23.90 ? 46  MET B C   1 
ATOM   1062 O O   . MET B 1 46 ? 0.489   5.340   15.295  1.00 24.16 ? 46  MET B O   1 
ATOM   1063 C CB  . MET B 1 46 ? -0.039  3.765   17.877  1.00 25.40 ? 46  MET B CB  1 
ATOM   1064 C CG  . MET B 1 46 ? 0.188   4.112   19.336  1.00 28.78 ? 46  MET B CG  1 
ATOM   1065 S SD  . MET B 1 46 ? -0.573  2.854   20.351  1.00 35.98 ? 46  MET B SD  1 
ATOM   1066 C CE  . MET B 1 46 ? 0.425   1.437   19.885  1.00 35.11 ? 46  MET B CE  1 
ATOM   1067 N N   . ILE B 1 47 ? 0.696   3.154   14.751  1.00 22.31 ? 47  ILE B N   1 
ATOM   1068 C CA  . ILE B 1 47 ? 0.118   3.299   13.419  1.00 21.60 ? 47  ILE B CA  1 
ATOM   1069 C C   . ILE B 1 47 ? -0.950  2.249   13.167  1.00 21.47 ? 47  ILE B C   1 
ATOM   1070 O O   . ILE B 1 47 ? -0.846  1.096   13.611  1.00 20.77 ? 47  ILE B O   1 
ATOM   1071 C CB  . ILE B 1 47 ? 1.165   3.204   12.284  1.00 21.06 ? 47  ILE B CB  1 
ATOM   1072 C CG1 . ILE B 1 47 ? 1.937   1.882   12.351  1.00 21.63 ? 47  ILE B CG1 1 
ATOM   1073 C CG2 . ILE B 1 47 ? 2.104   4.382   12.330  1.00 21.28 ? 47  ILE B CG2 1 
ATOM   1074 C CD1 . ILE B 1 47 ? 3.011   1.777   11.311  1.00 22.03 ? 47  ILE B CD1 1 
ATOM   1075 N N   . GLY B 1 48 ? -1.971  2.648   12.421  1.00 21.83 ? 48  GLY B N   1 
ATOM   1076 C CA  . GLY B 1 48 ? -3.081  1.753   12.120  1.00 21.96 ? 48  GLY B CA  1 
ATOM   1077 C C   . GLY B 1 48 ? -3.129  1.322   10.665  1.00 22.64 ? 48  GLY B C   1 
ATOM   1078 O O   . GLY B 1 48 ? -2.809  2.084   9.761   1.00 23.02 ? 48  GLY B O   1 
ATOM   1079 N N   . GLY B 1 49 ? -3.563  0.088   10.448  1.00 23.67 ? 49  GLY B N   1 
ATOM   1080 C CA  . GLY B 1 49 ? -3.738  -0.460  9.118   1.00 24.97 ? 49  GLY B CA  1 
ATOM   1081 C C   . GLY B 1 49 ? -5.020  -1.255  9.059   1.00 26.35 ? 49  GLY B C   1 
ATOM   1082 O O   . GLY B 1 49 ? -5.920  -1.046  9.868   1.00 26.47 ? 49  GLY B O   1 
ATOM   1083 N N   . ILE B 1 50 ? -5.085  -2.205  8.132   1.00 28.35 ? 50  ILE B N   1 
ATOM   1084 C CA  . ILE B 1 50 ? -6.332  -2.924  7.880   1.00 29.65 ? 50  ILE B CA  1 
ATOM   1085 C C   . ILE B 1 50 ? -6.925  -3.582  9.129   1.00 31.58 ? 50  ILE B C   1 
ATOM   1086 O O   . ILE B 1 50 ? -8.141  -3.450  9.395   1.00 32.95 ? 50  ILE B O   1 
ATOM   1087 C CB  . ILE B 1 50 ? -6.229  -3.882  6.666   1.00 29.56 ? 50  ILE B CB  1 
ATOM   1088 C CG1 . ILE B 1 50 ? -7.073  -3.330  5.510   1.00 29.43 ? 50  ILE B CG1 1 
ATOM   1089 C CG2 . ILE B 1 50 ? -6.685  -5.314  6.996   1.00 31.94 ? 50  ILE B CG2 1 
ATOM   1090 C CD1 . ILE B 1 50 ? -7.178  -4.260  4.310   1.00 31.00 ? 50  ILE B CD1 1 
ATOM   1091 N N   . GLY B 1 51 ? -6.075  -4.243  9.914   1.00 30.98 ? 51  GLY B N   1 
ATOM   1092 C CA  . GLY B 1 51 ? -6.546  -4.958  11.100  1.00 30.66 ? 51  GLY B CA  1 
ATOM   1093 C C   . GLY B 1 51 ? -6.477  -4.169  12.405  1.00 30.37 ? 51  GLY B C   1 
ATOM   1094 O O   . GLY B 1 51 ? -6.714  -4.721  13.474  1.00 31.92 ? 51  GLY B O   1 
ATOM   1095 N N   . GLY B 1 52 ? -6.180  -2.877  12.341  1.00 28.19 ? 52  GLY B N   1 
ATOM   1096 C CA  . GLY B 1 52 ? -6.052  -2.078  13.547  1.00 26.82 ? 52  GLY B CA  1 
ATOM   1097 C C   . GLY B 1 52 ? -4.644  -1.546  13.675  1.00 25.35 ? 52  GLY B C   1 
ATOM   1098 O O   . GLY B 1 52 ? -3.982  -1.275  12.684  1.00 23.73 ? 52  GLY B O   1 
ATOM   1099 N N   . PHE B 1 53 ? -4.164  -1.449  14.906  1.00 24.74 ? 53  PHE B N   1 
ATOM   1100 C CA  . PHE B 1 53 ? -2.990  -0.649  15.192  1.00 24.32 ? 53  PHE B CA  1 
ATOM   1101 C C   . PHE B 1 53 ? -1.817  -1.479  15.694  1.00 23.82 ? 53  PHE B C   1 
ATOM   1102 O O   . PHE B 1 53 ? -1.983  -2.520  16.322  1.00 23.66 ? 53  PHE B O   1 
ATOM   1103 C CB  . PHE B 1 53 ? -3.329  0.420   16.242  1.00 24.64 ? 53  PHE B CB  1 
ATOM   1104 C CG  . PHE B 1 53 ? -3.996  1.658   15.679  1.00 25.68 ? 53  PHE B CG  1 
ATOM   1105 C CD1 . PHE B 1 53 ? -3.333  2.889   15.686  1.00 25.54 ? 53  PHE B CD1 1 
ATOM   1106 C CD2 . PHE B 1 53 ? -5.296  1.603   15.172  1.00 25.40 ? 53  PHE B CD2 1 
ATOM   1107 C CE1 . PHE B 1 53 ? -3.941  4.023   15.167  1.00 24.42 ? 53  PHE B CE1 1 
ATOM   1108 C CE2 . PHE B 1 53 ? -5.907  2.737   14.667  1.00 23.40 ? 53  PHE B CE2 1 
ATOM   1109 C CZ  . PHE B 1 53 ? -5.226  3.941   14.652  1.00 22.56 ? 53  PHE B CZ  1 
ATOM   1110 N N   . ILE B 1 54 ? -0.616  -0.991  15.423  1.00 23.25 ? 54  ILE B N   1 
ATOM   1111 C CA  . ILE B 1 54 ? 0.570   -1.548  16.058  1.00 22.43 ? 54  ILE B CA  1 
ATOM   1112 C C   . ILE B 1 54 ? 1.374   -0.407  16.688  1.00 22.65 ? 54  ILE B C   1 
ATOM   1113 O O   . ILE B 1 54 ? 1.335   0.744   16.221  1.00 21.81 ? 54  ILE B O   1 
ATOM   1114 C CB  . ILE B 1 54 ? 1.438   -2.388  15.074  1.00 22.39 ? 54  ILE B CB  1 
ATOM   1115 C CG1 . ILE B 1 54 ? 1.839   -1.577  13.834  1.00 21.21 ? 54  ILE B CG1 1 
ATOM   1116 C CG2 . ILE B 1 54 ? 0.691   -3.657  14.649  1.00 18.86 ? 54  ILE B CG2 1 
ATOM   1117 C CD1 . ILE B 1 54 ? 3.204   -1.983  13.251  1.00 20.68 ? 54  ILE B CD1 1 
ATOM   1118 N N   . LYS B 1 55 ? 2.082   -0.730  17.766  1.00 22.38 ? 55  LYS B N   1 
ATOM   1119 C CA  . LYS B 1 55 ? 3.029   0.207   18.363  1.00 21.97 ? 55  LYS B CA  1 
ATOM   1120 C C   . LYS B 1 55 ? 4.381   0.049   17.653  1.00 21.45 ? 55  LYS B C   1 
ATOM   1121 O O   . LYS B 1 55 ? 4.825   -1.058  17.347  1.00 19.20 ? 55  LYS B O   1 
ATOM   1122 C CB  . LYS B 1 55 ? 3.126   0.004   19.883  1.00 22.97 ? 55  LYS B CB  1 
ATOM   1123 N N   . VAL B 1 56 ? 5.015   1.176   17.357  1.00 21.16 ? 56  VAL B N   1 
ATOM   1124 C CA  . VAL B 1 56 ? 6.295   1.171   16.678  1.00 20.71 ? 56  VAL B CA  1 
ATOM   1125 C C   . VAL B 1 56 ? 7.266   2.123   17.373  1.00 20.46 ? 56  VAL B C   1 
ATOM   1126 O O   . VAL B 1 56 ? 6.871   2.995   18.161  1.00 20.38 ? 56  VAL B O   1 
ATOM   1127 C CB  . VAL B 1 56 ? 6.158   1.565   15.190  1.00 20.98 ? 56  VAL B CB  1 
ATOM   1128 C CG1 . VAL B 1 56 ? 5.230   0.589   14.445  1.00 20.02 ? 56  VAL B CG1 1 
ATOM   1129 C CG2 . VAL B 1 56 ? 5.678   3.011   15.044  1.00 19.24 ? 56  VAL B CG2 1 
ATOM   1130 N N   . ARG B 1 57 ? 8.548   1.940   17.081  1.00 19.63 ? 57  ARG B N   1 
ATOM   1131 C CA  . ARG B 1 57 ? 9.540   2.943   17.422  1.00 19.15 ? 57  ARG B CA  1 
ATOM   1132 C C   . ARG B 1 57 ? 9.737   3.828   16.209  1.00 18.12 ? 57  ARG B C   1 
ATOM   1133 O O   . ARG B 1 57 ? 9.918   3.339   15.094  1.00 17.58 ? 57  ARG B O   1 
ATOM   1134 C CB  . ARG B 1 57 ? 10.856  2.288   17.822  1.00 19.53 ? 57  ARG B CB  1 
ATOM   1135 C CG  . ARG B 1 57 ? 10.679  1.244   18.894  1.00 21.47 ? 57  ARG B CG  1 
ATOM   1136 C CD  . ARG B 1 57 ? 11.992  0.565   19.193  1.00 22.58 ? 57  ARG B CD  1 
ATOM   1137 N NE  . ARG B 1 57 ? 11.916  -0.152  20.458  1.00 24.61 ? 57  ARG B NE  1 
ATOM   1138 C CZ  . ARG B 1 57 ? 12.964  -0.624  21.122  1.00 25.19 ? 57  ARG B CZ  1 
ATOM   1139 N NH1 . ARG B 1 57 ? 14.194  -0.457  20.653  1.00 24.94 ? 57  ARG B NH1 1 
ATOM   1140 N NH2 . ARG B 1 57 ? 12.773  -1.267  22.265  1.00 26.11 ? 57  ARG B NH2 1 
ATOM   1141 N N   . GLN B 1 58 ? 9.665   5.134   16.433  1.00 17.38 ? 58  GLN B N   1 
ATOM   1142 C CA  . GLN B 1 58 ? 9.951   6.102   15.389  1.00 17.38 ? 58  GLN B CA  1 
ATOM   1143 C C   . GLN B 1 58 ? 11.389  6.590   15.505  1.00 16.82 ? 58  GLN B C   1 
ATOM   1144 O O   . GLN B 1 58 ? 11.774  7.171   16.528  1.00 16.15 ? 58  GLN B O   1 
ATOM   1145 C CB  . GLN B 1 58 ? 9.008   7.302   15.511  1.00 17.17 ? 58  GLN B CB  1 
ATOM   1146 C CG  . GLN B 1 58 ? 9.307   8.402   14.501  1.00 17.52 ? 58  GLN B CG  1 
ATOM   1147 C CD  . GLN B 1 58 ? 8.354   9.566   14.620  1.00 18.41 ? 58  GLN B CD  1 
ATOM   1148 O OE1 . GLN B 1 58 ? 7.321   9.465   15.269  1.00 19.89 ? 58  GLN B OE1 1 
ATOM   1149 N NE2 . GLN B 1 58 ? 8.694   10.679  13.984  1.00 20.25 ? 58  GLN B NE2 1 
ATOM   1150 N N   . TYR B 1 59 ? 12.160  6.357   14.449  1.00 17.14 ? 59  TYR B N   1 
ATOM   1151 C CA  . TYR B 1 59 ? 13.533  6.830   14.323  1.00 16.83 ? 59  TYR B CA  1 
ATOM   1152 C C   . TYR B 1 59 ? 13.552  7.894   13.228  1.00 17.15 ? 59  TYR B C   1 
ATOM   1153 O O   . TYR B 1 59 ? 13.072  7.657   12.113  1.00 16.51 ? 59  TYR B O   1 
ATOM   1154 C CB  . TYR B 1 59 ? 14.470  5.673   13.924  1.00 17.65 ? 59  TYR B CB  1 
ATOM   1155 C CG  . TYR B 1 59 ? 14.695  4.631   15.003  1.00 17.21 ? 59  TYR B CG  1 
ATOM   1156 C CD1 . TYR B 1 59 ? 13.850  3.532   15.123  1.00 18.20 ? 59  TYR B CD1 1 
ATOM   1157 C CD2 . TYR B 1 59 ? 15.744  4.755   15.907  1.00 17.92 ? 59  TYR B CD2 1 
ATOM   1158 C CE1 . TYR B 1 59 ? 14.038  2.588   16.119  1.00 17.71 ? 59  TYR B CE1 1 
ATOM   1159 C CE2 . TYR B 1 59 ? 15.947  3.813   16.900  1.00 17.24 ? 59  TYR B CE2 1 
ATOM   1160 C CZ  . TYR B 1 59 ? 15.091  2.734   17.008  1.00 19.33 ? 59  TYR B CZ  1 
ATOM   1161 O OH  . TYR B 1 59 ? 15.291  1.799   18.005  1.00 16.98 ? 59  TYR B OH  1 
ATOM   1162 N N   . ASP B 1 60 ? 14.118  9.059   13.535  1.00 16.11 ? 60  ASP B N   1 
ATOM   1163 C CA  . ASP B 1 60 ? 14.188  10.159  12.568  1.00 16.39 ? 60  ASP B CA  1 
ATOM   1164 C C   . ASP B 1 60 ? 15.535  10.281  11.885  1.00 15.11 ? 60  ASP B C   1 
ATOM   1165 O O   . ASP B 1 60 ? 16.570  9.896   12.433  1.00 15.92 ? 60  ASP B O   1 
ATOM   1166 C CB  . ASP B 1 60 ? 13.836  11.490  13.242  1.00 17.45 ? 60  ASP B CB  1 
ATOM   1167 C CG  . ASP B 1 60 ? 12.420  11.486  13.793  1.00 19.43 ? 60  ASP B CG  1 
ATOM   1168 O OD1 . ASP B 1 60 ? 11.528  10.888  13.140  1.00 23.32 ? 60  ASP B OD1 1 
ATOM   1169 O OD2 . ASP B 1 60 ? 12.223  12.042  14.890  1.00 22.58 ? 60  ASP B OD2 1 
ATOM   1170 N N   . GLN B 1 61 ? 15.508  10.820  10.676  1.00 13.43 ? 61  GLN B N   1 
ATOM   1171 C CA  . GLN B 1 61 ? 16.713  11.127  9.942   1.00 12.22 ? 61  GLN B CA  1 
ATOM   1172 C C   . GLN B 1 61 ? 17.540  9.851   9.725   1.00 12.12 ? 61  GLN B C   1 
ATOM   1173 O O   . GLN B 1 61 ? 18.745  9.850   9.941   1.00 12.26 ? 61  GLN B O   1 
ATOM   1174 C CB  . GLN B 1 61 ? 17.507  12.226  10.675  1.00 12.33 ? 61  GLN B CB  1 
ATOM   1175 N N   . ILE B 1 62 ? 16.891  8.783   9.256   1.00 11.91 ? 62  ILE B N   1 
ATOM   1176 C CA  . ILE B 1 62 ? 17.571  7.518   8.950   1.00 11.36 ? 62  ILE B CA  1 
ATOM   1177 C C   . ILE B 1 62 ? 17.900  7.423   7.468   1.00 11.34 ? 62  ILE B C   1 
ATOM   1178 O O   . ILE B 1 62 ? 17.038  7.646   6.619   1.00 9.95  ? 62  ILE B O   1 
ATOM   1179 C CB  . ILE B 1 62 ? 16.697  6.310   9.346   1.00 11.09 ? 62  ILE B CB  1 
ATOM   1180 C CG1 . ILE B 1 62 ? 16.401  6.357   10.848  1.00 10.68 ? 62  ILE B CG1 1 
ATOM   1181 C CG2 . ILE B 1 62 ? 17.370  4.977   8.957   1.00 11.12 ? 62  ILE B CG2 1 
ATOM   1182 C CD1 . ILE B 1 62 ? 17.632  6.283   11.741  1.00 11.29 ? 62  ILE B CD1 1 
ATOM   1183 N N   . LEU B 1 63 ? 19.144  7.064   7.158   1.00 12.45 ? 63  LEU B N   1 
ATOM   1184 C CA  . LEU B 1 63 ? 19.558  6.856   5.779   1.00 11.76 ? 63  LEU B CA  1 
ATOM   1185 C C   . LEU B 1 63 ? 19.123  5.485   5.283   1.00 12.96 ? 63  LEU B C   1 
ATOM   1186 O O   . LEU B 1 63 ? 19.361  4.467   5.923   1.00 13.31 ? 63  LEU B O   1 
ATOM   1187 C CB  . LEU B 1 63 ? 21.080  6.993   5.661   1.00 12.55 ? 63  LEU B CB  1 
ATOM   1188 C CG  . LEU B 1 63 ? 21.693  6.693   4.297   1.00 12.40 ? 63  LEU B CG  1 
ATOM   1189 C CD1 . LEU B 1 63 ? 21.254  7.743   3.243   1.00 10.79 ? 63  LEU B CD1 1 
ATOM   1190 C CD2 . LEU B 1 63 ? 23.225  6.639   4.437   1.00 11.69 ? 63  LEU B CD2 1 
ATOM   1191 N N   . ILE B 1 64 ? 18.543  5.460   4.091   1.00 13.61 ? 64  ILE B N   1 
ATOM   1192 C CA  . ILE B 1 64 ? 18.215  4.206   3.435   1.00 14.65 ? 64  ILE B CA  1 
ATOM   1193 C C   . ILE B 1 64 ? 18.604  4.311   1.970   1.00 14.80 ? 64  ILE B C   1 
ATOM   1194 O O   . ILE B 1 64 ? 18.626  5.398   1.381   1.00 14.86 ? 64  ILE B O   1 
ATOM   1195 C CB  . ILE B 1 64 ? 16.715  3.869   3.567   1.00 14.65 ? 64  ILE B CB  1 
ATOM   1196 C CG1 . ILE B 1 64 ? 15.869  4.868   2.787   1.00 17.15 ? 64  ILE B CG1 1 
ATOM   1197 C CG2 . ILE B 1 64 ? 16.289  3.874   5.010   1.00 13.13 ? 64  ILE B CG2 1 
ATOM   1198 C CD1 . ILE B 1 64 ? 15.271  4.285   1.524   1.00 21.69 ? 64  ILE B CD1 1 
ATOM   1199 N N   . GLU B 1 65 ? 18.945  3.170   1.393   1.00 16.33 ? 65  GLU B N   1 
ATOM   1200 C CA  . GLU B 1 65 ? 19.356  3.111   0.002   1.00 17.98 ? 65  GLU B CA  1 
ATOM   1201 C C   . GLU B 1 65 ? 18.438  2.088   -0.650  1.00 18.55 ? 65  GLU B C   1 
ATOM   1202 O O   . GLU B 1 65 ? 18.453  0.926   -0.263  1.00 18.30 ? 65  GLU B O   1 
ATOM   1203 C CB  . GLU B 1 65 ? 20.822  2.680   -0.052  1.00 18.27 ? 65  GLU B CB  1 
ATOM   1204 C CG  . GLU B 1 65 ? 21.544  3.051   -1.301  1.00 20.66 ? 65  GLU B CG  1 
ATOM   1205 C CD  . GLU B 1 65 ? 23.043  2.821   -1.169  1.00 24.46 ? 65  GLU B CD  1 
ATOM   1206 O OE1 . GLU B 1 65 ? 23.670  3.358   -0.226  1.00 25.86 ? 65  GLU B OE1 1 
ATOM   1207 O OE2 . GLU B 1 65 ? 23.591  2.085   -2.014  1.00 29.22 ? 65  GLU B OE2 1 
ATOM   1208 N N   . ILE B 1 66 ? 17.589  2.534   -1.575  1.00 19.46 ? 66  ILE B N   1 
ATOM   1209 C CA  . ILE B 1 66 ? 16.482  1.701   -2.070  1.00 19.80 ? 66  ILE B CA  1 
ATOM   1210 C C   . ILE B 1 66 ? 16.694  1.594   -3.553  1.00 20.71 ? 66  ILE B C   1 
ATOM   1211 O O   . ILE B 1 66 ? 16.757  2.613   -4.246  1.00 20.72 ? 66  ILE B O   1 
ATOM   1212 C CB  . ILE B 1 66 ? 15.087  2.304   -1.775  1.00 20.32 ? 66  ILE B CB  1 
ATOM   1213 N N   . CYS B 1 67 ? 16.851  0.359   -4.028  1.00 22.21 ? 67  CYS B N   1 
ATOM   1214 C CA  . CYS B 1 67 ? 17.314  0.104   -5.389  1.00 23.16 ? 67  CYS B CA  1 
ATOM   1215 C C   . CYS B 1 67 ? 18.477  1.046   -5.774  1.00 23.30 ? 67  CYS B C   1 
ATOM   1216 O O   . CYS B 1 67 ? 18.551  1.529   -6.911  1.00 23.22 ? 67  CYS B O   1 
ATOM   1217 C CB  . CYS B 1 67 ? 16.131  0.212   -6.375  1.00 23.60 ? 67  CYS B CB  1 
ATOM   1218 S SG  . CYS B 1 67 ? 16.311  -0.704  -7.927  1.00 25.79 ? 67  CYS B SG  1 
ATOM   1219 N N   . GLY B 1 68 ? 19.383  1.295   -4.824  1.00 23.12 ? 68  GLY B N   1 
ATOM   1220 C CA  . GLY B 1 68 ? 20.587  2.091   -5.067  1.00 23.19 ? 68  GLY B CA  1 
ATOM   1221 C C   . GLY B 1 68 ? 20.339  3.580   -5.265  1.00 23.09 ? 68  GLY B C   1 
ATOM   1222 O O   . GLY B 1 68 ? 21.016  4.238   -6.062  1.00 23.21 ? 68  GLY B O   1 
ATOM   1223 N N   . LYS B 1 69 ? 19.349  4.115   -4.561  1.00 22.73 ? 69  LYS B N   1 
ATOM   1224 C CA  . LYS B 1 69 ? 19.104  5.564   -4.550  1.00 21.62 ? 69  LYS B CA  1 
ATOM   1225 C C   . LYS B 1 69 ? 18.946  5.911   -3.078  1.00 20.57 ? 69  LYS B C   1 
ATOM   1226 O O   . LYS B 1 69 ? 18.248  5.213   -2.349  1.00 21.07 ? 69  LYS B O   1 
ATOM   1227 C CB  . LYS B 1 69 ? 17.832  5.930   -5.333  1.00 21.44 ? 69  LYS B CB  1 
ATOM   1228 N N   . LYS B 1 70 ? 19.576  6.991   -2.644  1.00 20.07 ? 70  LYS B N   1 
ATOM   1229 C CA  . LYS B 1 70 ? 19.629  7.344   -1.231  1.00 19.20 ? 70  LYS B CA  1 
ATOM   1230 C C   . LYS B 1 70 ? 18.450  8.224   -0.832  1.00 18.41 ? 70  LYS B C   1 
ATOM   1231 O O   . LYS B 1 70 ? 17.948  9.031   -1.610  1.00 19.15 ? 70  LYS B O   1 
ATOM   1232 C CB  . LYS B 1 70 ? 20.967  8.022   -0.894  1.00 19.06 ? 70  LYS B CB  1 
ATOM   1233 C CG  . LYS B 1 70 ? 22.097  7.030   -0.702  1.00 20.98 ? 70  LYS B CG  1 
ATOM   1234 C CD  . LYS B 1 70 ? 23.467  7.660   -0.762  1.00 24.27 ? 70  LYS B CD  1 
ATOM   1235 C CE  . LYS B 1 70 ? 24.531  6.581   -0.929  1.00 25.89 ? 70  LYS B CE  1 
ATOM   1236 N NZ  . LYS B 1 70 ? 25.822  7.165   -1.364  1.00 27.87 ? 70  LYS B NZ  1 
ATOM   1237 N N   . ALA B 1 71 ? 18.002  8.049   0.399   1.00 17.51 ? 71  ALA B N   1 
ATOM   1238 C CA  . ALA B 1 71 ? 16.982  8.906   0.976   1.00 16.82 ? 71  ALA B CA  1 
ATOM   1239 C C   . ALA B 1 71 ? 17.238  8.934   2.469   1.00 16.22 ? 71  ALA B C   1 
ATOM   1240 O O   . ALA B 1 71 ? 17.786  7.981   3.028   1.00 16.13 ? 71  ALA B O   1 
ATOM   1241 C CB  . ALA B 1 71 ? 15.563  8.360   0.654   1.00 16.37 ? 71  ALA B CB  1 
ATOM   1242 N N   . ILE B 1 72 ? 16.888  10.042  3.108   1.00 16.70 ? 72  ILE B N   1 
ATOM   1243 C CA  . ILE B 1 72 ? 16.977  10.151  4.559   1.00 16.89 ? 72  ILE B CA  1 
ATOM   1244 C C   . ILE B 1 72 ? 15.612  10.543  5.084   1.00 16.64 ? 72  ILE B C   1 
ATOM   1245 O O   . ILE B 1 72 ? 14.925  11.391  4.512   1.00 15.85 ? 72  ILE B O   1 
ATOM   1246 C CB  . ILE B 1 72 ? 18.004  11.191  5.037   1.00 16.47 ? 72  ILE B CB  1 
ATOM   1247 C CG1 . ILE B 1 72 ? 19.400  10.586  5.082   1.00 17.58 ? 72  ILE B CG1 1 
ATOM   1248 C CG2 . ILE B 1 72 ? 17.681  11.644  6.446   1.00 17.63 ? 72  ILE B CG2 1 
ATOM   1249 C CD1 . ILE B 1 72 ? 20.451  11.501  5.699   1.00 15.48 ? 72  ILE B CD1 1 
ATOM   1250 N N   . GLY B 1 73 ? 15.203  9.902   6.168   1.00 16.97 ? 73  GLY B N   1 
ATOM   1251 C CA  . GLY B 1 73 ? 13.900  10.191  6.730   1.00 15.90 ? 73  GLY B CA  1 
ATOM   1252 C C   . GLY B 1 73 ? 13.491  9.266   7.848   1.00 15.40 ? 73  GLY B C   1 
ATOM   1253 O O   . GLY B 1 73 ? 14.295  8.488   8.377   1.00 14.53 ? 73  GLY B O   1 
ATOM   1254 N N   . THR B 1 74 ? 12.214  9.366   8.209   1.00 13.74 ? 74  THR B N   1 
ATOM   1255 C CA  . THR B 1 74 ? 11.685  8.607   9.322   1.00 13.94 ? 74  THR B CA  1 
ATOM   1256 C C   . THR B 1 74 ? 11.467  7.157   8.935   1.00 13.75 ? 74  THR B C   1 
ATOM   1257 O O   . THR B 1 74 ? 10.919  6.858   7.883   1.00 13.99 ? 74  THR B O   1 
ATOM   1258 C CB  . THR B 1 74 ? 10.395  9.236   9.852   1.00 13.95 ? 74  THR B CB  1 
ATOM   1259 O OG1 . THR B 1 74 ? 10.703  10.547  10.332  1.00 14.09 ? 74  THR B OG1 1 
ATOM   1260 C CG2 . THR B 1 74 ? 9.818   8.416   10.978  1.00 14.37 ? 74  THR B CG2 1 
ATOM   1261 N N   . VAL B 1 75 ? 11.941  6.266   9.796   1.00 13.73 ? 75  VAL B N   1 
ATOM   1262 C CA  . VAL B 1 75 ? 11.688  4.846   9.660   1.00 13.66 ? 75  VAL B CA  1 
ATOM   1263 C C   . VAL B 1 75 ? 11.025  4.374   10.961  1.00 14.06 ? 75  VAL B C   1 
ATOM   1264 O O   . VAL B 1 75 ? 11.540  4.588   12.066  1.00 13.65 ? 75  VAL B O   1 
ATOM   1265 C CB  . VAL B 1 75 ? 13.001  4.064   9.371   1.00 14.68 ? 75  VAL B CB  1 
ATOM   1266 C CG1 . VAL B 1 75 ? 12.770  2.564   9.452   1.00 14.42 ? 75  VAL B CG1 1 
ATOM   1267 C CG2 . VAL B 1 75 ? 13.571  4.439   7.994   1.00 15.27 ? 75  VAL B CG2 1 
ATOM   1268 N N   . LEU B 1 76 ? 9.872   3.738   10.815  1.00 13.20 ? 76  LEU B N   1 
ATOM   1269 C CA  . LEU B 1 76 ? 9.174   3.128   11.929  1.00 13.43 ? 76  LEU B CA  1 
ATOM   1270 C C   . LEU B 1 76 ? 9.596   1.669   12.046  1.00 12.98 ? 76  LEU B C   1 
ATOM   1271 O O   . LEU B 1 76 ? 9.650   0.954   11.036  1.00 14.27 ? 76  LEU B O   1 
ATOM   1272 C CB  . LEU B 1 76 ? 7.657   3.226   11.730  1.00 13.38 ? 76  LEU B CB  1 
ATOM   1273 C CG  . LEU B 1 76 ? 7.110   4.609   11.377  1.00 12.65 ? 76  LEU B CG  1 
ATOM   1274 C CD1 . LEU B 1 76 ? 5.565   4.619   11.301  1.00 7.51  ? 76  LEU B CD1 1 
ATOM   1275 C CD2 . LEU B 1 76 ? 7.658   5.648   12.371  1.00 9.60  ? 76  LEU B CD2 1 
ATOM   1276 N N   . VAL B 1 77 ? 9.915   1.236   13.263  1.00 12.00 ? 77  VAL B N   1 
ATOM   1277 C CA  . VAL B 1 77 ? 10.347  -0.142  13.516  1.00 11.56 ? 77  VAL B CA  1 
ATOM   1278 C C   . VAL B 1 77 ? 9.325   -0.835  14.422  1.00 12.94 ? 77  VAL B C   1 
ATOM   1279 O O   . VAL B 1 77 ? 8.951   -0.309  15.478  1.00 12.56 ? 77  VAL B O   1 
ATOM   1280 C CB  . VAL B 1 77 ? 11.763  -0.199  14.146  1.00 11.96 ? 77  VAL B CB  1 
ATOM   1281 C CG1 . VAL B 1 77 ? 12.257  -1.627  14.231  1.00 9.02  ? 77  VAL B CG1 1 
ATOM   1282 C CG2 . VAL B 1 77 ? 12.757  0.648   13.358  1.00 10.45 ? 77  VAL B CG2 1 
ATOM   1283 N N   . GLY B 1 78 ? 8.843   -2.000  14.001  1.00 12.63 ? 78  GLY B N   1 
ATOM   1284 C CA  . GLY B 1 78 ? 7.781   -2.669  14.737  1.00 14.16 ? 78  GLY B CA  1 
ATOM   1285 C C   . GLY B 1 78 ? 7.211   -3.888  14.041  1.00 14.68 ? 78  GLY B C   1 
ATOM   1286 O O   . GLY B 1 78 ? 7.702   -4.275  12.982  1.00 15.27 ? 78  GLY B O   1 
ATOM   1287 N N   . PRO B 1 79 ? 6.162   -4.495  14.628  1.00 15.39 ? 79  PRO B N   1 
ATOM   1288 C CA  . PRO B 1 79 ? 5.652   -5.781  14.171  1.00 15.04 ? 79  PRO B CA  1 
ATOM   1289 C C   . PRO B 1 79 ? 4.757   -5.720  12.930  1.00 14.97 ? 79  PRO B C   1 
ATOM   1290 O O   . PRO B 1 79 ? 3.664   -6.290  12.926  1.00 16.81 ? 79  PRO B O   1 
ATOM   1291 C CB  . PRO B 1 79 ? 4.866   -6.282  15.386  1.00 15.25 ? 79  PRO B CB  1 
ATOM   1292 C CG  . PRO B 1 79 ? 4.350   -5.029  16.003  1.00 14.97 ? 79  PRO B CG  1 
ATOM   1293 C CD  . PRO B 1 79 ? 5.467   -4.040  15.847  1.00 15.36 ? 79  PRO B CD  1 
ATOM   1294 N N   . THR B 1 80 ? 5.208   -5.049  11.881  1.00 14.77 ? 80  THR B N   1 
ATOM   1295 C CA  . THR B 1 80 ? 4.567   -5.180  10.576  1.00 14.34 ? 80  THR B CA  1 
ATOM   1296 C C   . THR B 1 80 ? 4.855   -6.570  9.983   1.00 13.68 ? 80  THR B C   1 
ATOM   1297 O O   . THR B 1 80 ? 5.954   -7.088  10.121  1.00 13.90 ? 80  THR B O   1 
ATOM   1298 C CB  . THR B 1 80 ? 5.058   -4.101  9.585   1.00 14.52 ? 80  THR B CB  1 
ATOM   1299 O OG1 . THR B 1 80 ? 4.398   -4.280  8.325   1.00 11.62 ? 80  THR B OG1 1 
ATOM   1300 C CG2 . THR B 1 80 ? 6.581   -4.179  9.390   1.00 14.24 ? 80  THR B CG2 1 
ATOM   1301 N N   . PRO B 1 81 ? 3.869   -7.184  9.320   1.00 13.60 ? 81  PRO B N   1 
ATOM   1302 C CA  . PRO B 1 81 ? 4.130   -8.500  8.701   1.00 13.19 ? 81  PRO B CA  1 
ATOM   1303 C C   . PRO B 1 81 ? 4.960   -8.469  7.406   1.00 13.05 ? 81  PRO B C   1 
ATOM   1304 O O   . PRO B 1 81 ? 5.404   -9.517  6.938   1.00 11.77 ? 81  PRO B O   1 
ATOM   1305 C CB  . PRO B 1 81 ? 2.722   -9.018  8.410   1.00 12.96 ? 81  PRO B CB  1 
ATOM   1306 C CG  . PRO B 1 81 ? 1.900   -7.798  8.277   1.00 13.68 ? 81  PRO B CG  1 
ATOM   1307 C CD  . PRO B 1 81 ? 2.433   -6.848  9.290   1.00 12.97 ? 81  PRO B CD  1 
ATOM   1308 N N   . VAL B 1 82 ? 5.149   -7.282  6.833   1.00 12.67 ? 82  VAL B N   1 
ATOM   1309 C CA  . VAL B 1 82 ? 5.925   -7.102  5.603   1.00 13.33 ? 82  VAL B CA  1 
ATOM   1310 C C   . VAL B 1 82 ? 6.625   -5.756  5.706   1.00 12.85 ? 82  VAL B C   1 
ATOM   1311 O O   . VAL B 1 82 ? 6.005   -4.781  6.107   1.00 13.03 ? 82  VAL B O   1 
ATOM   1312 C CB  . VAL B 1 82 ? 5.015   -7.082  4.339   1.00 14.40 ? 82  VAL B CB  1 
ATOM   1313 C CG1 . VAL B 1 82 ? 5.831   -6.779  3.094   1.00 14.38 ? 82  VAL B CG1 1 
ATOM   1314 C CG2 . VAL B 1 82 ? 4.237   -8.417  4.174   1.00 14.36 ? 82  VAL B CG2 1 
ATOM   1315 N N   . ASN B 1 83 ? 7.907   -5.697  5.362   1.00 12.44 ? 83  ASN B N   1 
ATOM   1316 C CA  . ASN B 1 83 ? 8.612   -4.416  5.323   1.00 12.29 ? 83  ASN B CA  1 
ATOM   1317 C C   . ASN B 1 83 ? 8.004   -3.581  4.204   1.00 12.40 ? 83  ASN B C   1 
ATOM   1318 O O   . ASN B 1 83 ? 7.802   -4.088  3.102   1.00 11.07 ? 83  ASN B O   1 
ATOM   1319 C CB  . ASN B 1 83 ? 10.104  -4.617  5.049   1.00 11.75 ? 83  ASN B CB  1 
ATOM   1320 C CG  . ASN B 1 83 ? 10.803  -5.428  6.123   1.00 10.95 ? 83  ASN B CG  1 
ATOM   1321 O OD1 . ASN B 1 83 ? 10.376  -5.423  7.268   1.00 12.36 ? 83  ASN B OD1 1 
ATOM   1322 N ND2 . ASN B 1 83 ? 11.900  -6.111  5.760   1.00 8.65  ? 83  ASN B ND2 1 
ATOM   1323 N N   . ILE B 1 84 ? 7.719   -2.313  4.495   1.00 11.75 ? 84  ILE B N   1 
ATOM   1324 C CA  . ILE B 1 84 ? 7.097   -1.432  3.539   1.00 11.28 ? 84  ILE B CA  1 
ATOM   1325 C C   . ILE B 1 84 ? 7.857   -0.100  3.445   1.00 11.76 ? 84  ILE B C   1 
ATOM   1326 O O   . ILE B 1 84 ? 8.238   0.509   4.457   1.00 11.63 ? 84  ILE B O   1 
ATOM   1327 C CB  . ILE B 1 84 ? 5.583   -1.275  3.849   1.00 12.70 ? 84  ILE B CB  1 
ATOM   1328 C CG1 . ILE B 1 84 ? 5.330   -0.734  5.243   1.00 15.55 ? 84  ILE B CG1 1 
ATOM   1329 C CG2 . ILE B 1 84 ? 4.864   -2.621  3.814   1.00 10.58 ? 84  ILE B CG2 1 
ATOM   1330 C CD1 . ILE B 1 84 ? 3.896   -0.918  5.668   1.00 18.57 ? 84  ILE B CD1 1 
ATOM   1331 N N   . ILE B 1 85 ? 8.136   0.312   2.210   1.00 10.54 ? 85  ILE B N   1 
ATOM   1332 C CA  . ILE B 1 85 ? 8.654   1.643   1.914   1.00 9.68  ? 85  ILE B CA  1 
ATOM   1333 C C   . ILE B 1 85 ? 7.483   2.547   1.550   1.00 9.93  ? 85  ILE B C   1 
ATOM   1334 O O   . ILE B 1 85 ? 6.852   2.366   0.510   1.00 7.19  ? 85  ILE B O   1 
ATOM   1335 C CB  . ILE B 1 85 ? 9.670   1.633   0.746   1.00 9.67  ? 85  ILE B CB  1 
ATOM   1336 C CG1 . ILE B 1 85 ? 10.809  0.641   1.011   1.00 10.46 ? 85  ILE B CG1 1 
ATOM   1337 C CG2 . ILE B 1 85 ? 10.191  3.078   0.440   1.00 7.39  ? 85  ILE B CG2 1 
ATOM   1338 C CD1 . ILE B 1 85 ? 11.442  0.688   2.404   1.00 11.56 ? 85  ILE B CD1 1 
ATOM   1339 N N   . GLY B 1 86 ? 7.202   3.514   2.423   1.00 11.00 ? 86  GLY B N   1 
ATOM   1340 C CA  . GLY B 1 86 ? 6.065   4.413   2.280   1.00 11.67 ? 86  GLY B CA  1 
ATOM   1341 C C   . GLY B 1 86 ? 6.372   5.712   1.573   1.00 11.51 ? 86  GLY B C   1 
ATOM   1342 O O   . GLY B 1 86 ? 7.511   5.985   1.217   1.00 13.66 ? 86  GLY B O   1 
ATOM   1343 N N   . ARG B 1 87 ? 5.341   6.531   1.404   1.00 12.36 ? 87  ARG B N   1 
ATOM   1344 C CA  . ARG B 1 87 ? 5.434   7.764   0.594   1.00 12.00 ? 87  ARG B CA  1 
ATOM   1345 C C   . ARG B 1 87 ? 6.499   8.756   1.061   1.00 12.25 ? 87  ARG B C   1 
ATOM   1346 O O   . ARG B 1 87 ? 7.080   9.495   0.250   1.00 11.79 ? 87  ARG B O   1 
ATOM   1347 C CB  . ARG B 1 87 ? 4.076   8.457   0.510   1.00 10.95 ? 87  ARG B CB  1 
ATOM   1348 C CG  . ARG B 1 87 ? 3.088   7.699   -0.393  1.00 10.58 ? 87  ARG B CG  1 
ATOM   1349 C CD  . ARG B 1 87 ? 1.791   8.461   -0.649  1.00 10.87 ? 87  ARG B CD  1 
ATOM   1350 N NE  . ARG B 1 87 ? 1.136   8.854   0.591   1.00 11.61 ? 87  ARG B NE  1 
ATOM   1351 C CZ  . ARG B 1 87 ? 1.252   10.046  1.168   1.00 11.34 ? 87  ARG B CZ  1 
ATOM   1352 N NH1 . ARG B 1 87 ? 1.972   11.003  0.613   1.00 11.12 ? 87  ARG B NH1 1 
ATOM   1353 N NH2 . ARG B 1 87 ? 0.614   10.289  2.301   1.00 11.96 ? 87  ARG B NH2 1 
ATOM   1354 N N   . ASN B 1 88 ? 6.749   8.779   2.365   1.00 12.79 ? 88  ASN B N   1 
ATOM   1355 C CA  . ASN B 1 88 ? 7.807   9.616   2.919   1.00 12.56 ? 88  ASN B CA  1 
ATOM   1356 C C   . ASN B 1 88 ? 9.192   9.373   2.328   1.00 12.84 ? 88  ASN B C   1 
ATOM   1357 O O   . ASN B 1 88 ? 9.992   10.312  2.227   1.00 11.81 ? 88  ASN B O   1 
ATOM   1358 C CB  . ASN B 1 88 ? 7.871   9.502   4.447   1.00 13.53 ? 88  ASN B CB  1 
ATOM   1359 C CG  . ASN B 1 88 ? 8.553   8.236   4.915   1.00 14.24 ? 88  ASN B CG  1 
ATOM   1360 O OD1 . ASN B 1 88 ? 8.135   7.139   4.569   1.00 15.58 ? 88  ASN B OD1 1 
ATOM   1361 N ND2 . ASN B 1 88 ? 9.598   8.386   5.717   1.00 14.13 ? 88  ASN B ND2 1 
ATOM   1362 N N   . MET B 1 89 ? 9.471   8.127   1.942   1.00 12.01 ? 89  MET B N   1 
ATOM   1363 C CA  . MET B 1 89 ? 10.704  7.787   1.236   1.00 11.21 ? 89  MET B CA  1 
ATOM   1364 C C   . MET B 1 89 ? 10.504  7.785   -0.282  1.00 11.25 ? 89  MET B C   1 
ATOM   1365 O O   . MET B 1 89 ? 11.402  8.162   -1.039  1.00 11.62 ? 89  MET B O   1 
ATOM   1366 C CB  . MET B 1 89 ? 11.204  6.408   1.673   1.00 9.96  ? 89  MET B CB  1 
ATOM   1367 C CG  . MET B 1 89 ? 11.653  6.338   3.123   1.00 12.76 ? 89  MET B CG  1 
ATOM   1368 S SD  . MET B 1 89 ? 13.084  7.388   3.448   1.00 13.10 ? 89  MET B SD  1 
ATOM   1369 C CE  . MET B 1 89 ? 13.554  6.827   5.081   1.00 10.11 ? 89  MET B CE  1 
ATOM   1370 N N   . LEU B 1 90 ? 9.353   7.315   -0.737  1.00 11.54 ? 90  LEU B N   1 
ATOM   1371 C CA  . LEU B 1 90 ? 9.129   7.164   -2.179  1.00 11.84 ? 90  LEU B CA  1 
ATOM   1372 C C   . LEU B 1 90 ? 9.301   8.500   -2.906  1.00 12.08 ? 90  LEU B C   1 
ATOM   1373 O O   . LEU B 1 90 ? 9.881   8.544   -3.989  1.00 12.12 ? 90  LEU B O   1 
ATOM   1374 C CB  . LEU B 1 90 ? 7.740   6.588   -2.483  1.00 11.08 ? 90  LEU B CB  1 
ATOM   1375 C CG  . LEU B 1 90 ? 7.470   5.152   -2.035  1.00 10.97 ? 90  LEU B CG  1 
ATOM   1376 C CD1 . LEU B 1 90 ? 6.023   4.809   -2.337  1.00 9.47  ? 90  LEU B CD1 1 
ATOM   1377 C CD2 . LEU B 1 90 ? 8.470   4.143   -2.652  1.00 8.14  ? 90  LEU B CD2 1 
ATOM   1378 N N   . THR B 1 91 ? 8.842   9.592   -2.300  1.00 14.08 ? 91  THR B N   1 
ATOM   1379 C CA  . THR B 1 91 ? 8.968   10.900  -2.925  1.00 14.27 ? 91  THR B CA  1 
ATOM   1380 C C   . THR B 1 91 ? 10.428  11.296  -3.096  1.00 16.02 ? 91  THR B C   1 
ATOM   1381 O O   . THR B 1 91 ? 10.772  11.940  -4.091  1.00 15.91 ? 91  THR B O   1 
ATOM   1382 C CB  . THR B 1 91 ? 8.297   11.992  -2.109  1.00 15.17 ? 91  THR B CB  1 
ATOM   1383 O OG1 . THR B 1 91 ? 8.698   11.868  -0.738  1.00 14.30 ? 91  THR B OG1 1 
ATOM   1384 C CG2 . THR B 1 91 ? 6.783   11.890  -2.249  1.00 13.89 ? 91  THR B CG2 1 
ATOM   1385 N N   . GLN B 1 92 ? 11.267  10.929  -2.127  1.00 15.94 ? 92  GLN B N   1 
ATOM   1386 C CA  . GLN B 1 92 ? 12.695  11.260  -2.184  1.00 16.73 ? 92  GLN B CA  1 
ATOM   1387 C C   . GLN B 1 92 ? 13.477  10.516  -3.251  1.00 16.97 ? 92  GLN B C   1 
ATOM   1388 O O   . GLN B 1 92 ? 14.548  10.964  -3.661  1.00 16.70 ? 92  GLN B O   1 
ATOM   1389 C CB  . GLN B 1 92 ? 13.370  10.935  -0.865  1.00 17.05 ? 92  GLN B CB  1 
ATOM   1390 C CG  . GLN B 1 92 ? 12.927  11.801  0.261   1.00 18.94 ? 92  GLN B CG  1 
ATOM   1391 C CD  . GLN B 1 92 ? 13.706  11.492  1.494   1.00 23.01 ? 92  GLN B CD  1 
ATOM   1392 O OE1 . GLN B 1 92 ? 14.949  11.600  1.521   1.00 24.81 ? 92  GLN B OE1 1 
ATOM   1393 N NE2 . GLN B 1 92 ? 12.989  11.081  2.534   1.00 24.69 ? 92  GLN B NE2 1 
ATOM   1394 N N   . ILE B 1 93 ? 12.988  9.352   -3.658  1.00 16.77 ? 93  ILE B N   1 
ATOM   1395 C CA  . ILE B 1 93 ? 13.622  8.643   -4.760  1.00 17.20 ? 93  ILE B CA  1 
ATOM   1396 C C   . ILE B 1 93 ? 12.913  8.929   -6.094  1.00 17.05 ? 93  ILE B C   1 
ATOM   1397 O O   . ILE B 1 93 ? 13.216  8.305   -7.102  1.00 17.75 ? 93  ILE B O   1 
ATOM   1398 C CB  . ILE B 1 93 ? 13.802  7.127   -4.469  1.00 17.24 ? 93  ILE B CB  1 
ATOM   1399 C CG1 . ILE B 1 93 ? 12.475  6.379   -4.415  1.00 17.98 ? 93  ILE B CG1 1 
ATOM   1400 C CG2 . ILE B 1 93 ? 14.583  6.920   -3.178  1.00 17.81 ? 93  ILE B CG2 1 
ATOM   1401 C CD1 . ILE B 1 93 ? 12.656  4.896   -4.101  1.00 16.71 ? 93  ILE B CD1 1 
ATOM   1402 N N   . GLY B 1 94 ? 11.991  9.889   -6.103  1.00 17.07 ? 94  GLY B N   1 
ATOM   1403 C CA  . GLY B 1 94 ? 11.331  10.325  -7.327  1.00 16.41 ? 94  GLY B CA  1 
ATOM   1404 C C   . GLY B 1 94 ? 10.338  9.315   -7.864  1.00 16.50 ? 94  GLY B C   1 
ATOM   1405 O O   . GLY B 1 94 ? 10.057  9.272   -9.060  1.00 17.12 ? 94  GLY B O   1 
ATOM   1406 N N   . CYS B 1 95 ? 9.783   8.495   -6.985  1.00 15.68 ? 95  CYS B N   1 
ATOM   1407 C CA  . CYS B 1 95 ? 8.884   7.443   -7.441  1.00 15.89 ? 95  CYS B CA  1 
ATOM   1408 C C   . CYS B 1 95 ? 7.502   8.000   -7.818  1.00 15.89 ? 95  CYS B C   1 
ATOM   1409 O O   . CYS B 1 95 ? 6.925   8.785   -7.060  1.00 15.55 ? 95  CYS B O   1 
ATOM   1410 C CB  . CYS B 1 95 ? 8.788   6.385   -6.349  1.00 16.04 ? 95  CYS B CB  1 
ATOM   1411 S SG  . CYS B 1 95 ? 7.768   5.008   -6.786  1.00 18.40 ? 95  CYS B SG  1 
ATOM   1412 N N   . THR B 1 96 ? 6.995   7.615   -8.990  1.00 16.22 ? 96  THR B N   1 
ATOM   1413 C CA  . THR B 1 96 ? 5.659   8.002   -9.458  1.00 15.76 ? 96  THR B CA  1 
ATOM   1414 C C   . THR B 1 96 ? 4.781   6.814   -9.904  1.00 15.75 ? 96  THR B C   1 
ATOM   1415 O O   . THR B 1 96 ? 5.271   5.761   -10.331 1.00 15.64 ? 96  THR B O   1 
ATOM   1416 C CB  . THR B 1 96 ? 5.757   8.997   -10.654 1.00 15.58 ? 96  THR B CB  1 
ATOM   1417 O OG1 . THR B 1 96 ? 6.255   8.327   -11.819 1.00 16.66 ? 96  THR B OG1 1 
ATOM   1418 C CG2 . THR B 1 96 ? 6.680   10.166  -10.323 1.00 15.34 ? 96  THR B CG2 1 
ATOM   1419 N N   . LEU B 1 97 ? 3.470   7.010   -9.835  1.00 15.37 ? 97  LEU B N   1 
ATOM   1420 C CA  . LEU B 1 97 ? 2.503   6.091   -10.435 1.00 14.84 ? 97  LEU B CA  1 
ATOM   1421 C C   . LEU B 1 97 ? 2.092   6.592   -11.810 1.00 16.06 ? 97  LEU B C   1 
ATOM   1422 O O   . LEU B 1 97 ? 1.903   7.794   -12.008 1.00 16.25 ? 97  LEU B O   1 
ATOM   1423 C CB  . LEU B 1 97 ? 1.254   5.980   -9.577  1.00 14.00 ? 97  LEU B CB  1 
ATOM   1424 C CG  . LEU B 1 97 ? 1.293   5.124   -8.313  1.00 15.38 ? 97  LEU B CG  1 
ATOM   1425 C CD1 . LEU B 1 97 ? -0.002  5.355   -7.531  1.00 12.16 ? 97  LEU B CD1 1 
ATOM   1426 C CD2 . LEU B 1 97 ? 1.480   3.628   -8.654  1.00 13.44 ? 97  LEU B CD2 1 
ATOM   1427 N N   . ASN B 1 98 ? 1.915   5.660   -12.738 1.00 17.20 ? 98  ASN B N   1 
ATOM   1428 C CA  . ASN B 1 98 ? 1.629   5.966   -14.132 1.00 18.26 ? 98  ASN B CA  1 
ATOM   1429 C C   . ASN B 1 98 ? 0.553   5.036   -14.669 1.00 18.69 ? 98  ASN B C   1 
ATOM   1430 O O   . ASN B 1 98 ? 0.679   3.827   -14.534 1.00 17.61 ? 98  ASN B O   1 
ATOM   1431 C CB  . ASN B 1 98 ? 2.886   5.746   -14.976 1.00 18.70 ? 98  ASN B CB  1 
ATOM   1432 C CG  . ASN B 1 98 ? 4.114   6.407   -14.384 1.00 21.50 ? 98  ASN B CG  1 
ATOM   1433 O OD1 . ASN B 1 98 ? 4.398   7.566   -14.685 1.00 24.88 ? 98  ASN B OD1 1 
ATOM   1434 N ND2 . ASN B 1 98 ? 4.865   5.669   -13.559 1.00 21.36 ? 98  ASN B ND2 1 
ATOM   1435 N N   . PHE B 1 99 ? -0.485  5.588   -15.287 1.00 19.37 ? 99  PHE B N   1 
ATOM   1436 C CA  . PHE B 1 99 ? -1.428  4.768   -16.043 1.00 20.43 ? 99  PHE B CA  1 
ATOM   1437 C C   . PHE B 1 99 ? -2.101  5.531   -17.187 1.00 21.48 ? 99  PHE B C   1 
ATOM   1438 O O   . PHE B 1 99 ? -1.804  6.708   -17.422 1.00 21.54 ? 99  PHE B O   1 
ATOM   1439 C CB  . PHE B 1 99 ? -2.459  4.127   -15.110 1.00 20.54 ? 99  PHE B CB  1 
ATOM   1440 C CG  . PHE B 1 99 ? -3.330  5.105   -14.381 1.00 20.19 ? 99  PHE B CG  1 
ATOM   1441 C CD1 . PHE B 1 99 ? -2.943  5.622   -13.163 1.00 20.25 ? 99  PHE B CD1 1 
ATOM   1442 C CD2 . PHE B 1 99 ? -4.570  5.466   -14.892 1.00 22.73 ? 99  PHE B CD2 1 
ATOM   1443 C CE1 . PHE B 1 99 ? -3.750  6.502   -12.476 1.00 21.63 ? 99  PHE B CE1 1 
ATOM   1444 C CE2 . PHE B 1 99 ? -5.391  6.362   -14.203 1.00 22.87 ? 99  PHE B CE2 1 
ATOM   1445 C CZ  . PHE B 1 99 ? -4.978  6.878   -12.989 1.00 20.52 ? 99  PHE B CZ  1 
ATOM   1446 O OXT . PHE B 1 99 ? -2.946  4.988   -17.923 1.00 22.83 ? 99  PHE B OXT 1 
HETATM 1447 N N1  A 017 C 2 .  ? -5.373  -7.864  0.389   0.50 32.12 ? 200 017 A N1  1 
HETATM 1448 N N1  B 017 C 2 .  ? 2.092   4.406   8.066   0.50 27.60 ? 200 017 A N1  1 
HETATM 1449 C C2  A 017 C 2 .  ? -4.856  -6.874  1.157   0.50 28.94 ? 200 017 A C2  1 
HETATM 1450 C C2  B 017 C 2 .  ? 1.480   3.300   7.587   0.50 24.40 ? 200 017 A C2  1 
HETATM 1451 C C3  A 017 C 2 .  ? -4.072  -7.208  2.249   0.50 28.91 ? 200 017 A C3  1 
HETATM 1452 C C3  B 017 C 2 .  ? 2.147   2.428   6.734   0.50 23.83 ? 200 017 A C3  1 
HETATM 1453 C C4  A 017 C 2 .  ? -3.541  -6.210  3.056   0.50 27.02 ? 200 017 A C4  1 
HETATM 1454 C C4  B 017 C 2 .  ? 1.496   1.289   6.266   0.50 21.88 ? 200 017 A C4  1 
HETATM 1455 C C5  A 017 C 2 .  ? -3.781  -4.876  2.753   0.50 25.91 ? 200 017 A C5  1 
HETATM 1456 C C5  B 017 C 2 .  ? 0.179   1.054   6.643   0.50 22.72 ? 200 017 A C5  1 
HETATM 1457 C C6  A 017 C 2 .  ? -4.578  -4.534  1.660   0.50 26.22 ? 200 017 A C6  1 
HETATM 1458 C C6  B 017 C 2 .  ? -0.481  1.927   7.496   0.50 22.38 ? 200 017 A C6  1 
HETATM 1459 C C7  A 017 C 2 .  ? -5.110  -5.539  0.856   0.50 27.26 ? 200 017 A C7  1 
HETATM 1460 C C7  B 017 C 2 .  ? 0.168   3.058   7.961   0.50 24.83 ? 200 017 A C7  1 
HETATM 1461 S S8  A 017 C 2 .  ? -3.152  -3.755  3.701   0.50 24.05 ? 200 017 A S8  1 
HETATM 1462 S S8  B 017 C 2 .  ? -0.628  -0.225  6.136   0.50 22.33 ? 200 017 A S8  1 
HETATM 1463 O O9  A 017 C 2 .  ? -3.993  -2.592  3.663   0.50 23.69 ? 200 017 A O9  1 
HETATM 1464 O O9  B 017 C 2 .  ? 0.260   -1.346  5.951   0.50 21.78 ? 200 017 A O9  1 
HETATM 1465 O O10 A 017 C 2 .  ? -3.039  -4.316  5.013   0.50 23.22 ? 200 017 A O10 1 
HETATM 1466 O O10 B 017 C 2 .  ? -1.605  -0.539  7.139   0.50 21.47 ? 200 017 A O10 1 
HETATM 1467 N N11 A 017 C 2 .  ? -1.672  -3.288  3.272   0.50 23.75 ? 200 017 A N11 1 
HETATM 1468 N N11 B 017 C 2 .  ? -1.409  0.079   4.763   0.50 21.73 ? 200 017 A N11 1 
HETATM 1469 C C12 A 017 C 2 .  ? -0.724  -4.400  3.074   0.50 22.47 ? 200 017 A C12 1 
HETATM 1470 C C12 B 017 C 2 .  ? -2.118  1.368   4.802   0.50 21.52 ? 200 017 A C12 1 
HETATM 1471 C C13 A 017 C 2 .  ? 0.699   -3.949  3.414   0.50 22.94 ? 200 017 A C13 1 
HETATM 1472 C C13 B 017 C 2 .  ? -3.348  1.302   3.898   0.50 21.69 ? 200 017 A C13 1 
HETATM 1473 C C14 A 017 C 2 .  ? 0.915   -3.775  4.914   0.50 22.47 ? 200 017 A C14 1 
HETATM 1474 C C14 B 017 C 2 .  ? -4.258  0.138   4.264   0.50 21.14 ? 200 017 A C14 1 
HETATM 1475 C C15 A 017 C 2 .  ? 1.751   -4.928  2.894   0.50 23.63 ? 200 017 A C15 1 
HETATM 1476 C C15 B 017 C 2 .  ? -4.139  2.612   3.919   0.50 22.43 ? 200 017 A C15 1 
HETATM 1477 C C16 A 017 C 2 .  ? -1.753  -2.359  2.136   0.50 21.81 ? 200 017 A C16 1 
HETATM 1478 C C16 B 017 C 2 .  ? -0.462  -0.017  3.643   0.50 20.85 ? 200 017 A C16 1 
HETATM 1479 C C17 A 017 C 2 .  ? -1.093  -1.063  2.577   0.50 20.04 ? 200 017 A C17 1 
HETATM 1480 C C17 B 017 C 2 .  ? -0.944  -1.115  2.706   0.50 20.00 ? 200 017 A C17 1 
HETATM 1481 O O18 A 017 C 2 .  ? -0.921  -0.204  1.447   0.50 19.79 ? 200 017 A O18 1 
HETATM 1482 O O18 B 017 C 2 .  ? -0.246  -0.964  1.470   0.50 21.44 ? 200 017 A O18 1 
HETATM 1483 C C19 A 017 C 2 .  ? -1.901  -0.369  3.673   0.50 20.81 ? 200 017 A C19 1 
HETATM 1484 C C19 B 017 C 2 .  ? -0.757  -2.518  3.290   0.50 21.12 ? 200 017 A C19 1 
HETATM 1485 N N20 A 017 C 2 .  ? -1.073  0.681   4.233   0.50 18.58 ? 200 017 A N20 1 
HETATM 1486 N N20 B 017 C 2 .  ? -1.448  -3.473  2.443   0.50 18.88 ? 200 017 A N20 1 
HETATM 1487 C C21 A 017 C 2 .  ? -0.663  0.731   5.490   0.50 16.11 ? 200 017 A C21 1 
HETATM 1488 C C21 B 017 C 2 .  ? -2.509  -4.152  2.838   0.50 17.64 ? 200 017 A C21 1 
HETATM 1489 O O22 A 017 C 2 .  ? -0.923  -0.102  6.346   0.50 16.10 ? 200 017 A O22 1 
HETATM 1490 O O22 B 017 C 2 .  ? -3.028  -4.059  3.946   0.50 15.94 ? 200 017 A O22 1 
HETATM 1491 O O23 A 017 C 2 .  ? 0.099   1.929   5.802   0.50 18.48 ? 200 017 A O23 1 
HETATM 1492 O O23 B 017 C 2 .  ? -3.005  -5.056  1.816   0.50 19.16 ? 200 017 A O23 1 
HETATM 1493 C C24 A 017 C 2 .  ? 0.487   2.091   7.158   0.50 17.00 ? 200 017 A C24 1 
HETATM 1494 C C24 B 017 C 2 .  ? -4.037  -5.935  2.249   0.50 19.54 ? 200 017 A C24 1 
HETATM 1495 C C25 A 017 C 2 .  ? 1.949   2.483   7.116   0.50 18.01 ? 200 017 A C25 1 
HETATM 1496 C C25 B 017 C 2 .  ? -5.092  -5.932  1.161   0.50 18.83 ? 200 017 A C25 1 
HETATM 1497 O O26 A 017 C 2 .  ? 1.890   3.838   6.684   0.50 17.26 ? 200 017 A O26 1 
HETATM 1498 O O26 B 017 C 2 .  ? -4.479  -6.711  0.132   0.50 20.18 ? 200 017 A O26 1 
HETATM 1499 C C27 A 017 C 2 .  ? 0.679   4.446   7.173   0.50 17.80 ? 200 017 A C27 1 
HETATM 1500 C C27 B 017 C 2 .  ? -3.592  -7.686  0.719   0.50 19.15 ? 200 017 A C27 1 
HETATM 1501 O O28 A 017 C 2 .  ? -0.105  5.092   6.152   0.50 17.45 ? 200 017 A O28 1 
HETATM 1502 O O28 B 017 C 2 .  ? -2.255  -7.657  0.185   0.50 19.85 ? 200 017 A O28 1 
HETATM 1503 C C29 A 017 C 2 .  ? -1.441  4.602   6.107   0.50 17.88 ? 200 017 A C29 1 
HETATM 1504 C C29 B 017 C 2 .  ? -1.274  -7.591  1.217   0.50 18.84 ? 200 017 A C29 1 
HETATM 1505 C C30 A 017 C 2 .  ? -1.592  3.612   7.253   0.50 18.86 ? 200 017 A C30 1 
HETATM 1506 C C30 B 017 C 2 .  ? -2.011  -7.495  2.545   0.50 20.14 ? 200 017 A C30 1 
HETATM 1507 C C31 A 017 C 2 .  ? -0.179  3.328   7.728   0.50 18.55 ? 200 017 A C31 1 
HETATM 1508 C C31 B 017 C 2 .  ? -3.480  -7.343  2.187   0.50 20.60 ? 200 017 A C31 1 
HETATM 1509 C C32 A 017 C 2 .  ? -3.212  0.223   3.156   0.50 21.32 ? 200 017 A C32 1 
HETATM 1510 C C32 B 017 C 2 .  ? 0.692   -2.986  3.426   0.50 21.56 ? 200 017 A C32 1 
HETATM 1511 C C33 A 017 C 2 .  ? -4.067  2.368   4.162   0.50 24.78 ? 200 017 A C33 1 
HETATM 1512 C C33 B 017 C 2 .  ? 1.094   -5.444  3.012   0.50 26.99 ? 200 017 A C33 1 
HETATM 1513 C C34 A 017 C 2 .  ? -4.728  3.085   5.156   0.50 24.45 ? 200 017 A C34 1 
HETATM 1514 C C34 B 017 C 2 .  ? 1.116   -6.776  3.420   0.50 28.07 ? 200 017 A C34 1 
HETATM 1515 C C35 A 017 C 2 .  ? -5.268  2.418   6.249   0.50 24.58 ? 200 017 A C35 1 
HETATM 1516 C C35 B 017 C 2 .  ? 0.771   -7.115  4.724   0.50 26.98 ? 200 017 A C35 1 
HETATM 1517 C C36 A 017 C 2 .  ? -5.149  1.030   6.328   0.50 25.72 ? 200 017 A C36 1 
HETATM 1518 C C36 B 017 C 2 .  ? 0.409   -6.103  5.610   0.50 27.65 ? 200 017 A C36 1 
HETATM 1519 C C37 A 017 C 2 .  ? -4.490  0.315   5.334   0.50 24.20 ? 200 017 A C37 1 
HETATM 1520 C C37 B 017 C 2 .  ? 0.388   -4.770  5.201   0.50 26.17 ? 200 017 A C37 1 
HETATM 1521 C C38 A 017 C 2 .  ? -3.936  0.983   4.248   0.50 22.77 ? 200 017 A C38 1 
HETATM 1522 C C38 B 017 C 2 .  ? 0.726   -4.430  3.895   0.50 25.13 ? 200 017 A C38 1 
HETATM 1523 C C   . ACT D 3 .  ? -7.508  6.671   -27.255 1.00 63.07 ? 100 ACT A C   1 
HETATM 1524 O O   . ACT D 3 .  ? -7.670  6.250   -26.085 1.00 62.86 ? 100 ACT A O   1 
HETATM 1525 O OXT . ACT D 3 .  ? -8.542  6.717   -27.951 1.00 62.99 ? 100 ACT A OXT 1 
HETATM 1526 C CH3 . ACT D 3 .  ? -6.176  7.099   -27.802 1.00 62.83 ? 100 ACT A CH3 1 
HETATM 1527 C C   . ACT E 3 .  ? -2.923  13.461  2.282   1.00 57.77 ? 101 ACT A C   1 
HETATM 1528 O O   . ACT E 3 .  ? -2.254  13.239  1.254   1.00 57.40 ? 101 ACT A O   1 
HETATM 1529 O OXT . ACT E 3 .  ? -4.092  13.858  2.055   1.00 58.65 ? 101 ACT A OXT 1 
HETATM 1530 C CH3 . ACT E 3 .  ? -2.376  13.250  3.666   1.00 56.86 ? 101 ACT A CH3 1 
HETATM 1531 C C   . ACT F 3 .  ? 4.209   -12.046 -5.409  1.00 51.27 ? 100 ACT B C   1 
HETATM 1532 O O   . ACT F 3 .  ? 4.158   -11.175 -6.292  1.00 51.01 ? 100 ACT B O   1 
HETATM 1533 O OXT . ACT F 3 .  ? 5.375   -12.387 -5.101  1.00 51.45 ? 100 ACT B OXT 1 
HETATM 1534 C CH3 . ACT F 3 .  ? 2.961   -12.614 -4.788  1.00 50.65 ? 100 ACT B CH3 1 
HETATM 1535 O O   . HOH G 4 .  ? -9.260  -9.847  -9.567  1.00 15.45 ? 102 HOH A O   1 
HETATM 1536 O O   . HOH G 4 .  ? 1.931   -5.743  -3.516  1.00 7.20  ? 103 HOH A O   1 
HETATM 1537 O O   . HOH G 4 .  ? -22.518 7.469   -5.222  1.00 31.58 ? 104 HOH A O   1 
HETATM 1538 O O   . HOH G 4 .  ? -2.645  -2.777  6.704   1.00 9.73  ? 105 HOH A O   1 
HETATM 1539 O O   . HOH G 4 .  ? -21.349 1.379   -11.972 1.00 15.57 ? 106 HOH A O   1 
HETATM 1540 O O   . HOH G 4 .  ? -2.803  -9.209  -6.731  1.00 16.61 ? 107 HOH A O   1 
HETATM 1541 O O   . HOH G 4 .  ? -9.644  -8.020  -4.342  1.00 13.53 ? 108 HOH A O   1 
HETATM 1542 O O   . HOH G 4 .  ? 1.412   -6.914  -1.095  1.00 14.62 ? 109 HOH A O   1 
HETATM 1543 O O   . HOH G 4 .  ? 1.133   -3.255  -13.726 1.00 16.15 ? 110 HOH A O   1 
HETATM 1544 O O   . HOH G 4 .  ? -13.190 -11.919 -10.027 1.00 15.43 ? 111 HOH A O   1 
HETATM 1545 O O   . HOH G 4 .  ? -20.270 -5.513  -11.257 1.00 15.79 ? 112 HOH A O   1 
HETATM 1546 O O   . HOH G 4 .  ? -19.920 -1.256  -11.399 1.00 19.22 ? 113 HOH A O   1 
HETATM 1547 O O   . HOH G 4 .  ? -17.328 -1.549  8.439   1.00 14.25 ? 114 HOH A O   1 
HETATM 1548 O O   . HOH G 4 .  ? -12.040 5.251   2.350   1.00 19.29 ? 115 HOH A O   1 
HETATM 1549 O O   . HOH G 4 .  ? -16.385 -13.115 5.744   1.00 19.86 ? 116 HOH A O   1 
HETATM 1550 O O   . HOH G 4 .  ? -9.618  10.177  -10.452 1.00 11.10 ? 117 HOH A O   1 
HETATM 1551 O O   . HOH G 4 .  ? -18.679 0.972   -12.610 1.00 21.28 ? 118 HOH A O   1 
HETATM 1552 O O   . HOH G 4 .  ? -18.358 1.626   -15.321 1.00 20.64 ? 119 HOH A O   1 
HETATM 1553 O O   . HOH G 4 .  ? -21.635 -5.826  0.386   1.00 25.32 ? 120 HOH A O   1 
HETATM 1554 O O   . HOH G 4 .  ? 1.559   14.662  -5.146  1.00 14.20 ? 121 HOH A O   1 
HETATM 1555 O O   . HOH G 4 .  ? -9.410  -3.933  -18.249 1.00 31.54 ? 122 HOH A O   1 
HETATM 1556 O O   . HOH G 4 .  ? -19.522 6.682   1.067   1.00 20.97 ? 123 HOH A O   1 
HETATM 1557 O O   . HOH G 4 .  ? -19.041 -13.640 -5.996  1.00 21.88 ? 124 HOH A O   1 
HETATM 1558 O O   . HOH G 4 .  ? -3.193  -12.205 -1.643  1.00 22.55 ? 125 HOH A O   1 
HETATM 1559 O O   . HOH G 4 .  ? -0.772  11.186  -5.028  1.00 6.45  ? 126 HOH A O   1 
HETATM 1560 O O   . HOH G 4 .  ? -2.563  12.425  -6.162  1.00 11.40 ? 127 HOH A O   1 
HETATM 1561 O O   . HOH G 4 .  ? -3.097  16.171  -3.351  1.00 34.38 ? 128 HOH A O   1 
HETATM 1562 O O   . HOH G 4 .  ? -4.396  16.271  1.605   1.00 40.20 ? 129 HOH A O   1 
HETATM 1563 O O   . HOH G 4 .  ? -22.264 -8.035  -7.009  1.00 28.12 ? 130 HOH A O   1 
HETATM 1564 O O   . HOH G 4 .  ? -24.689 -9.304  -1.443  1.00 13.94 ? 131 HOH A O   1 
HETATM 1565 O O   . HOH G 4 .  ? -26.208 -14.090 -6.796  1.00 37.67 ? 132 HOH A O   1 
HETATM 1566 O O   . HOH G 4 .  ? -24.699 -18.805 1.354   1.00 50.21 ? 133 HOH A O   1 
HETATM 1567 O O   . HOH G 4 .  ? -23.962 -13.121 6.893   1.00 24.04 ? 134 HOH A O   1 
HETATM 1568 O O   . HOH G 4 .  ? -18.961 2.162   -22.604 1.00 24.84 ? 135 HOH A O   1 
HETATM 1569 O O   . HOH G 4 .  ? -1.250  -9.768  9.754   1.00 28.52 ? 137 HOH A O   1 
HETATM 1570 O O   . HOH H 4 .  ? -0.686  6.841   0.659   1.00 6.87  ? 101 HOH B O   1 
HETATM 1571 O O   . HOH H 4 .  ? 6.545   11.133  -5.948  1.00 12.27 ? 102 HOH B O   1 
HETATM 1572 O O   . HOH H 4 .  ? 3.998   10.557  3.893   1.00 11.51 ? 103 HOH B O   1 
HETATM 1573 O O   . HOH H 4 .  ? 8.155   6.395   8.289   1.00 16.06 ? 104 HOH B O   1 
HETATM 1574 O O   . HOH H 4 .  ? 10.458  11.209  6.547   1.00 13.86 ? 105 HOH B O   1 
HETATM 1575 O O   . HOH H 4 .  ? -2.062  6.238   2.939   1.00 8.92  ? 106 HOH B O   1 
HETATM 1576 O O   . HOH H 4 .  ? 24.015  1.306   5.394   1.00 14.59 ? 107 HOH B O   1 
HETATM 1577 O O   . HOH H 4 .  ? 15.870  -3.442  -6.085  1.00 11.66 ? 108 HOH B O   1 
HETATM 1578 O O   . HOH H 4 .  ? 22.128  2.703   3.681   1.00 18.79 ? 109 HOH B O   1 
HETATM 1579 O O   . HOH H 4 .  ? 22.185  -7.789  6.156   1.00 33.44 ? 110 HOH B O   1 
HETATM 1580 O O   . HOH H 4 .  ? 5.299   -7.308  -12.706 1.00 14.20 ? 111 HOH B O   1 
HETATM 1581 O O   . HOH H 4 .  ? 9.269   -8.221  4.874   1.00 20.16 ? 112 HOH B O   1 
HETATM 1582 O O   . HOH H 4 .  ? 13.245  11.954  9.872   1.00 20.01 ? 113 HOH B O   1 
HETATM 1583 O O   . HOH H 4 .  ? -0.822  -10.852 -11.095 1.00 23.38 ? 114 HOH B O   1 
HETATM 1584 O O   . HOH H 4 .  ? 7.270   13.021  1.120   1.00 22.10 ? 115 HOH B O   1 
HETATM 1585 O O   . HOH H 4 .  ? -5.049  -3.619  16.631  1.00 25.12 ? 116 HOH B O   1 
HETATM 1586 O O   . HOH H 4 .  ? 21.034  6.235   9.317   1.00 20.80 ? 117 HOH B O   1 
HETATM 1587 O O   . HOH H 4 .  ? 17.785  -1.732  17.874  1.00 22.21 ? 118 HOH B O   1 
HETATM 1588 O O   . HOH H 4 .  ? 7.959   -9.956  -6.101  1.00 18.57 ? 119 HOH B O   1 
HETATM 1589 O O   . HOH H 4 .  ? 21.596  3.422   6.797   1.00 18.86 ? 120 HOH B O   1 
HETATM 1590 O O   . HOH H 4 .  ? 1.799   -3.770  18.609  1.00 21.52 ? 121 HOH B O   1 
HETATM 1591 O O   . HOH H 4 .  ? 5.636   -6.908  -16.869 1.00 16.02 ? 122 HOH B O   1 
HETATM 1592 O O   . HOH H 4 .  ? 8.543   -6.508  -15.947 1.00 23.13 ? 123 HOH B O   1 
HETATM 1593 O O   . HOH H 4 .  ? 17.131  -2.254  22.166  1.00 19.23 ? 124 HOH B O   1 
HETATM 1594 O O   . HOH H 4 .  ? 17.092  11.883  -1.806  1.00 32.24 ? 125 HOH B O   1 
HETATM 1595 O O   . HOH H 4 .  ? 13.328  -4.227  16.273  1.00 20.23 ? 126 HOH B O   1 
HETATM 1596 O O   . HOH H 4 .  ? 9.639   -1.809  17.797  1.00 19.90 ? 127 HOH B O   1 
HETATM 1597 O O   . HOH H 4 .  ? 5.345   15.482  5.679   1.00 45.88 ? 128 HOH B O   1 
HETATM 1598 O O   . HOH H 4 .  ? 27.444  3.296   3.046   1.00 51.01 ? 129 HOH B O   1 
HETATM 1599 O O   . HOH H 4 .  ? 5.274   12.107  2.123   1.00 35.28 ? 130 HOH B O   1 
HETATM 1600 O O   . HOH H 4 .  ? 28.219  8.119   -1.775  1.00 28.58 ? 131 HOH B O   1 
HETATM 1601 O O   . HOH H 4 .  ? 8.527   -4.770  -14.005 1.00 28.63 ? 136 HOH B O   1 
HETATM 1602 O O   . HOH H 4 .  ? -6.957  0.757   11.883  1.00 22.63 ? 138 HOH B O   1 
HETATM 1603 O O   . HOH H 4 .  ? 15.775  14.195  4.513   1.00 30.18 ? 139 HOH B O   1 
# 
loop_
_pdbx_poly_seq_scheme.asym_id 
_pdbx_poly_seq_scheme.entity_id 
_pdbx_poly_seq_scheme.seq_id 
_pdbx_poly_seq_scheme.mon_id 
_pdbx_poly_seq_scheme.ndb_seq_num 
_pdbx_poly_seq_scheme.pdb_seq_num 
_pdbx_poly_seq_scheme.auth_seq_num 
_pdbx_poly_seq_scheme.pdb_mon_id 
_pdbx_poly_seq_scheme.auth_mon_id 
_pdbx_poly_seq_scheme.pdb_strand_id 
_pdbx_poly_seq_scheme.pdb_ins_code 
_pdbx_poly_seq_scheme.hetero 
A 1 1  PRO 1  1  1  PRO PRO A . n 
A 1 2  GLN 2  2  2  GLN GLN A . n 
A 1 3  ILE 3  3  3  ILE ILE A . n 
A 1 4  THR 4  4  4  THR THR A . n 
A 1 5  LEU 5  5  5  LEU LEU A . n 
A 1 6  TRP 6  6  6  TRP TRP A . n 
A 1 7  LYS 7  7  7  LYS LYS A . n 
A 1 8  ARG 8  8  8  ARG ARG A . n 
A 1 9  PRO 9  9  9  PRO PRO A . n 
A 1 10 LEU 10 10 10 LEU LEU A . n 
A 1 11 VAL 11 11 11 VAL VAL A . n 
A 1 12 THR 12 12 12 THR THR A . n 
A 1 13 VAL 13 13 13 VAL VAL A . n 
A 1 14 LYS 14 14 14 LYS LYS A . n 
A 1 15 ILE 15 15 15 ILE ILE A . n 
A 1 16 GLY 16 16 16 GLY GLY A . n 
A 1 17 GLY 17 17 17 GLY GLY A . n 
A 1 18 GLN 18 18 18 GLN GLN A . n 
A 1 19 LEU 19 19 19 LEU LEU A . n 
A 1 20 LYS 20 20 20 LYS LYS A . n 
A 1 21 GLU 21 21 21 GLU GLU A . n 
A 1 22 ALA 22 22 22 ALA ALA A . n 
A 1 23 LEU 23 23 23 LEU LEU A . n 
A 1 24 LEU 24 24 24 LEU LEU A . n 
A 1 25 ASP 25 25 25 ASP ASP A . n 
A 1 26 THR 26 26 26 THR THR A . n 
A 1 27 GLY 27 27 27 GLY GLY A . n 
A 1 28 ALA 28 28 28 ALA ALA A . n 
A 1 29 ASP 29 29 29 ASP ASP A . n 
A 1 30 ASP 30 30 30 ASP ASP A . n 
A 1 31 THR 31 31 31 THR THR A . n 
A 1 32 VAL 32 32 32 VAL VAL A . n 
A 1 33 LEU 33 33 33 LEU LEU A . n 
A 1 34 GLU 34 34 34 GLU GLU A . n 
A 1 35 ASP 35 35 35 ASP ASP A . n 
A 1 36 ILE 36 36 36 ILE ILE A . n 
A 1 37 ASN 37 37 37 ASN ASN A . n 
A 1 38 LEU 38 38 38 LEU LEU A . n 
A 1 39 PRO 39 39 39 PRO PRO A . n 
A 1 40 GLY 40 40 40 GLY GLY A . n 
A 1 41 LYS 41 41 41 LYS LYS A . n 
A 1 42 TRP 42 42 42 TRP TRP A . n 
A 1 43 LYS 43 43 43 LYS LYS A . n 
A 1 44 PRO 44 44 44 PRO PRO A . n 
A 1 45 LYS 45 45 45 LYS LYS A . n 
A 1 46 MET 46 46 46 MET MET A . n 
A 1 47 ILE 47 47 47 ILE ILE A . n 
A 1 48 GLY 48 48 48 GLY GLY A . n 
A 1 49 GLY 49 49 49 GLY GLY A . n 
A 1 50 ILE 50 50 50 ILE ILE A . n 
A 1 51 GLY 51 51 51 GLY GLY A . n 
A 1 52 GLY 52 52 52 GLY GLY A . n 
A 1 53 PHE 53 53 53 PHE PHE A . n 
A 1 54 ILE 54 54 54 ILE ILE A . n 
A 1 55 LYS 55 55 55 LYS LYS A . n 
A 1 56 VAL 56 56 56 VAL VAL A . n 
A 1 57 ARG 57 57 57 ARG ARG A . n 
A 1 58 GLN 58 58 58 GLN GLN A . n 
A 1 59 TYR 59 59 59 TYR TYR A . n 
A 1 60 ASP 60 60 60 ASP ASP A . n 
A 1 61 GLN 61 61 61 GLN GLN A . n 
A 1 62 ILE 62 62 62 ILE ILE A . n 
A 1 63 LEU 63 63 63 LEU LEU A . n 
A 1 64 ILE 64 64 64 ILE ILE A . n 
A 1 65 GLU 65 65 65 GLU GLU A . n 
A 1 66 ILE 66 66 66 ILE ILE A . n 
A 1 67 CYS 67 67 67 CYS CYS A . n 
A 1 68 GLY 68 68 68 GLY GLY A . n 
A 1 69 LYS 69 69 69 LYS LYS A . n 
A 1 70 LYS 70 70 70 LYS LYS A . n 
A 1 71 ALA 71 71 71 ALA ALA A . n 
A 1 72 ILE 72 72 72 ILE ILE A . n 
A 1 73 GLY 73 73 73 GLY GLY A . n 
A 1 74 THR 74 74 74 THR THR A . n 
A 1 75 VAL 75 75 75 VAL VAL A . n 
A 1 76 LEU 76 76 76 LEU LEU A . n 
A 1 77 VAL 77 77 77 VAL VAL A . n 
A 1 78 GLY 78 78 78 GLY GLY A . n 
A 1 79 PRO 79 79 79 PRO PRO A . n 
A 1 80 THR 80 80 80 THR THR A . n 
A 1 81 PRO 81 81 81 PRO PRO A . n 
A 1 82 VAL 82 82 82 VAL VAL A . n 
A 1 83 ASN 83 83 83 ASN ASN A . n 
A 1 84 ILE 84 84 84 ILE ILE A . n 
A 1 85 ILE 85 85 85 ILE ILE A . n 
A 1 86 GLY 86 86 86 GLY GLY A . n 
A 1 87 ARG 87 87 87 ARG ARG A . n 
A 1 88 ASN 88 88 88 ASN ASN A . n 
A 1 89 MET 89 89 89 MET MET A . n 
A 1 90 LEU 90 90 90 LEU LEU A . n 
A 1 91 THR 91 91 91 THR THR A . n 
A 1 92 GLN 92 92 92 GLN GLN A . n 
A 1 93 ILE 93 93 93 ILE ILE A . n 
A 1 94 GLY 94 94 94 GLY GLY A . n 
A 1 95 CYS 95 95 95 CYS CYS A . n 
A 1 96 THR 96 96 96 THR THR A . n 
A 1 97 LEU 97 97 97 LEU LEU A . n 
A 1 98 ASN 98 98 98 ASN ASN A . n 
A 1 99 PHE 99 99 99 PHE PHE A . n 
B 1 1  PRO 1  1  1  PRO PRO B . n 
B 1 2  GLN 2  2  2  GLN GLN B . n 
B 1 3  ILE 3  3  3  ILE ILE B . n 
B 1 4  THR 4  4  4  THR THR B . n 
B 1 5  LEU 5  5  5  LEU LEU B . n 
B 1 6  TRP 6  6  6  TRP TRP B . n 
B 1 7  LYS 7  7  7  LYS LYS B . n 
B 1 8  ARG 8  8  8  ARG ARG B . n 
B 1 9  PRO 9  9  9  PRO PRO B . n 
B 1 10 LEU 10 10 10 LEU LEU B . n 
B 1 11 VAL 11 11 11 VAL VAL B . n 
B 1 12 THR 12 12 12 THR THR B . n 
B 1 13 VAL 13 13 13 VAL VAL B . n 
B 1 14 LYS 14 14 14 LYS LYS B . n 
B 1 15 ILE 15 15 15 ILE ILE B . n 
B 1 16 GLY 16 16 16 GLY GLY B . n 
B 1 17 GLY 17 17 17 GLY GLY B . n 
B 1 18 GLN 18 18 18 GLN GLN B . n 
B 1 19 LEU 19 19 19 LEU LEU B . n 
B 1 20 LYS 20 20 20 LYS LYS B . n 
B 1 21 GLU 21 21 21 GLU GLU B . n 
B 1 22 ALA 22 22 22 ALA ALA B . n 
B 1 23 LEU 23 23 23 LEU LEU B . n 
B 1 24 LEU 24 24 24 LEU LEU B . n 
B 1 25 ASP 25 25 25 ASP ASP B . n 
B 1 26 THR 26 26 26 THR THR B . n 
B 1 27 GLY 27 27 27 GLY GLY B . n 
B 1 28 ALA 28 28 28 ALA ALA B . n 
B 1 29 ASP 29 29 29 ASP ASP B . n 
B 1 30 ASP 30 30 30 ASP ASP B . n 
B 1 31 THR 31 31 31 THR THR B . n 
B 1 32 VAL 32 32 32 VAL VAL B . n 
B 1 33 LEU 33 33 33 LEU LEU B . n 
B 1 34 GLU 34 34 34 GLU GLU B . n 
B 1 35 ASP 35 35 35 ASP ASP B . n 
B 1 36 ILE 36 36 36 ILE ILE B . n 
B 1 37 ASN 37 37 37 ASN ASN B . n 
B 1 38 LEU 38 38 38 LEU LEU B . n 
B 1 39 PRO 39 39 39 PRO PRO B . n 
B 1 40 GLY 40 40 40 GLY GLY B . n 
B 1 41 LYS 41 41 41 LYS LYS B . n 
B 1 42 TRP 42 42 42 TRP TRP B . n 
B 1 43 LYS 43 43 43 LYS LYS B . n 
B 1 44 PRO 44 44 44 PRO PRO B . n 
B 1 45 LYS 45 45 45 LYS LYS B . n 
B 1 46 MET 46 46 46 MET MET B . n 
B 1 47 ILE 47 47 47 ILE ILE B . n 
B 1 48 GLY 48 48 48 GLY GLY B . n 
B 1 49 GLY 49 49 49 GLY GLY B . n 
B 1 50 ILE 50 50 50 ILE ILE B . n 
B 1 51 GLY 51 51 51 GLY GLY B . n 
B 1 52 GLY 52 52 52 GLY GLY B . n 
B 1 53 PHE 53 53 53 PHE PHE B . n 
B 1 54 ILE 54 54 54 ILE ILE B . n 
B 1 55 LYS 55 55 55 LYS LYS B . n 
B 1 56 VAL 56 56 56 VAL VAL B . n 
B 1 57 ARG 57 57 57 ARG ARG B . n 
B 1 58 GLN 58 58 58 GLN GLN B . n 
B 1 59 TYR 59 59 59 TYR TYR B . n 
B 1 60 ASP 60 60 60 ASP ASP B . n 
B 1 61 GLN 61 61 61 GLN GLN B . n 
B 1 62 ILE 62 62 62 ILE ILE B . n 
B 1 63 LEU 63 63 63 LEU LEU B . n 
B 1 64 ILE 64 64 64 ILE ILE B . n 
B 1 65 GLU 65 65 65 GLU GLU B . n 
B 1 66 ILE 66 66 66 ILE ILE B . n 
B 1 67 CYS 67 67 67 CYS CYS B . n 
B 1 68 GLY 68 68 68 GLY GLY B . n 
B 1 69 LYS 69 69 69 LYS LYS B . n 
B 1 70 LYS 70 70 70 LYS LYS B . n 
B 1 71 ALA 71 71 71 ALA ALA B . n 
B 1 72 ILE 72 72 72 ILE ILE B . n 
B 1 73 GLY 73 73 73 GLY GLY B . n 
B 1 74 THR 74 74 74 THR THR B . n 
B 1 75 VAL 75 75 75 VAL VAL B . n 
B 1 76 LEU 76 76 76 LEU LEU B . n 
B 1 77 VAL 77 77 77 VAL VAL B . n 
B 1 78 GLY 78 78 78 GLY GLY B . n 
B 1 79 PRO 79 79 79 PRO PRO B . n 
B 1 80 THR 80 80 80 THR THR B . n 
B 1 81 PRO 81 81 81 PRO PRO B . n 
B 1 82 VAL 82 82 82 VAL VAL B . n 
B 1 83 ASN 83 83 83 ASN ASN B . n 
B 1 84 ILE 84 84 84 ILE ILE B . n 
B 1 85 ILE 85 85 85 ILE ILE B . n 
B 1 86 GLY 86 86 86 GLY GLY B . n 
B 1 87 ARG 87 87 87 ARG ARG B . n 
B 1 88 ASN 88 88 88 ASN ASN B . n 
B 1 89 MET 89 89 89 MET MET B . n 
B 1 90 LEU 90 90 90 LEU LEU B . n 
B 1 91 THR 91 91 91 THR THR B . n 
B 1 92 GLN 92 92 92 GLN GLN B . n 
B 1 93 ILE 93 93 93 ILE ILE B . n 
B 1 94 GLY 94 94 94 GLY GLY B . n 
B 1 95 CYS 95 95 95 CYS CYS B . n 
B 1 96 THR 96 96 96 THR THR B . n 
B 1 97 LEU 97 97 97 LEU LEU B . n 
B 1 98 ASN 98 98 98 ASN ASN B . n 
B 1 99 PHE 99 99 99 PHE PHE B . n 
# 
loop_
_pdbx_nonpoly_scheme.asym_id 
_pdbx_nonpoly_scheme.entity_id 
_pdbx_nonpoly_scheme.mon_id 
_pdbx_nonpoly_scheme.ndb_seq_num 
_pdbx_nonpoly_scheme.pdb_seq_num 
_pdbx_nonpoly_scheme.auth_seq_num 
_pdbx_nonpoly_scheme.pdb_mon_id 
_pdbx_nonpoly_scheme.auth_mon_id 
_pdbx_nonpoly_scheme.pdb_strand_id 
_pdbx_nonpoly_scheme.pdb_ins_code 
C 2 017 1  200 200 017 017 A . 
D 3 ACT 1  100 1   ACT ACT A . 
E 3 ACT 1  101 1   ACT ACT A . 
F 3 ACT 1  100 1   ACT ACT B . 
G 4 HOH 1  102 2   HOH HOH A . 
G 4 HOH 2  103 3   HOH HOH A . 
G 4 HOH 3  104 5   HOH HOH A . 
G 4 HOH 4  105 6   HOH HOH A . 
G 4 HOH 5  106 12  HOH HOH A . 
G 4 HOH 6  107 13  HOH HOH A . 
G 4 HOH 7  108 15  HOH HOH A . 
G 4 HOH 8  109 19  HOH HOH A . 
G 4 HOH 9  110 23  HOH HOH A . 
G 4 HOH 10 111 24  HOH HOH A . 
G 4 HOH 11 112 25  HOH HOH A . 
G 4 HOH 12 113 29  HOH HOH A . 
G 4 HOH 13 114 32  HOH HOH A . 
G 4 HOH 14 115 33  HOH HOH A . 
G 4 HOH 15 116 36  HOH HOH A . 
G 4 HOH 16 117 38  HOH HOH A . 
G 4 HOH 17 118 43  HOH HOH A . 
G 4 HOH 18 119 50  HOH HOH A . 
G 4 HOH 19 120 51  HOH HOH A . 
G 4 HOH 20 121 55  HOH HOH A . 
G 4 HOH 21 122 56  HOH HOH A . 
G 4 HOH 22 123 58  HOH HOH A . 
G 4 HOH 23 124 59  HOH HOH A . 
G 4 HOH 24 125 60  HOH HOH A . 
G 4 HOH 25 126 62  HOH HOH A . 
G 4 HOH 26 127 63  HOH HOH A . 
G 4 HOH 27 128 65  HOH HOH A . 
G 4 HOH 28 129 66  HOH HOH A . 
G 4 HOH 29 130 67  HOH HOH A . 
G 4 HOH 30 131 68  HOH HOH A . 
G 4 HOH 31 132 69  HOH HOH A . 
G 4 HOH 32 133 70  HOH HOH A . 
G 4 HOH 33 134 71  HOH HOH A . 
G 4 HOH 34 135 72  HOH HOH A . 
G 4 HOH 35 137 76  HOH HOH A . 
H 4 HOH 1  101 1   HOH HOH B . 
H 4 HOH 2  102 4   HOH HOH B . 
H 4 HOH 3  103 7   HOH HOH B . 
H 4 HOH 4  104 8   HOH HOH B . 
H 4 HOH 5  105 9   HOH HOH B . 
H 4 HOH 6  106 10  HOH HOH B . 
H 4 HOH 7  107 11  HOH HOH B . 
H 4 HOH 8  108 14  HOH HOH B . 
H 4 HOH 9  109 16  HOH HOH B . 
H 4 HOH 10 110 17  HOH HOH B . 
H 4 HOH 11 111 18  HOH HOH B . 
H 4 HOH 12 112 20  HOH HOH B . 
H 4 HOH 13 113 26  HOH HOH B . 
H 4 HOH 14 114 27  HOH HOH B . 
H 4 HOH 15 115 28  HOH HOH B . 
H 4 HOH 16 116 31  HOH HOH B . 
H 4 HOH 17 117 34  HOH HOH B . 
H 4 HOH 18 118 37  HOH HOH B . 
H 4 HOH 19 119 40  HOH HOH B . 
H 4 HOH 20 120 42  HOH HOH B . 
H 4 HOH 21 121 44  HOH HOH B . 
H 4 HOH 22 122 46  HOH HOH B . 
H 4 HOH 23 123 48  HOH HOH B . 
H 4 HOH 24 124 49  HOH HOH B . 
H 4 HOH 25 125 54  HOH HOH B . 
H 4 HOH 26 126 57  HOH HOH B . 
H 4 HOH 27 127 61  HOH HOH B . 
H 4 HOH 28 128 64  HOH HOH B . 
H 4 HOH 29 129 74  HOH HOH B . 
H 4 HOH 30 130 75  HOH HOH B . 
H 4 HOH 31 131 79  HOH HOH B . 
H 4 HOH 32 136 73  HOH HOH B . 
H 4 HOH 33 138 77  HOH HOH B . 
H 4 HOH 34 139 78  HOH HOH B . 
# 
_pdbx_struct_assembly.id                   1 
_pdbx_struct_assembly.details              author_and_software_defined_assembly 
_pdbx_struct_assembly.method_details       PISA 
_pdbx_struct_assembly.oligomeric_details   dimeric 
_pdbx_struct_assembly.oligomeric_count     2 
# 
_pdbx_struct_assembly_gen.assembly_id       1 
_pdbx_struct_assembly_gen.oper_expression   1 
_pdbx_struct_assembly_gen.asym_id_list      A,B,C,D,E,F,G,H 
# 
loop_
_pdbx_struct_assembly_prop.biol_id 
_pdbx_struct_assembly_prop.type 
_pdbx_struct_assembly_prop.value 
_pdbx_struct_assembly_prop.details 
1 'ABSA (A^2)' 3590 ? 
1 MORE         -26  ? 
1 'SSA (A^2)'  9210 ? 
# 
_pdbx_struct_oper_list.id                   1 
_pdbx_struct_oper_list.type                 'identity operation' 
_pdbx_struct_oper_list.name                 1_555 
_pdbx_struct_oper_list.symmetry_operation   x,y,z 
_pdbx_struct_oper_list.matrix[1][1]         1.0000000000 
_pdbx_struct_oper_list.matrix[1][2]         0.0000000000 
_pdbx_struct_oper_list.matrix[1][3]         0.0000000000 
_pdbx_struct_oper_list.vector[1]            0.0000000000 
_pdbx_struct_oper_list.matrix[2][1]         0.0000000000 
_pdbx_struct_oper_list.matrix[2][2]         1.0000000000 
_pdbx_struct_oper_list.matrix[2][3]         0.0000000000 
_pdbx_struct_oper_list.vector[2]            0.0000000000 
_pdbx_struct_oper_list.matrix[3][1]         0.0000000000 
_pdbx_struct_oper_list.matrix[3][2]         0.0000000000 
_pdbx_struct_oper_list.matrix[3][3]         1.0000000000 
_pdbx_struct_oper_list.vector[3]            0.0000000000 
# 
loop_
_pdbx_audit_revision_history.ordinal 
_pdbx_audit_revision_history.data_content_type 
_pdbx_audit_revision_history.major_revision 
_pdbx_audit_revision_history.minor_revision 
_pdbx_audit_revision_history.revision_date 
1 'Structure model' 1 0 2010-08-11 
2 'Structure model' 1 1 2011-07-13 
3 'Structure model' 1 2 2017-11-08 
4 'Structure model' 1 3 2021-10-13 
5 'Structure model' 1 4 2023-09-06 
# 
_pdbx_audit_revision_details.ordinal             1 
_pdbx_audit_revision_details.revision_ordinal    1 
_pdbx_audit_revision_details.data_content_type   'Structure model' 
_pdbx_audit_revision_details.provider            repository 
_pdbx_audit_revision_details.type                'Initial release' 
_pdbx_audit_revision_details.description         ? 
_pdbx_audit_revision_details.details             ? 
# 
loop_
_pdbx_audit_revision_group.ordinal 
_pdbx_audit_revision_group.revision_ordinal 
_pdbx_audit_revision_group.data_content_type 
_pdbx_audit_revision_group.group 
1 2 'Structure model' 'Version format compliance' 
2 3 'Structure model' 'Refinement description'    
3 4 'Structure model' 'Database references'       
4 4 'Structure model' 'Derived calculations'      
5 4 'Structure model' 'Structure summary'         
6 5 'Structure model' 'Data collection'           
7 5 'Structure model' 'Refinement description'    
# 
loop_
_pdbx_audit_revision_category.ordinal 
_pdbx_audit_revision_category.revision_ordinal 
_pdbx_audit_revision_category.data_content_type 
_pdbx_audit_revision_category.category 
1 3 'Structure model' software                      
2 4 'Structure model' chem_comp                     
3 4 'Structure model' database_2                    
4 4 'Structure model' struct_ref_seq_dif            
5 4 'Structure model' struct_site                   
6 5 'Structure model' chem_comp_atom                
7 5 'Structure model' chem_comp_bond                
8 5 'Structure model' pdbx_initial_refinement_model 
# 
loop_
_pdbx_audit_revision_item.ordinal 
_pdbx_audit_revision_item.revision_ordinal 
_pdbx_audit_revision_item.data_content_type 
_pdbx_audit_revision_item.item 
1  3 'Structure model' '_software.classification'            
2  3 'Structure model' '_software.contact_author'            
3  3 'Structure model' '_software.contact_author_email'      
4  3 'Structure model' '_software.date'                      
5  3 'Structure model' '_software.language'                  
6  3 'Structure model' '_software.location'                  
7  3 'Structure model' '_software.name'                      
8  3 'Structure model' '_software.type'                      
9  3 'Structure model' '_software.version'                   
10 4 'Structure model' '_chem_comp.pdbx_synonyms'            
11 4 'Structure model' '_database_2.pdbx_DOI'                
12 4 'Structure model' '_database_2.pdbx_database_accession' 
13 4 'Structure model' '_struct_ref_seq_dif.details'         
14 4 'Structure model' '_struct_site.pdbx_auth_asym_id'      
15 4 'Structure model' '_struct_site.pdbx_auth_comp_id'      
16 4 'Structure model' '_struct_site.pdbx_auth_seq_id'       
# 
loop_
_pdbx_refine_tls.pdbx_refine_id 
_pdbx_refine_tls.id 
_pdbx_refine_tls.details 
_pdbx_refine_tls.method 
_pdbx_refine_tls.origin_x 
_pdbx_refine_tls.origin_y 
_pdbx_refine_tls.origin_z 
_pdbx_refine_tls.T[1][1] 
_pdbx_refine_tls.T[2][2] 
_pdbx_refine_tls.T[3][3] 
_pdbx_refine_tls.T[1][2] 
_pdbx_refine_tls.T[1][3] 
_pdbx_refine_tls.T[2][3] 
_pdbx_refine_tls.L[1][1] 
_pdbx_refine_tls.L[2][2] 
_pdbx_refine_tls.L[3][3] 
_pdbx_refine_tls.L[1][2] 
_pdbx_refine_tls.L[1][3] 
_pdbx_refine_tls.L[2][3] 
_pdbx_refine_tls.S[1][1] 
_pdbx_refine_tls.S[2][2] 
_pdbx_refine_tls.S[3][3] 
_pdbx_refine_tls.S[1][2] 
_pdbx_refine_tls.S[1][3] 
_pdbx_refine_tls.S[2][3] 
_pdbx_refine_tls.S[2][1] 
_pdbx_refine_tls.S[3][1] 
_pdbx_refine_tls.S[3][2] 
'X-RAY DIFFRACTION' 1  ? refined 3.6633   6.5331   -11.2494 0.1686 0.1396 0.2155 -0.0444 -0.0318 -0.0074 0.3255  7.9367  8.1862  -1.3501 0.1616  3.5747  0.0976  -0.0782 -0.0194 0.0398  0.0632  -0.1660 -0.7723 -0.3356 0.1134  
'X-RAY DIFFRACTION' 2  ? refined 5.1336   2.9760   -11.8703 0.1527 0.1609 0.0992 0.0169  -0.0362 -0.0272 6.3441  12.7312 1.4498  4.2339  -2.1427 1.2415  0.0293  0.0987  -0.1279 0.3286  0.0323  -0.3219 -0.4608 -0.1423 -0.1127 
'X-RAY DIFFRACTION' 3  ? refined -0.9237  11.3901  -1.7273  0.1349 0.0659 0.2008 0.0354  -0.0324 -0.0349 7.8000  4.6776  5.1621  3.0473  0.4553  -1.9777 0.0208  -0.1377 0.1168  -0.6464 0.3390  0.2102  0.2935  -0.1797 -0.1901 
'X-RAY DIFFRACTION' 4  ? refined 4.1336   -7.5695  -7.2700  0.0907 0.0919 0.1715 0.0230  0.0034  -0.0677 11.1893 4.1031  17.4966 2.5019  10.2999 2.3439  0.3753  -0.0241 -0.3512 -0.3500 -0.4028 -0.0376 0.2416  0.4622  -0.6060 
'X-RAY DIFFRACTION' 5  ? refined -4.5106  -1.8133  -3.0699  0.1008 0.1023 0.1697 0.0027  -0.0194 -0.0047 3.5345  0.1804  1.4209  -0.6126 0.5742  0.1851  -0.0775 0.0541  0.0234  -0.0302 -0.1391 0.0313  0.0244  0.1181  0.0586  
'X-RAY DIFFRACTION' 6  ? refined -20.2737 -5.9555  -0.8453  0.0930 0.2038 0.2972 -0.0211 0.0064  0.0361  3.9414  6.7547  4.5515  2.2974  3.3775  -0.8378 0.0103  -0.0349 0.0245  -0.4769 0.3610  0.9452  0.1567  -0.1861 -0.5283 
'X-RAY DIFFRACTION' 7  ? refined 5.0316   2.0436   2.1061   0.0880 0.1043 0.1673 0.0378  -0.0261 -0.0357 3.7170  0.6618  1.6115  0.0772  1.3156  -0.7735 -0.0560 0.0279  0.0282  -0.0155 0.0317  0.1220  0.0548  -0.1380 -0.0721 
'X-RAY DIFFRACTION' 8  ? refined 14.8110  0.0887   14.8198  0.1495 0.2073 0.2002 0.0736  -0.1487 -0.0301 7.7601  3.6778  6.6105  1.3757  -1.3054 3.6600  0.3175  0.3066  -0.6241 -0.7643 -0.5607 -0.8235 0.7000  0.7908  0.5602  
'X-RAY DIFFRACTION' 9  ? refined -9.6224  -12.4599 4.6520   0.2450 0.0938 0.1030 0.0268  -0.0530 0.0234  8.5926  11.1604 10.8323 6.0775  7.4338  2.6807  0.6311  -0.0250 -0.6061 -0.2739 -0.2411 0.1884  -0.1996 0.9522  -0.6005 
'X-RAY DIFFRACTION' 10 ? refined -9.5476  -9.6794  8.9733   0.1702 0.2627 0.2173 -0.0282 0.0000  0.0932  16.0309 4.4843  0.2887  2.0442  -0.7544 0.9334  -0.2602 0.1566  0.1035  -0.6441 -0.6119 0.4849  0.5780  0.1706  0.0924  
'X-RAY DIFFRACTION' 11 ? refined 2.1007   4.1982   15.9954  0.1531 0.2385 0.2108 -0.0279 0.0855  -0.0848 11.0029 15.3781 9.0359  9.7127  3.4345  5.8523  0.4622  -0.0715 -0.3907 -1.0518 0.4699  -0.3030 0.4568  -0.6848 0.1344  
'X-RAY DIFFRACTION' 12 ? refined -0.2642  -0.0336  15.6479  0.0624 0.2298 0.0782 -0.0126 -0.0233 0.0416  11.2460 5.9180  8.0270  3.5231  2.0387  6.7081  -0.4090 0.0506  0.3584  -0.4051 0.5392  0.3660  -0.0168 0.0700  0.0969  
'X-RAY DIFFRACTION' 13 ? refined -17.5777 -10.2438 -3.7209  0.1753 0.1409 0.5021 -0.1123 -0.2745 0.1410  7.0878  3.3379  21.6820 4.4195  -1.3744 2.6067  0.3382  -0.0431 -0.2950 0.2201  -0.2110 -0.0879 0.2739  0.7939  -1.5333 
'X-RAY DIFFRACTION' 14 ? refined -14.1228 2.0704   -13.2191 0.0888 0.1927 0.1999 0.0321  0.0049  -0.0103 12.8254 21.9515 10.0438 7.4486  9.2183  13.1152 -0.3008 0.4010  -0.1001 0.5736  0.5275  -0.7835 -0.8133 -0.4984 0.4348  
'X-RAY DIFFRACTION' 15 ? refined -13.0751 -4.7194  -11.2786 0.0514 0.0683 0.1814 0.0561  -0.0600 -0.0467 2.3099  4.9161  15.0590 1.4182  1.3689  -3.9024 0.1887  0.0718  -0.2604 0.2323  -0.3485 0.3139  -0.0862 -0.0013 -0.1823 
'X-RAY DIFFRACTION' 16 ? refined 13.3979  5.7821   14.7231  0.0958 0.3932 0.1111 -0.0889 -0.0128 -0.1717 3.0278  9.5138  11.7319 2.3737  -1.4336 -7.1630 0.3580  -0.3842 0.0262  -0.9984 0.3392  -0.3010 0.6855  -0.5643 0.6573  
'X-RAY DIFFRACTION' 17 ? refined 19.0527  3.2517   0.0956   0.0867 0.1218 0.1445 0.0495  -0.0213 0.0317  13.6775 26.5294 6.2366  9.0888  4.8599  12.8417 -0.1307 0.1133  0.0173  0.8425  0.1771  0.0552  -0.9817 -0.4621 0.1021  
'X-RAY DIFFRACTION' 18 ? refined 15.6774  7.3479   4.6348   0.0436 0.0662 0.1505 0.0295  -0.0395 -0.0114 8.6950  6.2741  3.2788  2.4492  -3.2381 0.3722  0.0427  0.0373  -0.0801 -0.2327 0.6245  -0.2074 0.0546  -0.2357 -0.0152 
'X-RAY DIFFRACTION' 19 ? refined -11.0053 -0.6657  2.7455   0.0481 0.2271 0.1480 0.0218  0.0021  -0.0371 4.2758  9.5510  13.5100 5.0542  -1.9516 -4.9913 0.2826  -0.1584 -0.1241 -0.6274 0.1773  0.3499  0.5870  -0.0263 0.4177  
'X-RAY DIFFRACTION' 20 ? refined 6.7885   -3.7562  8.3329   0.1336 0.0914 0.2275 0.0211  -0.0152 0.0603  6.9263  0.4395  13.1376 -0.6711 -3.3948 2.3911  0.2458  -0.0383 -0.2074 -0.2436 -0.0976 -0.0106 0.1348  0.7229  -0.3140 
'X-RAY DIFFRACTION' 21 ? refined -4.5587  -4.2101  -10.5349 0.0975 0.0966 0.1527 0.0261  -0.0303 -0.0449 7.1813  1.0848  6.7206  -0.1777 2.0568  -0.1397 -0.0536 -0.0044 0.0580  0.3781  -0.2911 -0.0447 -0.1569 -0.0427 -0.2375 
'X-RAY DIFFRACTION' 22 ? refined 8.6323   8.5275   -0.2005  0.0823 0.0602 0.1745 0.0158  -0.0403 -0.0341 9.8103  5.6486  4.5865  4.1853  0.5252  -3.8517 -0.2681 -0.1422 0.4104  0.1770  0.1780  -0.1906 -0.0872 -0.1055 0.2330 
# 
loop_
_pdbx_refine_tls_group.pdbx_refine_id 
_pdbx_refine_tls_group.id 
_pdbx_refine_tls_group.refine_tls_id 
_pdbx_refine_tls_group.beg_auth_asym_id 
_pdbx_refine_tls_group.beg_auth_seq_id 
_pdbx_refine_tls_group.end_auth_asym_id 
_pdbx_refine_tls_group.end_auth_seq_id 
_pdbx_refine_tls_group.selection_details 
_pdbx_refine_tls_group.beg_label_asym_id 
_pdbx_refine_tls_group.beg_label_seq_id 
_pdbx_refine_tls_group.end_label_asym_id 
_pdbx_refine_tls_group.end_label_seq_id 
_pdbx_refine_tls_group.selection 
'X-RAY DIFFRACTION' 1  1  A 1  A 5  ? . . . . ? 
'X-RAY DIFFRACTION' 2  1  A 94 A 99 ? . . . . ? 
'X-RAY DIFFRACTION' 3  2  B 1  B 5  ? . . . . ? 
'X-RAY DIFFRACTION' 4  2  B 94 B 99 ? . . . . ? 
'X-RAY DIFFRACTION' 5  3  A 6  A 10 ? . . . . ? 
'X-RAY DIFFRACTION' 6  4  B 6  B 10 ? . . . . ? 
'X-RAY DIFFRACTION' 7  5  A 22 A 32 ? . . . . ? 
'X-RAY DIFFRACTION' 8  6  A 33 A 43 ? . . . . ? 
'X-RAY DIFFRACTION' 9  7  B 22 B 32 ? . . . . ? 
'X-RAY DIFFRACTION' 10 8  B 33 B 43 ? . . . . ? 
'X-RAY DIFFRACTION' 11 9  A 44 A 49 ? . . . . ? 
'X-RAY DIFFRACTION' 12 10 A 52 A 56 ? . . . . ? 
'X-RAY DIFFRACTION' 13 11 B 44 B 49 ? . . . . ? 
'X-RAY DIFFRACTION' 14 12 B 52 B 56 ? . . . . ? 
'X-RAY DIFFRACTION' 15 13 A 57 A 62 ? . . . . ? 
'X-RAY DIFFRACTION' 16 14 A 63 A 68 ? . . . . ? 
'X-RAY DIFFRACTION' 17 15 A 69 A 76 ? . . . . ? 
'X-RAY DIFFRACTION' 18 16 B 57 B 62 ? . . . . ? 
'X-RAY DIFFRACTION' 19 17 B 63 B 68 ? . . . . ? 
'X-RAY DIFFRACTION' 20 18 B 69 B 76 ? . . . . ? 
'X-RAY DIFFRACTION' 21 19 A 77 A 85 ? . . . . ? 
'X-RAY DIFFRACTION' 22 20 B 77 B 85 ? . . . . ? 
'X-RAY DIFFRACTION' 23 21 A 86 A 93 ? . . . . ? 
'X-RAY DIFFRACTION' 24 22 B 86 B 93 ? . . . . ? 
# 
loop_
_software.pdbx_ordinal 
_software.name 
_software.version 
_software.date 
_software.type 
_software.contact_author 
_software.contact_author_email 
_software.classification 
_software.location 
_software.language 
_software.citation_id 
1 DENZO       .     ?               package 'Zbyszek Otwinowski' hkl@hkl-xray.com      'data reduction'  http://www.hkl-xray.com/ 
?          ? 
2 SCALEPACK   .     ?               package 'Zbyszek Otwinowski' hkl@hkl-xray.com      'data scaling'    http://www.hkl-xray.com/ 
?          ? 
3 AMoRE       .     ?               program 'Jorge Navaza'       ccp4@ccp4.ac.uk       phasing           http://www.ccp4.ac.uk/ 
Fortran_77 ? 
4 REFMAC      .     ?               program 'Garib N. Murshudov' garib@ysbl.york.ac.uk refinement        
http://www.ccp4.ac.uk/dist/html/refmac5.html Fortran_77 ? 
5 PDB_EXTRACT 3.005 'June 11, 2008' package PDB                  help@deposit.rcsb.org 'data extraction' 
http://sw-tools.pdb.org/apps/PDB_EXTRACT/    C++        ? 
6 HKL-2000    .     ?               ?       ?                    ?                     'data reduction'  ? ?          ? 
7 HKL-2000    .     ?               ?       ?                    ?                     'data scaling'    ? ?          ? 
# 
loop_
_pdbx_validate_torsion.id 
_pdbx_validate_torsion.PDB_model_num 
_pdbx_validate_torsion.auth_comp_id 
_pdbx_validate_torsion.auth_asym_id 
_pdbx_validate_torsion.auth_seq_id 
_pdbx_validate_torsion.PDB_ins_code 
_pdbx_validate_torsion.label_alt_id 
_pdbx_validate_torsion.phi 
_pdbx_validate_torsion.psi 
1 1 ASP A 35 ? ? -95.70 48.91 
2 1 ASP B 35 ? ? -97.27 51.33 
# 
loop_
_pdbx_unobs_or_zero_occ_atoms.id 
_pdbx_unobs_or_zero_occ_atoms.PDB_model_num 
_pdbx_unobs_or_zero_occ_atoms.polymer_flag 
_pdbx_unobs_or_zero_occ_atoms.occupancy_flag 
_pdbx_unobs_or_zero_occ_atoms.auth_asym_id 
_pdbx_unobs_or_zero_occ_atoms.auth_comp_id 
_pdbx_unobs_or_zero_occ_atoms.auth_seq_id 
_pdbx_unobs_or_zero_occ_atoms.PDB_ins_code 
_pdbx_unobs_or_zero_occ_atoms.auth_atom_id 
_pdbx_unobs_or_zero_occ_atoms.label_alt_id 
_pdbx_unobs_or_zero_occ_atoms.label_asym_id 
_pdbx_unobs_or_zero_occ_atoms.label_comp_id 
_pdbx_unobs_or_zero_occ_atoms.label_seq_id 
_pdbx_unobs_or_zero_occ_atoms.label_atom_id 
1  1 Y 1 A LYS 7  ? CG  ? A LYS 7  CG  
2  1 Y 1 A LYS 7  ? CD  ? A LYS 7  CD  
3  1 Y 1 A LYS 7  ? CE  ? A LYS 7  CE  
4  1 Y 1 A LYS 7  ? NZ  ? A LYS 7  NZ  
5  1 Y 1 A ASN 37 ? CG  ? A ASN 37 CG  
6  1 Y 1 A ASN 37 ? OD1 ? A ASN 37 OD1 
7  1 Y 1 A ASN 37 ? ND2 ? A ASN 37 ND2 
8  1 Y 1 A LYS 41 ? CG  ? A LYS 41 CG  
9  1 Y 1 A LYS 41 ? CD  ? A LYS 41 CD  
10 1 Y 1 A LYS 41 ? CE  ? A LYS 41 CE  
11 1 Y 1 A LYS 41 ? NZ  ? A LYS 41 NZ  
12 1 Y 1 A LYS 43 ? CG  ? A LYS 43 CG  
13 1 Y 1 A LYS 43 ? CD  ? A LYS 43 CD  
14 1 Y 1 A LYS 43 ? CE  ? A LYS 43 CE  
15 1 Y 1 A LYS 43 ? NZ  ? A LYS 43 NZ  
16 1 Y 1 A LYS 55 ? CG  ? A LYS 55 CG  
17 1 Y 1 A LYS 55 ? CD  ? A LYS 55 CD  
18 1 Y 1 A LYS 55 ? CE  ? A LYS 55 CE  
19 1 Y 1 A LYS 55 ? NZ  ? A LYS 55 NZ  
20 1 Y 1 A GLN 61 ? CG  ? A GLN 61 CG  
21 1 Y 1 A GLN 61 ? CD  ? A GLN 61 CD  
22 1 Y 1 A GLN 61 ? OE1 ? A GLN 61 OE1 
23 1 Y 1 A GLN 61 ? NE2 ? A GLN 61 NE2 
24 1 Y 1 A ILE 66 ? CG1 ? A ILE 66 CG1 
25 1 Y 1 A ILE 66 ? CG2 ? A ILE 66 CG2 
26 1 Y 1 A ILE 66 ? CD1 ? A ILE 66 CD1 
27 1 Y 1 A LYS 69 ? CG  ? A LYS 69 CG  
28 1 Y 1 A LYS 69 ? CD  ? A LYS 69 CD  
29 1 Y 1 A LYS 69 ? CE  ? A LYS 69 CE  
30 1 Y 1 A LYS 69 ? NZ  ? A LYS 69 NZ  
31 1 Y 1 B GLN 2  ? CG  ? B GLN 2  CG  
32 1 Y 1 B GLN 2  ? CD  ? B GLN 2  CD  
33 1 Y 1 B GLN 2  ? OE1 ? B GLN 2  OE1 
34 1 Y 1 B GLN 2  ? NE2 ? B GLN 2  NE2 
35 1 Y 1 B LYS 7  ? CG  ? B LYS 7  CG  
36 1 Y 1 B LYS 7  ? CD  ? B LYS 7  CD  
37 1 Y 1 B LYS 7  ? CE  ? B LYS 7  CE  
38 1 Y 1 B LYS 7  ? NZ  ? B LYS 7  NZ  
39 1 Y 1 B ASN 37 ? CG  ? B ASN 37 CG  
40 1 Y 1 B ASN 37 ? OD1 ? B ASN 37 OD1 
41 1 Y 1 B ASN 37 ? ND2 ? B ASN 37 ND2 
42 1 Y 1 B LYS 41 ? CG  ? B LYS 41 CG  
43 1 Y 1 B LYS 41 ? CD  ? B LYS 41 CD  
44 1 Y 1 B LYS 41 ? CE  ? B LYS 41 CE  
45 1 Y 1 B LYS 41 ? NZ  ? B LYS 41 NZ  
46 1 Y 1 B LYS 43 ? CG  ? B LYS 43 CG  
47 1 Y 1 B LYS 43 ? CD  ? B LYS 43 CD  
48 1 Y 1 B LYS 43 ? CE  ? B LYS 43 CE  
49 1 Y 1 B LYS 43 ? NZ  ? B LYS 43 NZ  
50 1 Y 1 B LYS 55 ? CG  ? B LYS 55 CG  
51 1 Y 1 B LYS 55 ? CD  ? B LYS 55 CD  
52 1 Y 1 B LYS 55 ? CE  ? B LYS 55 CE  
53 1 Y 1 B LYS 55 ? NZ  ? B LYS 55 NZ  
54 1 Y 1 B GLN 61 ? CG  ? B GLN 61 CG  
55 1 Y 1 B GLN 61 ? CD  ? B GLN 61 CD  
56 1 Y 1 B GLN 61 ? OE1 ? B GLN 61 OE1 
57 1 Y 1 B GLN 61 ? NE2 ? B GLN 61 NE2 
58 1 Y 1 B ILE 66 ? CG1 ? B ILE 66 CG1 
59 1 Y 1 B ILE 66 ? CG2 ? B ILE 66 CG2 
60 1 Y 1 B ILE 66 ? CD1 ? B ILE 66 CD1 
61 1 Y 1 B LYS 69 ? CG  ? B LYS 69 CG  
62 1 Y 1 B LYS 69 ? CD  ? B LYS 69 CD  
63 1 Y 1 B LYS 69 ? CE  ? B LYS 69 CE  
64 1 Y 1 B LYS 69 ? NZ  ? B LYS 69 NZ  
# 
loop_
_chem_comp_atom.comp_id 
_chem_comp_atom.atom_id 
_chem_comp_atom.type_symbol 
_chem_comp_atom.pdbx_aromatic_flag 
_chem_comp_atom.pdbx_stereo_config 
_chem_comp_atom.pdbx_ordinal 
017 N1   N N N 1   
017 C2   C Y N 2   
017 C3   C Y N 3   
017 C4   C Y N 4   
017 C5   C Y N 5   
017 C6   C Y N 6   
017 C7   C Y N 7   
017 S8   S N N 8   
017 O9   O N N 9   
017 O10  O N N 10  
017 N11  N N N 11  
017 C12  C N N 12  
017 C13  C N N 13  
017 C14  C N N 14  
017 C15  C N N 15  
017 C16  C N N 16  
017 C17  C N R 17  
017 O18  O N N 18  
017 C19  C N S 19  
017 N20  N N N 20  
017 C21  C N N 21  
017 O22  O N N 22  
017 O23  O N N 23  
017 C24  C N R 24  
017 C25  C N N 25  
017 O26  O N N 26  
017 C27  C N R 27  
017 O28  O N N 28  
017 C29  C N N 29  
017 C30  C N N 30  
017 C31  C N S 31  
017 C32  C N N 32  
017 C33  C Y N 33  
017 C34  C Y N 34  
017 C35  C Y N 35  
017 C36  C Y N 36  
017 C37  C Y N 37  
017 C38  C Y N 38  
017 H11  H N N 39  
017 H12  H N N 40  
017 H3   H N N 41  
017 H4   H N N 42  
017 H6   H N N 43  
017 H7   H N N 44  
017 H121 H N N 45  
017 H122 H N N 46  
017 H13  H N N 47  
017 H141 H N N 48  
017 H142 H N N 49  
017 H143 H N N 50  
017 H151 H N N 51  
017 H152 H N N 52  
017 H153 H N N 53  
017 H161 H N N 54  
017 H162 H N N 55  
017 H17  H N N 56  
017 H18  H N N 57  
017 H19  H N N 58  
017 H20  H N N 59  
017 H24  H N N 60  
017 H251 H N N 61  
017 H252 H N N 62  
017 H27  H N N 63  
017 H291 H N N 64  
017 H292 H N N 65  
017 H301 H N N 66  
017 H302 H N N 67  
017 H31  H N N 68  
017 H321 H N N 69  
017 H322 H N N 70  
017 H33  H N N 71  
017 H34  H N N 72  
017 H35  H N N 73  
017 H36  H N N 74  
017 H37  H N N 75  
ACT C    C N N 76  
ACT O    O N N 77  
ACT OXT  O N N 78  
ACT CH3  C N N 79  
ACT H1   H N N 80  
ACT H2   H N N 81  
ACT H3   H N N 82  
ALA N    N N N 83  
ALA CA   C N S 84  
ALA C    C N N 85  
ALA O    O N N 86  
ALA CB   C N N 87  
ALA OXT  O N N 88  
ALA H    H N N 89  
ALA H2   H N N 90  
ALA HA   H N N 91  
ALA HB1  H N N 92  
ALA HB2  H N N 93  
ALA HB3  H N N 94  
ALA HXT  H N N 95  
ARG N    N N N 96  
ARG CA   C N S 97  
ARG C    C N N 98  
ARG O    O N N 99  
ARG CB   C N N 100 
ARG CG   C N N 101 
ARG CD   C N N 102 
ARG NE   N N N 103 
ARG CZ   C N N 104 
ARG NH1  N N N 105 
ARG NH2  N N N 106 
ARG OXT  O N N 107 
ARG H    H N N 108 
ARG H2   H N N 109 
ARG HA   H N N 110 
ARG HB2  H N N 111 
ARG HB3  H N N 112 
ARG HG2  H N N 113 
ARG HG3  H N N 114 
ARG HD2  H N N 115 
ARG HD3  H N N 116 
ARG HE   H N N 117 
ARG HH11 H N N 118 
ARG HH12 H N N 119 
ARG HH21 H N N 120 
ARG HH22 H N N 121 
ARG HXT  H N N 122 
ASN N    N N N 123 
ASN CA   C N S 124 
ASN C    C N N 125 
ASN O    O N N 126 
ASN CB   C N N 127 
ASN CG   C N N 128 
ASN OD1  O N N 129 
ASN ND2  N N N 130 
ASN OXT  O N N 131 
ASN H    H N N 132 
ASN H2   H N N 133 
ASN HA   H N N 134 
ASN HB2  H N N 135 
ASN HB3  H N N 136 
ASN HD21 H N N 137 
ASN HD22 H N N 138 
ASN HXT  H N N 139 
ASP N    N N N 140 
ASP CA   C N S 141 
ASP C    C N N 142 
ASP O    O N N 143 
ASP CB   C N N 144 
ASP CG   C N N 145 
ASP OD1  O N N 146 
ASP OD2  O N N 147 
ASP OXT  O N N 148 
ASP H    H N N 149 
ASP H2   H N N 150 
ASP HA   H N N 151 
ASP HB2  H N N 152 
ASP HB3  H N N 153 
ASP HD2  H N N 154 
ASP HXT  H N N 155 
CYS N    N N N 156 
CYS CA   C N R 157 
CYS C    C N N 158 
CYS O    O N N 159 
CYS CB   C N N 160 
CYS SG   S N N 161 
CYS OXT  O N N 162 
CYS H    H N N 163 
CYS H2   H N N 164 
CYS HA   H N N 165 
CYS HB2  H N N 166 
CYS HB3  H N N 167 
CYS HG   H N N 168 
CYS HXT  H N N 169 
GLN N    N N N 170 
GLN CA   C N S 171 
GLN C    C N N 172 
GLN O    O N N 173 
GLN CB   C N N 174 
GLN CG   C N N 175 
GLN CD   C N N 176 
GLN OE1  O N N 177 
GLN NE2  N N N 178 
GLN OXT  O N N 179 
GLN H    H N N 180 
GLN H2   H N N 181 
GLN HA   H N N 182 
GLN HB2  H N N 183 
GLN HB3  H N N 184 
GLN HG2  H N N 185 
GLN HG3  H N N 186 
GLN HE21 H N N 187 
GLN HE22 H N N 188 
GLN HXT  H N N 189 
GLU N    N N N 190 
GLU CA   C N S 191 
GLU C    C N N 192 
GLU O    O N N 193 
GLU CB   C N N 194 
GLU CG   C N N 195 
GLU CD   C N N 196 
GLU OE1  O N N 197 
GLU OE2  O N N 198 
GLU OXT  O N N 199 
GLU H    H N N 200 
GLU H2   H N N 201 
GLU HA   H N N 202 
GLU HB2  H N N 203 
GLU HB3  H N N 204 
GLU HG2  H N N 205 
GLU HG3  H N N 206 
GLU HE2  H N N 207 
GLU HXT  H N N 208 
GLY N    N N N 209 
GLY CA   C N N 210 
GLY C    C N N 211 
GLY O    O N N 212 
GLY OXT  O N N 213 
GLY H    H N N 214 
GLY H2   H N N 215 
GLY HA2  H N N 216 
GLY HA3  H N N 217 
GLY HXT  H N N 218 
HOH O    O N N 219 
HOH H1   H N N 220 
HOH H2   H N N 221 
ILE N    N N N 222 
ILE CA   C N S 223 
ILE C    C N N 224 
ILE O    O N N 225 
ILE CB   C N S 226 
ILE CG1  C N N 227 
ILE CG2  C N N 228 
ILE CD1  C N N 229 
ILE OXT  O N N 230 
ILE H    H N N 231 
ILE H2   H N N 232 
ILE HA   H N N 233 
ILE HB   H N N 234 
ILE HG12 H N N 235 
ILE HG13 H N N 236 
ILE HG21 H N N 237 
ILE HG22 H N N 238 
ILE HG23 H N N 239 
ILE HD11 H N N 240 
ILE HD12 H N N 241 
ILE HD13 H N N 242 
ILE HXT  H N N 243 
LEU N    N N N 244 
LEU CA   C N S 245 
LEU C    C N N 246 
LEU O    O N N 247 
LEU CB   C N N 248 
LEU CG   C N N 249 
LEU CD1  C N N 250 
LEU CD2  C N N 251 
LEU OXT  O N N 252 
LEU H    H N N 253 
LEU H2   H N N 254 
LEU HA   H N N 255 
LEU HB2  H N N 256 
LEU HB3  H N N 257 
LEU HG   H N N 258 
LEU HD11 H N N 259 
LEU HD12 H N N 260 
LEU HD13 H N N 261 
LEU HD21 H N N 262 
LEU HD22 H N N 263 
LEU HD23 H N N 264 
LEU HXT  H N N 265 
LYS N    N N N 266 
LYS CA   C N S 267 
LYS C    C N N 268 
LYS O    O N N 269 
LYS CB   C N N 270 
LYS CG   C N N 271 
LYS CD   C N N 272 
LYS CE   C N N 273 
LYS NZ   N N N 274 
LYS OXT  O N N 275 
LYS H    H N N 276 
LYS H2   H N N 277 
LYS HA   H N N 278 
LYS HB2  H N N 279 
LYS HB3  H N N 280 
LYS HG2  H N N 281 
LYS HG3  H N N 282 
LYS HD2  H N N 283 
LYS HD3  H N N 284 
LYS HE2  H N N 285 
LYS HE3  H N N 286 
LYS HZ1  H N N 287 
LYS HZ2  H N N 288 
LYS HZ3  H N N 289 
LYS HXT  H N N 290 
MET N    N N N 291 
MET CA   C N S 292 
MET C    C N N 293 
MET O    O N N 294 
MET CB   C N N 295 
MET CG   C N N 296 
MET SD   S N N 297 
MET CE   C N N 298 
MET OXT  O N N 299 
MET H    H N N 300 
MET H2   H N N 301 
MET HA   H N N 302 
MET HB2  H N N 303 
MET HB3  H N N 304 
MET HG2  H N N 305 
MET HG3  H N N 306 
MET HE1  H N N 307 
MET HE2  H N N 308 
MET HE3  H N N 309 
MET HXT  H N N 310 
PHE N    N N N 311 
PHE CA   C N S 312 
PHE C    C N N 313 
PHE O    O N N 314 
PHE CB   C N N 315 
PHE CG   C Y N 316 
PHE CD1  C Y N 317 
PHE CD2  C Y N 318 
PHE CE1  C Y N 319 
PHE CE2  C Y N 320 
PHE CZ   C Y N 321 
PHE OXT  O N N 322 
PHE H    H N N 323 
PHE H2   H N N 324 
PHE HA   H N N 325 
PHE HB2  H N N 326 
PHE HB3  H N N 327 
PHE HD1  H N N 328 
PHE HD2  H N N 329 
PHE HE1  H N N 330 
PHE HE2  H N N 331 
PHE HZ   H N N 332 
PHE HXT  H N N 333 
PRO N    N N N 334 
PRO CA   C N S 335 
PRO C    C N N 336 
PRO O    O N N 337 
PRO CB   C N N 338 
PRO CG   C N N 339 
PRO CD   C N N 340 
PRO OXT  O N N 341 
PRO H    H N N 342 
PRO HA   H N N 343 
PRO HB2  H N N 344 
PRO HB3  H N N 345 
PRO HG2  H N N 346 
PRO HG3  H N N 347 
PRO HD2  H N N 348 
PRO HD3  H N N 349 
PRO HXT  H N N 350 
THR N    N N N 351 
THR CA   C N S 352 
THR C    C N N 353 
THR O    O N N 354 
THR CB   C N R 355 
THR OG1  O N N 356 
THR CG2  C N N 357 
THR OXT  O N N 358 
THR H    H N N 359 
THR H2   H N N 360 
THR HA   H N N 361 
THR HB   H N N 362 
THR HG1  H N N 363 
THR HG21 H N N 364 
THR HG22 H N N 365 
THR HG23 H N N 366 
THR HXT  H N N 367 
TRP N    N N N 368 
TRP CA   C N S 369 
TRP C    C N N 370 
TRP O    O N N 371 
TRP CB   C N N 372 
TRP CG   C Y N 373 
TRP CD1  C Y N 374 
TRP CD2  C Y N 375 
TRP NE1  N Y N 376 
TRP CE2  C Y N 377 
TRP CE3  C Y N 378 
TRP CZ2  C Y N 379 
TRP CZ3  C Y N 380 
TRP CH2  C Y N 381 
TRP OXT  O N N 382 
TRP H    H N N 383 
TRP H2   H N N 384 
TRP HA   H N N 385 
TRP HB2  H N N 386 
TRP HB3  H N N 387 
TRP HD1  H N N 388 
TRP HE1  H N N 389 
TRP HE3  H N N 390 
TRP HZ2  H N N 391 
TRP HZ3  H N N 392 
TRP HH2  H N N 393 
TRP HXT  H N N 394 
TYR N    N N N 395 
TYR CA   C N S 396 
TYR C    C N N 397 
TYR O    O N N 398 
TYR CB   C N N 399 
TYR CG   C Y N 400 
TYR CD1  C Y N 401 
TYR CD2  C Y N 402 
TYR CE1  C Y N 403 
TYR CE2  C Y N 404 
TYR CZ   C Y N 405 
TYR OH   O N N 406 
TYR OXT  O N N 407 
TYR H    H N N 408 
TYR H2   H N N 409 
TYR HA   H N N 410 
TYR HB2  H N N 411 
TYR HB3  H N N 412 
TYR HD1  H N N 413 
TYR HD2  H N N 414 
TYR HE1  H N N 415 
TYR HE2  H N N 416 
TYR HH   H N N 417 
TYR HXT  H N N 418 
VAL N    N N N 419 
VAL CA   C N S 420 
VAL C    C N N 421 
VAL O    O N N 422 
VAL CB   C N N 423 
VAL CG1  C N N 424 
VAL CG2  C N N 425 
VAL OXT  O N N 426 
VAL H    H N N 427 
VAL H2   H N N 428 
VAL HA   H N N 429 
VAL HB   H N N 430 
VAL HG11 H N N 431 
VAL HG12 H N N 432 
VAL HG13 H N N 433 
VAL HG21 H N N 434 
VAL HG22 H N N 435 
VAL HG23 H N N 436 
VAL HXT  H N N 437 
# 
loop_
_chem_comp_bond.comp_id 
_chem_comp_bond.atom_id_1 
_chem_comp_bond.atom_id_2 
_chem_comp_bond.value_order 
_chem_comp_bond.pdbx_aromatic_flag 
_chem_comp_bond.pdbx_stereo_config 
_chem_comp_bond.pdbx_ordinal 
017 N1  C2   sing N N 1   
017 N1  H11  sing N N 2   
017 N1  H12  sing N N 3   
017 C2  C3   doub Y N 4   
017 C2  C7   sing Y N 5   
017 C3  C4   sing Y N 6   
017 C3  H3   sing N N 7   
017 C4  C5   doub Y N 8   
017 C4  H4   sing N N 9   
017 C5  C6   sing Y N 10  
017 C5  S8   sing N N 11  
017 C6  C7   doub Y N 12  
017 C6  H6   sing N N 13  
017 C7  H7   sing N N 14  
017 S8  O9   doub N N 15  
017 S8  O10  doub N N 16  
017 S8  N11  sing N N 17  
017 N11 C12  sing N N 18  
017 N11 C16  sing N N 19  
017 C12 C13  sing N N 20  
017 C12 H121 sing N N 21  
017 C12 H122 sing N N 22  
017 C13 C14  sing N N 23  
017 C13 C15  sing N N 24  
017 C13 H13  sing N N 25  
017 C14 H141 sing N N 26  
017 C14 H142 sing N N 27  
017 C14 H143 sing N N 28  
017 C15 H151 sing N N 29  
017 C15 H152 sing N N 30  
017 C15 H153 sing N N 31  
017 C16 C17  sing N N 32  
017 C16 H161 sing N N 33  
017 C16 H162 sing N N 34  
017 C17 O18  sing N N 35  
017 C17 C19  sing N N 36  
017 C17 H17  sing N N 37  
017 O18 H18  sing N N 38  
017 C19 N20  sing N N 39  
017 C19 C32  sing N N 40  
017 C19 H19  sing N N 41  
017 N20 C21  sing N N 42  
017 N20 H20  sing N N 43  
017 C21 O22  doub N N 44  
017 C21 O23  sing N N 45  
017 O23 C24  sing N N 46  
017 C24 C25  sing N N 47  
017 C24 C31  sing N N 48  
017 C24 H24  sing N N 49  
017 C25 O26  sing N N 50  
017 C25 H251 sing N N 51  
017 C25 H252 sing N N 52  
017 O26 C27  sing N N 53  
017 C27 O28  sing N N 54  
017 C27 C31  sing N N 55  
017 C27 H27  sing N N 56  
017 O28 C29  sing N N 57  
017 C29 C30  sing N N 58  
017 C29 H291 sing N N 59  
017 C29 H292 sing N N 60  
017 C30 C31  sing N N 61  
017 C30 H301 sing N N 62  
017 C30 H302 sing N N 63  
017 C31 H31  sing N N 64  
017 C32 C38  sing N N 65  
017 C32 H321 sing N N 66  
017 C32 H322 sing N N 67  
017 C33 C34  doub Y N 68  
017 C33 C38  sing Y N 69  
017 C33 H33  sing N N 70  
017 C34 C35  sing Y N 71  
017 C34 H34  sing N N 72  
017 C35 C36  doub Y N 73  
017 C35 H35  sing N N 74  
017 C36 C37  sing Y N 75  
017 C36 H36  sing N N 76  
017 C37 C38  doub Y N 77  
017 C37 H37  sing N N 78  
ACT C   O    doub N N 79  
ACT C   OXT  sing N N 80  
ACT C   CH3  sing N N 81  
ACT CH3 H1   sing N N 82  
ACT CH3 H2   sing N N 83  
ACT CH3 H3   sing N N 84  
ALA N   CA   sing N N 85  
ALA N   H    sing N N 86  
ALA N   H2   sing N N 87  
ALA CA  C    sing N N 88  
ALA CA  CB   sing N N 89  
ALA CA  HA   sing N N 90  
ALA C   O    doub N N 91  
ALA C   OXT  sing N N 92  
ALA CB  HB1  sing N N 93  
ALA CB  HB2  sing N N 94  
ALA CB  HB3  sing N N 95  
ALA OXT HXT  sing N N 96  
ARG N   CA   sing N N 97  
ARG N   H    sing N N 98  
ARG N   H2   sing N N 99  
ARG CA  C    sing N N 100 
ARG CA  CB   sing N N 101 
ARG CA  HA   sing N N 102 
ARG C   O    doub N N 103 
ARG C   OXT  sing N N 104 
ARG CB  CG   sing N N 105 
ARG CB  HB2  sing N N 106 
ARG CB  HB3  sing N N 107 
ARG CG  CD   sing N N 108 
ARG CG  HG2  sing N N 109 
ARG CG  HG3  sing N N 110 
ARG CD  NE   sing N N 111 
ARG CD  HD2  sing N N 112 
ARG CD  HD3  sing N N 113 
ARG NE  CZ   sing N N 114 
ARG NE  HE   sing N N 115 
ARG CZ  NH1  sing N N 116 
ARG CZ  NH2  doub N N 117 
ARG NH1 HH11 sing N N 118 
ARG NH1 HH12 sing N N 119 
ARG NH2 HH21 sing N N 120 
ARG NH2 HH22 sing N N 121 
ARG OXT HXT  sing N N 122 
ASN N   CA   sing N N 123 
ASN N   H    sing N N 124 
ASN N   H2   sing N N 125 
ASN CA  C    sing N N 126 
ASN CA  CB   sing N N 127 
ASN CA  HA   sing N N 128 
ASN C   O    doub N N 129 
ASN C   OXT  sing N N 130 
ASN CB  CG   sing N N 131 
ASN CB  HB2  sing N N 132 
ASN CB  HB3  sing N N 133 
ASN CG  OD1  doub N N 134 
ASN CG  ND2  sing N N 135 
ASN ND2 HD21 sing N N 136 
ASN ND2 HD22 sing N N 137 
ASN OXT HXT  sing N N 138 
ASP N   CA   sing N N 139 
ASP N   H    sing N N 140 
ASP N   H2   sing N N 141 
ASP CA  C    sing N N 142 
ASP CA  CB   sing N N 143 
ASP CA  HA   sing N N 144 
ASP C   O    doub N N 145 
ASP C   OXT  sing N N 146 
ASP CB  CG   sing N N 147 
ASP CB  HB2  sing N N 148 
ASP CB  HB3  sing N N 149 
ASP CG  OD1  doub N N 150 
ASP CG  OD2  sing N N 151 
ASP OD2 HD2  sing N N 152 
ASP OXT HXT  sing N N 153 
CYS N   CA   sing N N 154 
CYS N   H    sing N N 155 
CYS N   H2   sing N N 156 
CYS CA  C    sing N N 157 
CYS CA  CB   sing N N 158 
CYS CA  HA   sing N N 159 
CYS C   O    doub N N 160 
CYS C   OXT  sing N N 161 
CYS CB  SG   sing N N 162 
CYS CB  HB2  sing N N 163 
CYS CB  HB3  sing N N 164 
CYS SG  HG   sing N N 165 
CYS OXT HXT  sing N N 166 
GLN N   CA   sing N N 167 
GLN N   H    sing N N 168 
GLN N   H2   sing N N 169 
GLN CA  C    sing N N 170 
GLN CA  CB   sing N N 171 
GLN CA  HA   sing N N 172 
GLN C   O    doub N N 173 
GLN C   OXT  sing N N 174 
GLN CB  CG   sing N N 175 
GLN CB  HB2  sing N N 176 
GLN CB  HB3  sing N N 177 
GLN CG  CD   sing N N 178 
GLN CG  HG2  sing N N 179 
GLN CG  HG3  sing N N 180 
GLN CD  OE1  doub N N 181 
GLN CD  NE2  sing N N 182 
GLN NE2 HE21 sing N N 183 
GLN NE2 HE22 sing N N 184 
GLN OXT HXT  sing N N 185 
GLU N   CA   sing N N 186 
GLU N   H    sing N N 187 
GLU N   H2   sing N N 188 
GLU CA  C    sing N N 189 
GLU CA  CB   sing N N 190 
GLU CA  HA   sing N N 191 
GLU C   O    doub N N 192 
GLU C   OXT  sing N N 193 
GLU CB  CG   sing N N 194 
GLU CB  HB2  sing N N 195 
GLU CB  HB3  sing N N 196 
GLU CG  CD   sing N N 197 
GLU CG  HG2  sing N N 198 
GLU CG  HG3  sing N N 199 
GLU CD  OE1  doub N N 200 
GLU CD  OE2  sing N N 201 
GLU OE2 HE2  sing N N 202 
GLU OXT HXT  sing N N 203 
GLY N   CA   sing N N 204 
GLY N   H    sing N N 205 
GLY N   H2   sing N N 206 
GLY CA  C    sing N N 207 
GLY CA  HA2  sing N N 208 
GLY CA  HA3  sing N N 209 
GLY C   O    doub N N 210 
GLY C   OXT  sing N N 211 
GLY OXT HXT  sing N N 212 
HOH O   H1   sing N N 213 
HOH O   H2   sing N N 214 
ILE N   CA   sing N N 215 
ILE N   H    sing N N 216 
ILE N   H2   sing N N 217 
ILE CA  C    sing N N 218 
ILE CA  CB   sing N N 219 
ILE CA  HA   sing N N 220 
ILE C   O    doub N N 221 
ILE C   OXT  sing N N 222 
ILE CB  CG1  sing N N 223 
ILE CB  CG2  sing N N 224 
ILE CB  HB   sing N N 225 
ILE CG1 CD1  sing N N 226 
ILE CG1 HG12 sing N N 227 
ILE CG1 HG13 sing N N 228 
ILE CG2 HG21 sing N N 229 
ILE CG2 HG22 sing N N 230 
ILE CG2 HG23 sing N N 231 
ILE CD1 HD11 sing N N 232 
ILE CD1 HD12 sing N N 233 
ILE CD1 HD13 sing N N 234 
ILE OXT HXT  sing N N 235 
LEU N   CA   sing N N 236 
LEU N   H    sing N N 237 
LEU N   H2   sing N N 238 
LEU CA  C    sing N N 239 
LEU CA  CB   sing N N 240 
LEU CA  HA   sing N N 241 
LEU C   O    doub N N 242 
LEU C   OXT  sing N N 243 
LEU CB  CG   sing N N 244 
LEU CB  HB2  sing N N 245 
LEU CB  HB3  sing N N 246 
LEU CG  CD1  sing N N 247 
LEU CG  CD2  sing N N 248 
LEU CG  HG   sing N N 249 
LEU CD1 HD11 sing N N 250 
LEU CD1 HD12 sing N N 251 
LEU CD1 HD13 sing N N 252 
LEU CD2 HD21 sing N N 253 
LEU CD2 HD22 sing N N 254 
LEU CD2 HD23 sing N N 255 
LEU OXT HXT  sing N N 256 
LYS N   CA   sing N N 257 
LYS N   H    sing N N 258 
LYS N   H2   sing N N 259 
LYS CA  C    sing N N 260 
LYS CA  CB   sing N N 261 
LYS CA  HA   sing N N 262 
LYS C   O    doub N N 263 
LYS C   OXT  sing N N 264 
LYS CB  CG   sing N N 265 
LYS CB  HB2  sing N N 266 
LYS CB  HB3  sing N N 267 
LYS CG  CD   sing N N 268 
LYS CG  HG2  sing N N 269 
LYS CG  HG3  sing N N 270 
LYS CD  CE   sing N N 271 
LYS CD  HD2  sing N N 272 
LYS CD  HD3  sing N N 273 
LYS CE  NZ   sing N N 274 
LYS CE  HE2  sing N N 275 
LYS CE  HE3  sing N N 276 
LYS NZ  HZ1  sing N N 277 
LYS NZ  HZ2  sing N N 278 
LYS NZ  HZ3  sing N N 279 
LYS OXT HXT  sing N N 280 
MET N   CA   sing N N 281 
MET N   H    sing N N 282 
MET N   H2   sing N N 283 
MET CA  C    sing N N 284 
MET CA  CB   sing N N 285 
MET CA  HA   sing N N 286 
MET C   O    doub N N 287 
MET C   OXT  sing N N 288 
MET CB  CG   sing N N 289 
MET CB  HB2  sing N N 290 
MET CB  HB3  sing N N 291 
MET CG  SD   sing N N 292 
MET CG  HG2  sing N N 293 
MET CG  HG3  sing N N 294 
MET SD  CE   sing N N 295 
MET CE  HE1  sing N N 296 
MET CE  HE2  sing N N 297 
MET CE  HE3  sing N N 298 
MET OXT HXT  sing N N 299 
PHE N   CA   sing N N 300 
PHE N   H    sing N N 301 
PHE N   H2   sing N N 302 
PHE CA  C    sing N N 303 
PHE CA  CB   sing N N 304 
PHE CA  HA   sing N N 305 
PHE C   O    doub N N 306 
PHE C   OXT  sing N N 307 
PHE CB  CG   sing N N 308 
PHE CB  HB2  sing N N 309 
PHE CB  HB3  sing N N 310 
PHE CG  CD1  doub Y N 311 
PHE CG  CD2  sing Y N 312 
PHE CD1 CE1  sing Y N 313 
PHE CD1 HD1  sing N N 314 
PHE CD2 CE2  doub Y N 315 
PHE CD2 HD2  sing N N 316 
PHE CE1 CZ   doub Y N 317 
PHE CE1 HE1  sing N N 318 
PHE CE2 CZ   sing Y N 319 
PHE CE2 HE2  sing N N 320 
PHE CZ  HZ   sing N N 321 
PHE OXT HXT  sing N N 322 
PRO N   CA   sing N N 323 
PRO N   CD   sing N N 324 
PRO N   H    sing N N 325 
PRO CA  C    sing N N 326 
PRO CA  CB   sing N N 327 
PRO CA  HA   sing N N 328 
PRO C   O    doub N N 329 
PRO C   OXT  sing N N 330 
PRO CB  CG   sing N N 331 
PRO CB  HB2  sing N N 332 
PRO CB  HB3  sing N N 333 
PRO CG  CD   sing N N 334 
PRO CG  HG2  sing N N 335 
PRO CG  HG3  sing N N 336 
PRO CD  HD2  sing N N 337 
PRO CD  HD3  sing N N 338 
PRO OXT HXT  sing N N 339 
THR N   CA   sing N N 340 
THR N   H    sing N N 341 
THR N   H2   sing N N 342 
THR CA  C    sing N N 343 
THR CA  CB   sing N N 344 
THR CA  HA   sing N N 345 
THR C   O    doub N N 346 
THR C   OXT  sing N N 347 
THR CB  OG1  sing N N 348 
THR CB  CG2  sing N N 349 
THR CB  HB   sing N N 350 
THR OG1 HG1  sing N N 351 
THR CG2 HG21 sing N N 352 
THR CG2 HG22 sing N N 353 
THR CG2 HG23 sing N N 354 
THR OXT HXT  sing N N 355 
TRP N   CA   sing N N 356 
TRP N   H    sing N N 357 
TRP N   H2   sing N N 358 
TRP CA  C    sing N N 359 
TRP CA  CB   sing N N 360 
TRP CA  HA   sing N N 361 
TRP C   O    doub N N 362 
TRP C   OXT  sing N N 363 
TRP CB  CG   sing N N 364 
TRP CB  HB2  sing N N 365 
TRP CB  HB3  sing N N 366 
TRP CG  CD1  doub Y N 367 
TRP CG  CD2  sing Y N 368 
TRP CD1 NE1  sing Y N 369 
TRP CD1 HD1  sing N N 370 
TRP CD2 CE2  doub Y N 371 
TRP CD2 CE3  sing Y N 372 
TRP NE1 CE2  sing Y N 373 
TRP NE1 HE1  sing N N 374 
TRP CE2 CZ2  sing Y N 375 
TRP CE3 CZ3  doub Y N 376 
TRP CE3 HE3  sing N N 377 
TRP CZ2 CH2  doub Y N 378 
TRP CZ2 HZ2  sing N N 379 
TRP CZ3 CH2  sing Y N 380 
TRP CZ3 HZ3  sing N N 381 
TRP CH2 HH2  sing N N 382 
TRP OXT HXT  sing N N 383 
TYR N   CA   sing N N 384 
TYR N   H    sing N N 385 
TYR N   H2   sing N N 386 
TYR CA  C    sing N N 387 
TYR CA  CB   sing N N 388 
TYR CA  HA   sing N N 389 
TYR C   O    doub N N 390 
TYR C   OXT  sing N N 391 
TYR CB  CG   sing N N 392 
TYR CB  HB2  sing N N 393 
TYR CB  HB3  sing N N 394 
TYR CG  CD1  doub Y N 395 
TYR CG  CD2  sing Y N 396 
TYR CD1 CE1  sing Y N 397 
TYR CD1 HD1  sing N N 398 
TYR CD2 CE2  doub Y N 399 
TYR CD2 HD2  sing N N 400 
TYR CE1 CZ   doub Y N 401 
TYR CE1 HE1  sing N N 402 
TYR CE2 CZ   sing Y N 403 
TYR CE2 HE2  sing N N 404 
TYR CZ  OH   sing N N 405 
TYR OH  HH   sing N N 406 
TYR OXT HXT  sing N N 407 
VAL N   CA   sing N N 408 
VAL N   H    sing N N 409 
VAL N   H2   sing N N 410 
VAL CA  C    sing N N 411 
VAL CA  CB   sing N N 412 
VAL CA  HA   sing N N 413 
VAL C   O    doub N N 414 
VAL C   OXT  sing N N 415 
VAL CB  CG1  sing N N 416 
VAL CB  CG2  sing N N 417 
VAL CB  HB   sing N N 418 
VAL CG1 HG11 sing N N 419 
VAL CG1 HG12 sing N N 420 
VAL CG1 HG13 sing N N 421 
VAL CG2 HG21 sing N N 422 
VAL CG2 HG22 sing N N 423 
VAL CG2 HG23 sing N N 424 
VAL OXT HXT  sing N N 425 
# 
loop_
_pdbx_entity_nonpoly.entity_id 
_pdbx_entity_nonpoly.name 
_pdbx_entity_nonpoly.comp_id 
2 
'(3R,3AS,6AR)-HEXAHYDROFURO[2,3-B]FURAN-3-YL(1S,2R)-3-[[(4-AMINOPHENYL)SULFONYL](ISOBUTYL)AMINO]-1-BENZYL-2-HYDROXYPROPYLCARBAMATE' 
017 
3 'ACETATE ION' ACT 
4 water HOH 
# 
_pdbx_initial_refinement_model.id               1 
_pdbx_initial_refinement_model.entity_id_list   ? 
_pdbx_initial_refinement_model.type             'experimental model' 
_pdbx_initial_refinement_model.source_name      PDB 
_pdbx_initial_refinement_model.accession_code   1TSU 
_pdbx_initial_refinement_model.details          ? 
# 
